data_5QS7
# 
_entry.id   5QS7 
# 
_audit_conform.dict_name       mmcif_pdbx.dic 
_audit_conform.dict_version    5.387 
_audit_conform.dict_location   http://mmcif.pdb.org/dictionaries/ascii/mmcif_pdbx.dic 
# 
loop_
_database_2.database_id 
_database_2.database_code 
_database_2.pdbx_database_accession 
_database_2.pdbx_DOI 
PDB   5QS7         pdb_00005qs7 10.2210/pdb5qs7/pdb 
WWPDB D_1001402340 ?            ?                   
# 
loop_
_pdbx_audit_revision_history.ordinal 
_pdbx_audit_revision_history.data_content_type 
_pdbx_audit_revision_history.major_revision 
_pdbx_audit_revision_history.minor_revision 
_pdbx_audit_revision_history.revision_date 
1 'Structure model' 1 0 2019-08-21 
2 'Structure model' 1 1 2024-03-06 
# 
_pdbx_audit_revision_details.ordinal             1 
_pdbx_audit_revision_details.revision_ordinal    1 
_pdbx_audit_revision_details.data_content_type   'Structure model' 
_pdbx_audit_revision_details.provider            repository 
_pdbx_audit_revision_details.type                'Initial release' 
_pdbx_audit_revision_details.description         ? 
_pdbx_audit_revision_details.details             ? 
# 
loop_
_pdbx_audit_revision_group.ordinal 
_pdbx_audit_revision_group.revision_ordinal 
_pdbx_audit_revision_group.data_content_type 
_pdbx_audit_revision_group.group 
1 2 'Structure model' 'Data collection'     
2 2 'Structure model' 'Database references' 
# 
loop_
_pdbx_audit_revision_category.ordinal 
_pdbx_audit_revision_category.revision_ordinal 
_pdbx_audit_revision_category.data_content_type 
_pdbx_audit_revision_category.category 
1 2 'Structure model' chem_comp_atom 
2 2 'Structure model' chem_comp_bond 
3 2 'Structure model' database_2     
# 
loop_
_pdbx_audit_revision_item.ordinal 
_pdbx_audit_revision_item.revision_ordinal 
_pdbx_audit_revision_item.data_content_type 
_pdbx_audit_revision_item.item 
1 2 'Structure model' '_database_2.pdbx_DOI'                
2 2 'Structure model' '_database_2.pdbx_database_accession' 
# 
_pdbx_database_status.entry_id                        5QS7 
_pdbx_database_status.status_code                     REL 
_pdbx_database_status.status_code_sf                  REL 
_pdbx_database_status.status_code_mr                  ? 
_pdbx_database_status.status_code_cs                  ? 
_pdbx_database_status.recvd_initial_deposition_date   2019-05-25 
_pdbx_database_status.deposit_site                    RCSB 
_pdbx_database_status.process_site                    RCSB 
_pdbx_database_status.SG_entry                        ? 
_pdbx_database_status.pdb_format_compatible           Y 
_pdbx_database_status.methods_development_category    ? 
_pdbx_database_status.status_code_nmr_data            ? 
# 
loop_
_audit_author.name 
_audit_author.pdbx_ordinal 
'Newman, J.A.'        1 
'Gavard, A.E.'        2 
'Sherestha, L.'       3 
'Burgess-Brown, N.A.' 4 
'von Delft, F.'       5 
'Arrowsmith, C.H.'    6 
'Edwards, A.'         7 
'Bountra, C.'         8 
'Gileadi, O.'         9 
# 
_citation.id                        primary 
_citation.title                     'PanDDA analysis group deposition' 
_citation.journal_abbrev            'To Be Published' 
_citation.journal_volume            ? 
_citation.page_first                ? 
_citation.page_last                 ? 
_citation.year                      ? 
_citation.journal_id_ASTM           ? 
_citation.country                   ? 
_citation.journal_id_ISSN           ? 
_citation.journal_id_CSD            0353 
_citation.book_publisher            ? 
_citation.pdbx_database_id_PubMed   ? 
_citation.pdbx_database_id_DOI      ? 
# 
loop_
_citation_author.citation_id 
_citation_author.name 
_citation_author.identifier_ORCID 
_citation_author.ordinal 
primary 'Newman, J.A.'        ? 1 
primary 'Gavard, A.E.'        ? 2 
primary 'Sherestha, L.'       ? 3 
primary 'Burgess-Brown, N.A.' ? 4 
primary 'von Delft, F.'       ? 5 
primary 'Arrowsmith, C.H.'    ? 6 
primary 'Edwards, A.'         ? 7 
primary 'Bountra, C.'         ? 8 
primary 'Gileadi, O.'         ? 9 
# 
loop_
_entity.id 
_entity.type 
_entity.src_method 
_entity.pdbx_description 
_entity.formula_weight 
_entity.pdbx_number_of_molecules 
_entity.pdbx_ec 
_entity.pdbx_mutation 
_entity.pdbx_fragment 
_entity.details 
1 polymer     man 'T-box transcription factor T'                                  19655.623 1   ? G177D ? ? 
2 non-polymer syn '[4-(cyclopropanecarbonyl)piperazin-1-yl](furan-2-yl)methanone' 248.278   1   ? ?     ? ? 
3 water       nat water                                                           18.015    218 ? ?     ? ? 
# 
_entity_name_com.entity_id   1 
_entity_name_com.name        'Brachyury protein,Protein T' 
# 
_entity_poly.entity_id                      1 
_entity_poly.type                           'polypeptide(L)' 
_entity_poly.nstd_linkage                   no 
_entity_poly.nstd_monomer                   no 
_entity_poly.pdbx_seq_one_letter_code       
;GELRVGLEESELWLRFKELTNEMIVTKNGRRMFPVLKVNVSGLDPNAMYSFLLDFVAADNHRWKYVNGEWVPGGKPEPQA
PSCVYIHPDSPNFGAHWMKAPVSFSKVKLTNKLNGGGQIMLNSLHKYEPRIHIVRVGDPQRMITSHCFPETQFIAVTAYQ
NEEITALKIKYN
;
_entity_poly.pdbx_seq_one_letter_code_can   
;GELRVGLEESELWLRFKELTNEMIVTKNGRRMFPVLKVNVSGLDPNAMYSFLLDFVAADNHRWKYVNGEWVPGGKPEPQA
PSCVYIHPDSPNFGAHWMKAPVSFSKVKLTNKLNGGGQIMLNSLHKYEPRIHIVRVGDPQRMITSHCFPETQFIAVTAYQ
NEEITALKIKYN
;
_entity_poly.pdbx_strand_id                 A 
_entity_poly.pdbx_target_identifier         ? 
# 
loop_
_pdbx_entity_nonpoly.entity_id 
_pdbx_entity_nonpoly.name 
_pdbx_entity_nonpoly.comp_id 
2 '[4-(cyclopropanecarbonyl)piperazin-1-yl](furan-2-yl)methanone' JMM 
3 water                                                           HOH 
# 
loop_
_entity_poly_seq.entity_id 
_entity_poly_seq.num 
_entity_poly_seq.mon_id 
_entity_poly_seq.hetero 
1 1   GLY n 
1 2   GLU n 
1 3   LEU n 
1 4   ARG n 
1 5   VAL n 
1 6   GLY n 
1 7   LEU n 
1 8   GLU n 
1 9   GLU n 
1 10  SER n 
1 11  GLU n 
1 12  LEU n 
1 13  TRP n 
1 14  LEU n 
1 15  ARG n 
1 16  PHE n 
1 17  LYS n 
1 18  GLU n 
1 19  LEU n 
1 20  THR n 
1 21  ASN n 
1 22  GLU n 
1 23  MET n 
1 24  ILE n 
1 25  VAL n 
1 26  THR n 
1 27  LYS n 
1 28  ASN n 
1 29  GLY n 
1 30  ARG n 
1 31  ARG n 
1 32  MET n 
1 33  PHE n 
1 34  PRO n 
1 35  VAL n 
1 36  LEU n 
1 37  LYS n 
1 38  VAL n 
1 39  ASN n 
1 40  VAL n 
1 41  SER n 
1 42  GLY n 
1 43  LEU n 
1 44  ASP n 
1 45  PRO n 
1 46  ASN n 
1 47  ALA n 
1 48  MET n 
1 49  TYR n 
1 50  SER n 
1 51  PHE n 
1 52  LEU n 
1 53  LEU n 
1 54  ASP n 
1 55  PHE n 
1 56  VAL n 
1 57  ALA n 
1 58  ALA n 
1 59  ASP n 
1 60  ASN n 
1 61  HIS n 
1 62  ARG n 
1 63  TRP n 
1 64  LYS n 
1 65  TYR n 
1 66  VAL n 
1 67  ASN n 
1 68  GLY n 
1 69  GLU n 
1 70  TRP n 
1 71  VAL n 
1 72  PRO n 
1 73  GLY n 
1 74  GLY n 
1 75  LYS n 
1 76  PRO n 
1 77  GLU n 
1 78  PRO n 
1 79  GLN n 
1 80  ALA n 
1 81  PRO n 
1 82  SER n 
1 83  CYS n 
1 84  VAL n 
1 85  TYR n 
1 86  ILE n 
1 87  HIS n 
1 88  PRO n 
1 89  ASP n 
1 90  SER n 
1 91  PRO n 
1 92  ASN n 
1 93  PHE n 
1 94  GLY n 
1 95  ALA n 
1 96  HIS n 
1 97  TRP n 
1 98  MET n 
1 99  LYS n 
1 100 ALA n 
1 101 PRO n 
1 102 VAL n 
1 103 SER n 
1 104 PHE n 
1 105 SER n 
1 106 LYS n 
1 107 VAL n 
1 108 LYS n 
1 109 LEU n 
1 110 THR n 
1 111 ASN n 
1 112 LYS n 
1 113 LEU n 
1 114 ASN n 
1 115 GLY n 
1 116 GLY n 
1 117 GLY n 
1 118 GLN n 
1 119 ILE n 
1 120 MET n 
1 121 LEU n 
1 122 ASN n 
1 123 SER n 
1 124 LEU n 
1 125 HIS n 
1 126 LYS n 
1 127 TYR n 
1 128 GLU n 
1 129 PRO n 
1 130 ARG n 
1 131 ILE n 
1 132 HIS n 
1 133 ILE n 
1 134 VAL n 
1 135 ARG n 
1 136 VAL n 
1 137 GLY n 
1 138 ASP n 
1 139 PRO n 
1 140 GLN n 
1 141 ARG n 
1 142 MET n 
1 143 ILE n 
1 144 THR n 
1 145 SER n 
1 146 HIS n 
1 147 CYS n 
1 148 PHE n 
1 149 PRO n 
1 150 GLU n 
1 151 THR n 
1 152 GLN n 
1 153 PHE n 
1 154 ILE n 
1 155 ALA n 
1 156 VAL n 
1 157 THR n 
1 158 ALA n 
1 159 TYR n 
1 160 GLN n 
1 161 ASN n 
1 162 GLU n 
1 163 GLU n 
1 164 ILE n 
1 165 THR n 
1 166 ALA n 
1 167 LEU n 
1 168 LYS n 
1 169 ILE n 
1 170 LYS n 
1 171 TYR n 
1 172 ASN n 
# 
_entity_src_gen.entity_id                          1 
_entity_src_gen.pdbx_src_id                        1 
_entity_src_gen.pdbx_alt_source_flag               sample 
_entity_src_gen.pdbx_seq_type                      'Biological sequence' 
_entity_src_gen.pdbx_beg_seq_num                   1 
_entity_src_gen.pdbx_end_seq_num                   172 
_entity_src_gen.gene_src_common_name               Human 
_entity_src_gen.gene_src_genus                     ? 
_entity_src_gen.pdbx_gene_src_gene                 'TBXT, T' 
_entity_src_gen.gene_src_species                   ? 
_entity_src_gen.gene_src_strain                    ? 
_entity_src_gen.gene_src_tissue                    ? 
_entity_src_gen.gene_src_tissue_fraction           ? 
_entity_src_gen.gene_src_details                   ? 
_entity_src_gen.pdbx_gene_src_fragment             ? 
_entity_src_gen.pdbx_gene_src_scientific_name      'Homo sapiens' 
_entity_src_gen.pdbx_gene_src_ncbi_taxonomy_id     9606 
_entity_src_gen.pdbx_gene_src_variant              ? 
_entity_src_gen.pdbx_gene_src_cell_line            ? 
_entity_src_gen.pdbx_gene_src_atcc                 ? 
_entity_src_gen.pdbx_gene_src_organ                ? 
_entity_src_gen.pdbx_gene_src_organelle            ? 
_entity_src_gen.pdbx_gene_src_cell                 ? 
_entity_src_gen.pdbx_gene_src_cellular_location    ? 
_entity_src_gen.host_org_common_name               ? 
_entity_src_gen.pdbx_host_org_scientific_name      'Escherichia coli' 
_entity_src_gen.pdbx_host_org_ncbi_taxonomy_id     562 
_entity_src_gen.host_org_genus                     ? 
_entity_src_gen.pdbx_host_org_gene                 ? 
_entity_src_gen.pdbx_host_org_organ                ? 
_entity_src_gen.host_org_species                   ? 
_entity_src_gen.pdbx_host_org_tissue               ? 
_entity_src_gen.pdbx_host_org_tissue_fraction      ? 
_entity_src_gen.pdbx_host_org_strain               ? 
_entity_src_gen.pdbx_host_org_variant              ? 
_entity_src_gen.pdbx_host_org_cell_line            ? 
_entity_src_gen.pdbx_host_org_atcc                 ? 
_entity_src_gen.pdbx_host_org_culture_collection   ? 
_entity_src_gen.pdbx_host_org_cell                 ? 
_entity_src_gen.pdbx_host_org_organelle            ? 
_entity_src_gen.pdbx_host_org_cellular_location    ? 
_entity_src_gen.pdbx_host_org_vector_type          ? 
_entity_src_gen.pdbx_host_org_vector               ? 
_entity_src_gen.host_org_details                   ? 
_entity_src_gen.expression_system_id               ? 
_entity_src_gen.plasmid_name                       ? 
_entity_src_gen.plasmid_details                    ? 
_entity_src_gen.pdbx_description                   ? 
# 
loop_
_chem_comp.id 
_chem_comp.type 
_chem_comp.mon_nstd_flag 
_chem_comp.name 
_chem_comp.pdbx_synonyms 
_chem_comp.formula 
_chem_comp.formula_weight 
ALA 'L-peptide linking' y ALANINE                                                         ? 'C3 H7 N O2'     89.093  
ARG 'L-peptide linking' y ARGININE                                                        ? 'C6 H15 N4 O2 1' 175.209 
ASN 'L-peptide linking' y ASPARAGINE                                                      ? 'C4 H8 N2 O3'    132.118 
ASP 'L-peptide linking' y 'ASPARTIC ACID'                                                 ? 'C4 H7 N O4'     133.103 
CYS 'L-peptide linking' y CYSTEINE                                                        ? 'C3 H7 N O2 S'   121.158 
GLN 'L-peptide linking' y GLUTAMINE                                                       ? 'C5 H10 N2 O3'   146.144 
GLU 'L-peptide linking' y 'GLUTAMIC ACID'                                                 ? 'C5 H9 N O4'     147.129 
GLY 'peptide linking'   y GLYCINE                                                         ? 'C2 H5 N O2'     75.067  
HIS 'L-peptide linking' y HISTIDINE                                                       ? 'C6 H10 N3 O2 1' 156.162 
HOH non-polymer         . WATER                                                           ? 'H2 O'           18.015  
ILE 'L-peptide linking' y ISOLEUCINE                                                      ? 'C6 H13 N O2'    131.173 
JMM non-polymer         . '[4-(cyclopropanecarbonyl)piperazin-1-yl](furan-2-yl)methanone' ? 'C13 H16 N2 O3'  248.278 
LEU 'L-peptide linking' y LEUCINE                                                         ? 'C6 H13 N O2'    131.173 
LYS 'L-peptide linking' y LYSINE                                                          ? 'C6 H15 N2 O2 1' 147.195 
MET 'L-peptide linking' y METHIONINE                                                      ? 'C5 H11 N O2 S'  149.211 
PHE 'L-peptide linking' y PHENYLALANINE                                                   ? 'C9 H11 N O2'    165.189 
PRO 'L-peptide linking' y PROLINE                                                         ? 'C5 H9 N O2'     115.130 
SER 'L-peptide linking' y SERINE                                                          ? 'C3 H7 N O3'     105.093 
THR 'L-peptide linking' y THREONINE                                                       ? 'C4 H9 N O3'     119.119 
TRP 'L-peptide linking' y TRYPTOPHAN                                                      ? 'C11 H12 N2 O2'  204.225 
TYR 'L-peptide linking' y TYROSINE                                                        ? 'C9 H11 N O3'    181.189 
VAL 'L-peptide linking' y VALINE                                                          ? 'C5 H11 N O2'    117.146 
# 
loop_
_pdbx_poly_seq_scheme.asym_id 
_pdbx_poly_seq_scheme.entity_id 
_pdbx_poly_seq_scheme.seq_id 
_pdbx_poly_seq_scheme.mon_id 
_pdbx_poly_seq_scheme.ndb_seq_num 
_pdbx_poly_seq_scheme.pdb_seq_num 
_pdbx_poly_seq_scheme.auth_seq_num 
_pdbx_poly_seq_scheme.pdb_mon_id 
_pdbx_poly_seq_scheme.auth_mon_id 
_pdbx_poly_seq_scheme.pdb_strand_id 
_pdbx_poly_seq_scheme.pdb_ins_code 
_pdbx_poly_seq_scheme.hetero 
A 1 1   GLY 1   40  ?   ?   ?   A . n 
A 1 2   GLU 2   41  41  GLU GLU A . n 
A 1 3   LEU 3   42  42  LEU LEU A . n 
A 1 4   ARG 4   43  43  ARG ARG A . n 
A 1 5   VAL 5   44  44  VAL VAL A . n 
A 1 6   GLY 6   45  45  GLY GLY A . n 
A 1 7   LEU 7   46  46  LEU LEU A . n 
A 1 8   GLU 8   47  47  GLU GLU A . n 
A 1 9   GLU 9   48  48  GLU GLU A . n 
A 1 10  SER 10  49  49  SER SER A . n 
A 1 11  GLU 11  50  50  GLU GLU A . n 
A 1 12  LEU 12  51  51  LEU LEU A . n 
A 1 13  TRP 13  52  52  TRP TRP A . n 
A 1 14  LEU 14  53  53  LEU LEU A . n 
A 1 15  ARG 15  54  54  ARG ARG A . n 
A 1 16  PHE 16  55  55  PHE PHE A . n 
A 1 17  LYS 17  56  56  LYS LYS A . n 
A 1 18  GLU 18  57  57  GLU GLU A . n 
A 1 19  LEU 19  58  58  LEU LEU A . n 
A 1 20  THR 20  59  59  THR THR A . n 
A 1 21  ASN 21  60  60  ASN ASN A . n 
A 1 22  GLU 22  61  61  GLU GLU A . n 
A 1 23  MET 23  62  62  MET MET A . n 
A 1 24  ILE 24  63  63  ILE ILE A . n 
A 1 25  VAL 25  64  64  VAL VAL A . n 
A 1 26  THR 26  65  65  THR THR A . n 
A 1 27  LYS 27  66  66  LYS LYS A . n 
A 1 28  ASN 28  67  67  ASN ASN A . n 
A 1 29  GLY 29  68  68  GLY GLY A . n 
A 1 30  ARG 30  69  69  ARG ARG A . n 
A 1 31  ARG 31  70  70  ARG ARG A . n 
A 1 32  MET 32  71  71  MET MET A . n 
A 1 33  PHE 33  72  72  PHE PHE A . n 
A 1 34  PRO 34  73  73  PRO PRO A . n 
A 1 35  VAL 35  74  74  VAL VAL A . n 
A 1 36  LEU 36  75  75  LEU LEU A . n 
A 1 37  LYS 37  76  76  LYS LYS A . n 
A 1 38  VAL 38  77  77  VAL VAL A . n 
A 1 39  ASN 39  78  78  ASN ASN A . n 
A 1 40  VAL 40  79  79  VAL VAL A . n 
A 1 41  SER 41  80  80  SER SER A . n 
A 1 42  GLY 42  81  81  GLY GLY A . n 
A 1 43  LEU 43  82  82  LEU LEU A . n 
A 1 44  ASP 44  83  83  ASP ASP A . n 
A 1 45  PRO 45  84  84  PRO PRO A . n 
A 1 46  ASN 46  85  85  ASN ASN A . n 
A 1 47  ALA 47  86  86  ALA ALA A . n 
A 1 48  MET 48  87  87  MET MET A . n 
A 1 49  TYR 49  88  88  TYR TYR A . n 
A 1 50  SER 50  89  89  SER SER A . n 
A 1 51  PHE 51  90  90  PHE PHE A . n 
A 1 52  LEU 52  91  91  LEU LEU A . n 
A 1 53  LEU 53  92  92  LEU LEU A . n 
A 1 54  ASP 54  93  93  ASP ASP A . n 
A 1 55  PHE 55  94  94  PHE PHE A . n 
A 1 56  VAL 56  95  95  VAL VAL A . n 
A 1 57  ALA 57  96  96  ALA ALA A . n 
A 1 58  ALA 58  97  97  ALA ALA A . n 
A 1 59  ASP 59  98  98  ASP ASP A . n 
A 1 60  ASN 60  99  99  ASN ASN A . n 
A 1 61  HIS 61  100 100 HIS HIS A . n 
A 1 62  ARG 62  101 101 ARG ARG A . n 
A 1 63  TRP 63  102 102 TRP TRP A . n 
A 1 64  LYS 64  103 103 LYS LYS A . n 
A 1 65  TYR 65  104 104 TYR TYR A . n 
A 1 66  VAL 66  105 105 VAL VAL A . n 
A 1 67  ASN 67  106 106 ASN ASN A . n 
A 1 68  GLY 68  107 107 GLY GLY A . n 
A 1 69  GLU 69  108 108 GLU GLU A . n 
A 1 70  TRP 70  109 109 TRP TRP A . n 
A 1 71  VAL 71  110 110 VAL VAL A . n 
A 1 72  PRO 72  111 111 PRO PRO A . n 
A 1 73  GLY 73  112 112 GLY GLY A . n 
A 1 74  GLY 74  113 113 GLY GLY A . n 
A 1 75  LYS 75  114 114 LYS LYS A . n 
A 1 76  PRO 76  115 115 PRO PRO A . n 
A 1 77  GLU 77  116 116 GLU GLU A . n 
A 1 78  PRO 78  117 117 PRO PRO A . n 
A 1 79  GLN 79  118 118 GLN GLN A . n 
A 1 80  ALA 80  119 119 ALA ALA A . n 
A 1 81  PRO 81  120 120 PRO PRO A . n 
A 1 82  SER 82  121 121 SER SER A . n 
A 1 83  CYS 83  122 122 CYS CYS A . n 
A 1 84  VAL 84  123 123 VAL VAL A . n 
A 1 85  TYR 85  124 124 TYR TYR A . n 
A 1 86  ILE 86  125 125 ILE ILE A . n 
A 1 87  HIS 87  126 126 HIS HIS A . n 
A 1 88  PRO 88  127 127 PRO PRO A . n 
A 1 89  ASP 89  128 128 ASP ASP A . n 
A 1 90  SER 90  129 129 SER SER A . n 
A 1 91  PRO 91  130 130 PRO PRO A . n 
A 1 92  ASN 92  131 131 ASN ASN A . n 
A 1 93  PHE 93  132 132 PHE PHE A . n 
A 1 94  GLY 94  133 133 GLY GLY A . n 
A 1 95  ALA 95  134 134 ALA ALA A . n 
A 1 96  HIS 96  135 135 HIS HIS A . n 
A 1 97  TRP 97  136 136 TRP TRP A . n 
A 1 98  MET 98  137 137 MET MET A . n 
A 1 99  LYS 99  138 138 LYS LYS A . n 
A 1 100 ALA 100 139 139 ALA ALA A . n 
A 1 101 PRO 101 140 140 PRO PRO A . n 
A 1 102 VAL 102 141 141 VAL VAL A . n 
A 1 103 SER 103 142 142 SER SER A . n 
A 1 104 PHE 104 143 143 PHE PHE A . n 
A 1 105 SER 105 144 144 SER SER A . n 
A 1 106 LYS 106 145 145 LYS LYS A . n 
A 1 107 VAL 107 146 146 VAL VAL A . n 
A 1 108 LYS 108 147 147 LYS LYS A . n 
A 1 109 LEU 109 148 148 LEU LEU A . n 
A 1 110 THR 110 149 149 THR THR A . n 
A 1 111 ASN 111 150 150 ASN ASN A . n 
A 1 112 LYS 112 151 151 LYS LYS A . n 
A 1 113 LEU 113 152 152 LEU LEU A . n 
A 1 114 ASN 114 153 153 ASN ASN A . n 
A 1 115 GLY 115 154 154 GLY GLY A . n 
A 1 116 GLY 116 155 155 GLY GLY A . n 
A 1 117 GLY 117 156 156 GLY GLY A . n 
A 1 118 GLN 118 157 157 GLN GLN A . n 
A 1 119 ILE 119 158 158 ILE ILE A . n 
A 1 120 MET 120 159 159 MET MET A . n 
A 1 121 LEU 121 160 160 LEU LEU A . n 
A 1 122 ASN 122 161 161 ASN ASN A . n 
A 1 123 SER 123 162 162 SER SER A . n 
A 1 124 LEU 124 163 163 LEU LEU A . n 
A 1 125 HIS 125 164 164 HIS HIS A . n 
A 1 126 LYS 126 165 165 LYS LYS A . n 
A 1 127 TYR 127 166 166 TYR TYR A . n 
A 1 128 GLU 128 167 167 GLU GLU A . n 
A 1 129 PRO 129 168 168 PRO PRO A . n 
A 1 130 ARG 130 169 169 ARG ARG A . n 
A 1 131 ILE 131 170 170 ILE ILE A . n 
A 1 132 HIS 132 171 171 HIS HIS A . n 
A 1 133 ILE 133 172 172 ILE ILE A . n 
A 1 134 VAL 134 173 173 VAL VAL A . n 
A 1 135 ARG 135 174 174 ARG ARG A . n 
A 1 136 VAL 136 175 175 VAL VAL A . n 
A 1 137 GLY 137 176 176 GLY GLY A . n 
A 1 138 ASP 138 177 177 ASP ASP A . n 
A 1 139 PRO 139 178 178 PRO PRO A . n 
A 1 140 GLN 140 179 179 GLN GLN A . n 
A 1 141 ARG 141 180 180 ARG ARG A . n 
A 1 142 MET 142 181 181 MET MET A . n 
A 1 143 ILE 143 182 182 ILE ILE A . n 
A 1 144 THR 144 183 183 THR THR A . n 
A 1 145 SER 145 184 184 SER SER A . n 
A 1 146 HIS 146 185 185 HIS HIS A . n 
A 1 147 CYS 147 186 186 CYS CYS A . n 
A 1 148 PHE 148 187 187 PHE PHE A . n 
A 1 149 PRO 149 188 188 PRO PRO A . n 
A 1 150 GLU 150 189 189 GLU GLU A . n 
A 1 151 THR 151 190 190 THR THR A . n 
A 1 152 GLN 152 191 191 GLN GLN A . n 
A 1 153 PHE 153 192 192 PHE PHE A . n 
A 1 154 ILE 154 193 193 ILE ILE A . n 
A 1 155 ALA 155 194 194 ALA ALA A . n 
A 1 156 VAL 156 195 195 VAL VAL A . n 
A 1 157 THR 157 196 196 THR THR A . n 
A 1 158 ALA 158 197 197 ALA ALA A . n 
A 1 159 TYR 159 198 198 TYR TYR A . n 
A 1 160 GLN 160 199 199 GLN GLN A . n 
A 1 161 ASN 161 200 200 ASN ASN A . n 
A 1 162 GLU 162 201 201 GLU GLU A . n 
A 1 163 GLU 163 202 202 GLU GLU A . n 
A 1 164 ILE 164 203 203 ILE ILE A . n 
A 1 165 THR 165 204 204 THR THR A . n 
A 1 166 ALA 166 205 205 ALA ALA A . n 
A 1 167 LEU 167 206 206 LEU LEU A . n 
A 1 168 LYS 168 207 207 LYS LYS A . n 
A 1 169 ILE 169 208 208 ILE ILE A . n 
A 1 170 LYS 170 209 209 LYS LYS A . n 
A 1 171 TYR 171 210 210 TYR TYR A . n 
A 1 172 ASN 172 211 211 ASN ASN A . n 
# 
loop_
_pdbx_nonpoly_scheme.asym_id 
_pdbx_nonpoly_scheme.entity_id 
_pdbx_nonpoly_scheme.mon_id 
_pdbx_nonpoly_scheme.ndb_seq_num 
_pdbx_nonpoly_scheme.pdb_seq_num 
_pdbx_nonpoly_scheme.auth_seq_num 
_pdbx_nonpoly_scheme.pdb_mon_id 
_pdbx_nonpoly_scheme.auth_mon_id 
_pdbx_nonpoly_scheme.pdb_strand_id 
_pdbx_nonpoly_scheme.pdb_ins_code 
B 2 JMM 1   301 301 JMM LIG A . 
C 3 HOH 1   401 231 HOH HOH A . 
C 3 HOH 2   402 106 HOH HOH A . 
C 3 HOH 3   403 18  HOH HOH A . 
C 3 HOH 4   404 198 HOH HOH A . 
C 3 HOH 5   405 170 HOH HOH A . 
C 3 HOH 6   406 103 HOH HOH A . 
C 3 HOH 7   407 157 HOH HOH A . 
C 3 HOH 8   408 125 HOH HOH A . 
C 3 HOH 9   409 162 HOH HOH A . 
C 3 HOH 10  410 78  HOH HOH A . 
C 3 HOH 11  411 105 HOH HOH A . 
C 3 HOH 12  412 31  HOH HOH A . 
C 3 HOH 13  413 48  HOH HOH A . 
C 3 HOH 14  414 123 HOH HOH A . 
C 3 HOH 15  415 97  HOH HOH A . 
C 3 HOH 16  416 27  HOH HOH A . 
C 3 HOH 17  417 46  HOH HOH A . 
C 3 HOH 18  418 150 HOH HOH A . 
C 3 HOH 19  419 166 HOH HOH A . 
C 3 HOH 20  420 187 HOH HOH A . 
C 3 HOH 21  421 104 HOH HOH A . 
C 3 HOH 22  422 44  HOH HOH A . 
C 3 HOH 23  423 32  HOH HOH A . 
C 3 HOH 24  424 111 HOH HOH A . 
C 3 HOH 25  425 152 HOH HOH A . 
C 3 HOH 26  426 22  HOH HOH A . 
C 3 HOH 27  427 108 HOH HOH A . 
C 3 HOH 28  428 40  HOH HOH A . 
C 3 HOH 29  429 165 HOH HOH A . 
C 3 HOH 30  430 88  HOH HOH A . 
C 3 HOH 31  431 68  HOH HOH A . 
C 3 HOH 32  432 81  HOH HOH A . 
C 3 HOH 33  433 149 HOH HOH A . 
C 3 HOH 34  434 122 HOH HOH A . 
C 3 HOH 35  435 23  HOH HOH A . 
C 3 HOH 36  436 95  HOH HOH A . 
C 3 HOH 37  437 57  HOH HOH A . 
C 3 HOH 38  438 14  HOH HOH A . 
C 3 HOH 39  439 8   HOH HOH A . 
C 3 HOH 40  440 133 HOH HOH A . 
C 3 HOH 41  441 4   HOH HOH A . 
C 3 HOH 42  442 174 HOH HOH A . 
C 3 HOH 43  443 12  HOH HOH A . 
C 3 HOH 44  444 227 HOH HOH A . 
C 3 HOH 45  445 62  HOH HOH A . 
C 3 HOH 46  446 5   HOH HOH A . 
C 3 HOH 47  447 190 HOH HOH A . 
C 3 HOH 48  448 69  HOH HOH A . 
C 3 HOH 49  449 47  HOH HOH A . 
C 3 HOH 50  450 158 HOH HOH A . 
C 3 HOH 51  451 59  HOH HOH A . 
C 3 HOH 52  452 26  HOH HOH A . 
C 3 HOH 53  453 196 HOH HOH A . 
C 3 HOH 54  454 76  HOH HOH A . 
C 3 HOH 55  455 89  HOH HOH A . 
C 3 HOH 56  456 171 HOH HOH A . 
C 3 HOH 57  457 67  HOH HOH A . 
C 3 HOH 58  458 9   HOH HOH A . 
C 3 HOH 59  459 42  HOH HOH A . 
C 3 HOH 60  460 107 HOH HOH A . 
C 3 HOH 61  461 61  HOH HOH A . 
C 3 HOH 62  462 119 HOH HOH A . 
C 3 HOH 63  463 207 HOH HOH A . 
C 3 HOH 64  464 64  HOH HOH A . 
C 3 HOH 65  465 101 HOH HOH A . 
C 3 HOH 66  466 176 HOH HOH A . 
C 3 HOH 67  467 195 HOH HOH A . 
C 3 HOH 68  468 45  HOH HOH A . 
C 3 HOH 69  469 3   HOH HOH A . 
C 3 HOH 70  470 50  HOH HOH A . 
C 3 HOH 71  471 70  HOH HOH A . 
C 3 HOH 72  472 194 HOH HOH A . 
C 3 HOH 73  473 141 HOH HOH A . 
C 3 HOH 74  474 90  HOH HOH A . 
C 3 HOH 75  475 35  HOH HOH A . 
C 3 HOH 76  476 41  HOH HOH A . 
C 3 HOH 77  477 118 HOH HOH A . 
C 3 HOH 78  478 159 HOH HOH A . 
C 3 HOH 79  479 113 HOH HOH A . 
C 3 HOH 80  480 6   HOH HOH A . 
C 3 HOH 81  481 15  HOH HOH A . 
C 3 HOH 82  482 43  HOH HOH A . 
C 3 HOH 83  483 36  HOH HOH A . 
C 3 HOH 84  484 184 HOH HOH A . 
C 3 HOH 85  485 96  HOH HOH A . 
C 3 HOH 86  486 225 HOH HOH A . 
C 3 HOH 87  487 209 HOH HOH A . 
C 3 HOH 88  488 183 HOH HOH A . 
C 3 HOH 89  489 34  HOH HOH A . 
C 3 HOH 90  490 188 HOH HOH A . 
C 3 HOH 91  491 13  HOH HOH A . 
C 3 HOH 92  492 124 HOH HOH A . 
C 3 HOH 93  493 208 HOH HOH A . 
C 3 HOH 94  494 175 HOH HOH A . 
C 3 HOH 95  495 17  HOH HOH A . 
C 3 HOH 96  496 1   HOH HOH A . 
C 3 HOH 97  497 234 HOH HOH A . 
C 3 HOH 98  498 109 HOH HOH A . 
C 3 HOH 99  499 154 HOH HOH A . 
C 3 HOH 100 500 30  HOH HOH A . 
C 3 HOH 101 501 51  HOH HOH A . 
C 3 HOH 102 502 33  HOH HOH A . 
C 3 HOH 103 503 37  HOH HOH A . 
C 3 HOH 104 504 11  HOH HOH A . 
C 3 HOH 105 505 20  HOH HOH A . 
C 3 HOH 106 506 232 HOH HOH A . 
C 3 HOH 107 507 228 HOH HOH A . 
C 3 HOH 108 508 83  HOH HOH A . 
C 3 HOH 109 509 199 HOH HOH A . 
C 3 HOH 110 510 38  HOH HOH A . 
C 3 HOH 111 511 202 HOH HOH A . 
C 3 HOH 112 512 72  HOH HOH A . 
C 3 HOH 113 513 192 HOH HOH A . 
C 3 HOH 114 514 151 HOH HOH A . 
C 3 HOH 115 515 161 HOH HOH A . 
C 3 HOH 116 516 28  HOH HOH A . 
C 3 HOH 117 517 178 HOH HOH A . 
C 3 HOH 118 518 117 HOH HOH A . 
C 3 HOH 119 519 191 HOH HOH A . 
C 3 HOH 120 520 58  HOH HOH A . 
C 3 HOH 121 521 39  HOH HOH A . 
C 3 HOH 122 522 86  HOH HOH A . 
C 3 HOH 123 523 180 HOH HOH A . 
C 3 HOH 124 524 185 HOH HOH A . 
C 3 HOH 125 525 93  HOH HOH A . 
C 3 HOH 126 526 66  HOH HOH A . 
C 3 HOH 127 527 54  HOH HOH A . 
C 3 HOH 128 528 56  HOH HOH A . 
C 3 HOH 129 529 16  HOH HOH A . 
C 3 HOH 130 530 87  HOH HOH A . 
C 3 HOH 131 531 172 HOH HOH A . 
C 3 HOH 132 532 164 HOH HOH A . 
C 3 HOH 133 533 138 HOH HOH A . 
C 3 HOH 134 534 99  HOH HOH A . 
C 3 HOH 135 535 7   HOH HOH A . 
C 3 HOH 136 536 216 HOH HOH A . 
C 3 HOH 137 537 52  HOH HOH A . 
C 3 HOH 138 538 213 HOH HOH A . 
C 3 HOH 139 539 24  HOH HOH A . 
C 3 HOH 140 540 163 HOH HOH A . 
C 3 HOH 141 541 169 HOH HOH A . 
C 3 HOH 142 542 92  HOH HOH A . 
C 3 HOH 143 543 218 HOH HOH A . 
C 3 HOH 144 544 100 HOH HOH A . 
C 3 HOH 145 545 224 HOH HOH A . 
C 3 HOH 146 546 127 HOH HOH A . 
C 3 HOH 147 547 181 HOH HOH A . 
C 3 HOH 148 548 2   HOH HOH A . 
C 3 HOH 149 549 177 HOH HOH A . 
C 3 HOH 150 550 10  HOH HOH A . 
C 3 HOH 151 551 82  HOH HOH A . 
C 3 HOH 152 552 85  HOH HOH A . 
C 3 HOH 153 553 179 HOH HOH A . 
C 3 HOH 154 554 135 HOH HOH A . 
C 3 HOH 155 555 136 HOH HOH A . 
C 3 HOH 156 556 156 HOH HOH A . 
C 3 HOH 157 557 84  HOH HOH A . 
C 3 HOH 158 558 205 HOH HOH A . 
C 3 HOH 159 559 229 HOH HOH A . 
C 3 HOH 160 560 173 HOH HOH A . 
C 3 HOH 161 561 121 HOH HOH A . 
C 3 HOH 162 562 168 HOH HOH A . 
C 3 HOH 163 563 29  HOH HOH A . 
C 3 HOH 164 564 189 HOH HOH A . 
C 3 HOH 165 565 186 HOH HOH A . 
C 3 HOH 166 566 75  HOH HOH A . 
C 3 HOH 167 567 160 HOH HOH A . 
C 3 HOH 168 568 197 HOH HOH A . 
C 3 HOH 169 569 139 HOH HOH A . 
C 3 HOH 170 570 200 HOH HOH A . 
C 3 HOH 171 571 19  HOH HOH A . 
C 3 HOH 172 572 215 HOH HOH A . 
C 3 HOH 173 573 98  HOH HOH A . 
C 3 HOH 174 574 74  HOH HOH A . 
C 3 HOH 175 575 80  HOH HOH A . 
C 3 HOH 176 576 116 HOH HOH A . 
C 3 HOH 177 577 94  HOH HOH A . 
C 3 HOH 178 578 206 HOH HOH A . 
C 3 HOH 179 579 144 HOH HOH A . 
C 3 HOH 180 580 226 HOH HOH A . 
C 3 HOH 181 581 204 HOH HOH A . 
C 3 HOH 182 582 222 HOH HOH A . 
C 3 HOH 183 583 129 HOH HOH A . 
C 3 HOH 184 584 142 HOH HOH A . 
C 3 HOH 185 585 193 HOH HOH A . 
C 3 HOH 186 586 140 HOH HOH A . 
C 3 HOH 187 587 102 HOH HOH A . 
C 3 HOH 188 588 182 HOH HOH A . 
C 3 HOH 189 589 137 HOH HOH A . 
C 3 HOH 190 590 21  HOH HOH A . 
C 3 HOH 191 591 65  HOH HOH A . 
C 3 HOH 192 592 55  HOH HOH A . 
C 3 HOH 193 593 210 HOH HOH A . 
C 3 HOH 194 594 230 HOH HOH A . 
C 3 HOH 195 595 201 HOH HOH A . 
C 3 HOH 196 596 155 HOH HOH A . 
C 3 HOH 197 597 79  HOH HOH A . 
C 3 HOH 198 598 132 HOH HOH A . 
C 3 HOH 199 599 217 HOH HOH A . 
C 3 HOH 200 600 91  HOH HOH A . 
C 3 HOH 201 601 130 HOH HOH A . 
C 3 HOH 202 602 110 HOH HOH A . 
C 3 HOH 203 603 71  HOH HOH A . 
C 3 HOH 204 604 126 HOH HOH A . 
C 3 HOH 205 605 63  HOH HOH A . 
C 3 HOH 206 606 112 HOH HOH A . 
C 3 HOH 207 607 73  HOH HOH A . 
C 3 HOH 208 608 49  HOH HOH A . 
C 3 HOH 209 609 153 HOH HOH A . 
C 3 HOH 210 610 115 HOH HOH A . 
C 3 HOH 211 611 128 HOH HOH A . 
C 3 HOH 212 612 134 HOH HOH A . 
C 3 HOH 213 613 148 HOH HOH A . 
C 3 HOH 214 614 211 HOH HOH A . 
C 3 HOH 215 615 147 HOH HOH A . 
C 3 HOH 216 616 145 HOH HOH A . 
C 3 HOH 217 617 203 HOH HOH A . 
C 3 HOH 218 618 146 HOH HOH A . 
# 
loop_
_software.pdbx_ordinal 
_software.name 
_software.version 
_software.date 
_software.type 
_software.contact_author 
_software.contact_author_email 
_software.classification 
_software.location 
_software.language 
_software.citation_id 
1 REFMAC      5.8.0238 ?               program 'Garib N. Murshudov' garib@ysbl.york.ac.uk    refinement        
http://www.ccp4.ac.uk/dist/html/refmac5.html        Fortran_77 ? 
2 Aimless     0.7.3    15/08/18        program 'Phil Evans'         ?                        'data scaling'    
http://www.mrc-lmb.cam.ac.uk/harry/pre/aimless.html ?          ? 
3 PDB_EXTRACT 3.23     'SEP. 23, 2016' package PDB                  deposit@deposit.rcsb.org 'data extraction' 
http://sw-tools.pdb.org/apps/PDB_EXTRACT/           C++        ? 
4 XDS         .        ?               program ?                    ?                        'data reduction'  ? ?          ? 
5 REFMAC      .        ?               program ?                    ?                        phasing           ? ?          ? 
# 
_cell.entry_id           5QS7 
_cell.length_a           99.470 
_cell.length_b           99.470 
_cell.length_c           99.470 
_cell.angle_alpha        90.000 
_cell.angle_beta         90.000 
_cell.angle_gamma        120.000 
_cell.Z_PDB              18 
_cell.pdbx_unique_axis   ? 
# 
_symmetry.entry_id                         5QS7 
_symmetry.Int_Tables_number                155 
_symmetry.space_group_name_H-M             'H 3 2' 
_symmetry.pdbx_full_space_group_name_H-M   ? 
_symmetry.cell_setting                     ? 
# 
_exptl.crystals_number   1 
_exptl.entry_id          5QS7 
_exptl.method            'X-RAY DIFFRACTION' 
# 
_exptl_crystal.id                    1 
_exptl_crystal.pdbx_mosaicity        0.000 
_exptl_crystal.pdbx_mosaicity_esd    ? 
_exptl_crystal.density_Matthews      2.41 
_exptl_crystal.density_diffrn        ? 
_exptl_crystal.density_meas          ? 
_exptl_crystal.density_meas_temp     ? 
_exptl_crystal.density_percent_sol   48.94 
_exptl_crystal.size_max              ? 
_exptl_crystal.size_mid              ? 
_exptl_crystal.size_min              ? 
_exptl_crystal.size_rad              ? 
_exptl_crystal.description           ? 
_exptl_crystal.preparation           ? 
# 
_exptl_crystal_grow.crystal_id      1 
_exptl_crystal_grow.method          'VAPOR DIFFUSION, SITTING DROP' 
_exptl_crystal_grow.pH              7 
_exptl_crystal_grow.temp            298 
_exptl_crystal_grow.pdbx_details    '0.1 M SPG pH 7.0, 30 % PEG 1000' 
_exptl_crystal_grow.temp_details    ? 
_exptl_crystal_grow.pdbx_pH_range   ? 
# 
_diffrn.id                               1 
_diffrn.ambient_temp                     100 
_diffrn.crystal_id                       1 
_diffrn.ambient_temp_details             ? 
_diffrn.pdbx_serial_crystal_experiment   ? 
# 
_diffrn_detector.detector               PIXEL 
_diffrn_detector.type                   'DECTRIS PILATUS 6M' 
_diffrn_detector.pdbx_collection_date   2018-12-08 
_diffrn_detector.diffrn_id              1 
_diffrn_detector.details                ? 
# 
_diffrn_radiation.diffrn_id                        1 
_diffrn_radiation.wavelength_id                    1 
_diffrn_radiation.pdbx_diffrn_protocol             'SINGLE WAVELENGTH' 
_diffrn_radiation.pdbx_monochromatic_or_laue_m_l   M 
_diffrn_radiation.monochromator                    ? 
_diffrn_radiation.pdbx_scattering_type             x-ray 
# 
_diffrn_radiation_wavelength.id           1 
_diffrn_radiation_wavelength.wavelength   0.91587 
_diffrn_radiation_wavelength.wt           1.0 
# 
_diffrn_source.diffrn_id                   1 
_diffrn_source.source                      SYNCHROTRON 
_diffrn_source.type                        'DIAMOND BEAMLINE I04-1' 
_diffrn_source.pdbx_wavelength_list        0.91587 
_diffrn_source.pdbx_synchrotron_site       Diamond 
_diffrn_source.pdbx_synchrotron_beamline   I04-1 
_diffrn_source.pdbx_wavelength             ? 
# 
_reflns.entry_id                     5QS7 
_reflns.pdbx_diffrn_id               1 
_reflns.pdbx_ordinal                 1 
_reflns.observed_criterion_sigma_I   ? 
_reflns.observed_criterion_sigma_F   ? 
_reflns.d_resolution_low             65.170 
_reflns.d_resolution_high            1.570 
_reflns.number_obs                   26616 
_reflns.number_all                   ? 
_reflns.percent_possible_obs         100.000 
_reflns.pdbx_Rmerge_I_obs            0.075 
_reflns.pdbx_Rsym_value              ? 
_reflns.pdbx_netI_over_sigmaI        14.300 
_reflns.B_iso_Wilson_estimate        ? 
_reflns.pdbx_redundancy              9.100 
_reflns.pdbx_Rrim_I_all              0.080 
_reflns.pdbx_Rpim_I_all              0.026 
_reflns.pdbx_CC_half                 0.999 
_reflns.pdbx_netI_over_av_sigmaI     ? 
_reflns.pdbx_number_measured_all     242557 
_reflns.pdbx_scaling_rejects         208 
_reflns.pdbx_chi_squared             ? 
_reflns.Rmerge_F_all                 ? 
_reflns.Rmerge_F_obs                 ? 
_reflns.observed_criterion_F_max     ? 
_reflns.observed_criterion_F_min     ? 
_reflns.observed_criterion_I_max     ? 
_reflns.observed_criterion_I_min     ? 
_reflns.pdbx_d_res_high_opt          ? 
_reflns.pdbx_d_res_low_opt           ? 
_reflns.details                      ? 
# 
loop_
_reflns_shell.pdbx_diffrn_id 
_reflns_shell.pdbx_ordinal 
_reflns_shell.d_res_high 
_reflns_shell.d_res_low 
_reflns_shell.number_measured_obs 
_reflns_shell.number_measured_all 
_reflns_shell.number_unique_obs 
_reflns_shell.pdbx_rejects 
_reflns_shell.Rmerge_I_obs 
_reflns_shell.meanI_over_sigI_obs 
_reflns_shell.pdbx_Rsym_value 
_reflns_shell.pdbx_chi_squared 
_reflns_shell.pdbx_redundancy 
_reflns_shell.percent_possible_obs 
_reflns_shell.pdbx_netI_over_sigmaI_obs 
_reflns_shell.number_possible 
_reflns_shell.number_unique_all 
_reflns_shell.Rmerge_F_all 
_reflns_shell.Rmerge_F_obs 
_reflns_shell.Rmerge_I_all 
_reflns_shell.meanI_over_sigI_all 
_reflns_shell.percent_possible_all 
_reflns_shell.pdbx_Rrim_I_all 
_reflns_shell.pdbx_Rpim_I_all 
_reflns_shell.pdbx_CC_half 
1 1 1.570 1.610  ? 13273 ? ? 1.904 ? ? ? 6.800 ? 1.000  ? 1955 ? ? ? ? 100.000 2.062 0.784 0.425 
1 2 7.020 65.170 ? 2965  ? ? 0.025 ? ? ? 8.900 ? 52.200 ? 334  ? ? ? ? 99.900  0.027 0.009 1.000 
# 
_refine.entry_id                                 5QS7 
_refine.pdbx_refine_id                           'X-RAY DIFFRACTION' 
_refine.ls_d_res_high                            1.6600 
_refine.ls_d_res_low                             49.7400 
_refine.pdbx_ls_sigma_F                          0.000 
_refine.pdbx_data_cutoff_high_absF               ? 
_refine.pdbx_data_cutoff_low_absF                ? 
_refine.ls_percent_reflns_obs                    99.9700 
_refine.ls_number_reflns_obs                     21389 
_refine.ls_number_reflns_all                     ? 
_refine.pdbx_ls_cross_valid_method               THROUGHOUT 
_refine.ls_matrix_type                           ? 
_refine.pdbx_R_Free_selection_details            RANDOM 
_refine.details                                  
'HYDROGENS HAVE BEEN ADDED IN THE RIDING POSITIONS U VALUES      : REFINED INDIVIDUALLY' 
_refine.ls_R_factor_all                          ? 
_refine.ls_R_factor_obs                          0.1927 
_refine.ls_R_factor_R_work                       0.1909 
_refine.ls_wR_factor_R_work                      ? 
_refine.ls_R_factor_R_free                       0.2298 
_refine.ls_wR_factor_R_free                      ? 
_refine.ls_percent_reflns_R_free                 4.9000 
_refine.ls_number_reflns_R_free                  1097 
_refine.ls_number_reflns_R_work                  ? 
_refine.ls_R_factor_R_free_error                 ? 
_refine.B_iso_mean                               28.2690 
_refine.solvent_model_param_bsol                 ? 
_refine.solvent_model_param_ksol                 ? 
_refine.pdbx_isotropic_thermal_model             ? 
_refine.aniso_B[1][1]                            -0.0200 
_refine.aniso_B[2][2]                            -0.0200 
_refine.aniso_B[3][3]                            0.0500 
_refine.aniso_B[1][2]                            -0.0100 
_refine.aniso_B[1][3]                            -0.0000 
_refine.aniso_B[2][3]                            -0.0000 
_refine.correlation_coeff_Fo_to_Fc               0.9640 
_refine.correlation_coeff_Fo_to_Fc_free          0.9510 
_refine.overall_SU_R_Cruickshank_DPI             ? 
_refine.pdbx_overall_SU_R_free_Cruickshank_DPI   ? 
_refine.pdbx_overall_SU_R_Blow_DPI               ? 
_refine.pdbx_overall_SU_R_free_Blow_DPI          ? 
_refine.overall_SU_R_free                        ? 
_refine.pdbx_overall_ESU_R                       0.1170 
_refine.pdbx_overall_ESU_R_Free                  0.1140 
_refine.overall_SU_ML                            0.0890 
_refine.overall_SU_B                             2.7940 
_refine.solvent_model_details                    MASK 
_refine.pdbx_solvent_vdw_probe_radii             1.2000 
_refine.pdbx_solvent_ion_probe_radii             0.8000 
_refine.pdbx_solvent_shrinkage_radii             0.8000 
_refine.ls_number_parameters                     ? 
_refine.ls_number_restraints                     ? 
_refine.pdbx_starting_model                      6f58 
_refine.pdbx_method_to_determine_struct          'FOURIER SYNTHESIS' 
_refine.pdbx_stereochemistry_target_values       'MAXIMUM LIKELIHOOD' 
_refine.pdbx_stereochem_target_val_spec_case     ? 
_refine.overall_FOM_work_R_set                   ? 
_refine.B_iso_max                                71.870 
_refine.B_iso_min                                17.920 
_refine.pdbx_overall_phase_error                 ? 
_refine.occupancy_max                            ? 
_refine.occupancy_min                            ? 
_refine.pdbx_diffrn_id                           1 
_refine.pdbx_TLS_residual_ADP_flag               ? 
_refine.pdbx_ls_sigma_I                          ? 
_refine.pdbx_data_cutoff_high_rms_absF           ? 
_refine.ls_R_factor_R_free_error_details         ? 
# 
_refine_hist.cycle_id                         final 
_refine_hist.pdbx_refine_id                   'X-RAY DIFFRACTION' 
_refine_hist.d_res_high                       1.6600 
_refine_hist.d_res_low                        49.7400 
_refine_hist.pdbx_number_atoms_ligand         18 
_refine_hist.number_atoms_solvent             218 
_refine_hist.number_atoms_total               1616 
_refine_hist.pdbx_number_residues_total       171 
_refine_hist.pdbx_B_iso_mean_ligand           46.23 
_refine_hist.pdbx_B_iso_mean_solvent          42.23 
_refine_hist.pdbx_number_atoms_protein        1380 
_refine_hist.pdbx_number_atoms_nucleic_acid   0 
# 
loop_
_refine_ls_restr.pdbx_refine_id 
_refine_ls_restr.type 
_refine_ls_restr.number 
_refine_ls_restr.dev_ideal 
_refine_ls_restr.dev_ideal_target 
_refine_ls_restr.weight 
_refine_ls_restr.pdbx_restraint_function 
'X-RAY DIFFRACTION' r_bond_refined_d       1826 0.006  0.014  ? ? 
'X-RAY DIFFRACTION' r_bond_other_d         1539 0.001  0.017  ? ? 
'X-RAY DIFFRACTION' r_angle_refined_deg    2278 1.332  1.678  ? ? 
'X-RAY DIFFRACTION' r_angle_other_deg      3595 1.246  1.606  ? ? 
'X-RAY DIFFRACTION' r_dihedral_angle_1_deg 206  6.750  5.000  ? ? 
'X-RAY DIFFRACTION' r_dihedral_angle_2_deg 83   27.285 21.446 ? ? 
'X-RAY DIFFRACTION' r_dihedral_angle_3_deg 291  13.835 15.000 ? ? 
'X-RAY DIFFRACTION' r_dihedral_angle_4_deg 11   14.818 15.000 ? ? 
'X-RAY DIFFRACTION' r_chiral_restr         208  0.060  0.200  ? ? 
'X-RAY DIFFRACTION' r_gen_planes_refined   1960 0.005  0.020  ? ? 
'X-RAY DIFFRACTION' r_gen_planes_other     361  0.001  0.020  ? ? 
'X-RAY DIFFRACTION' r_mcbond_it            870  1.492  2.675  ? ? 
'X-RAY DIFFRACTION' r_mcbond_other         853  1.489  2.646  ? ? 
'X-RAY DIFFRACTION' r_mcangle_it           1010 2.439  4.020  ? ? 
# 
_refine_ls_shell.d_res_high                       1.6600 
_refine_ls_shell.d_res_low                        1.7030 
_refine_ls_shell.pdbx_total_number_of_bins_used   20 
_refine_ls_shell.percent_reflns_obs               99.9400 
_refine_ls_shell.number_reflns_R_work             1551 
_refine_ls_shell.R_factor_all                     ? 
_refine_ls_shell.R_factor_R_work                  0.3000 
_refine_ls_shell.R_factor_R_free                  0.3080 
_refine_ls_shell.percent_reflns_R_free            ? 
_refine_ls_shell.number_reflns_R_free             84 
_refine_ls_shell.R_factor_R_free_error            ? 
_refine_ls_shell.number_reflns_all                1635 
_refine_ls_shell.number_reflns_obs                ? 
_refine_ls_shell.pdbx_refine_id                   'X-RAY DIFFRACTION' 
# 
_struct.entry_id                  5QS7 
_struct.title                     
'PanDDA analysis group deposition -- Crystal Structure of human Brachyury G177D variant in complex with Z32327641' 
_struct.pdbx_model_details        ? 
_struct.pdbx_CASP_flag            ? 
_struct.pdbx_model_type_details   ? 
# 
_struct_keywords.entry_id        5QS7 
_struct_keywords.text            'SGC - Diamond I04-1 fragment screening, PanDDA, XChemExplorer, TRANSCRIPTION' 
_struct_keywords.pdbx_keywords   TRANSCRIPTION 
# 
loop_
_struct_asym.id 
_struct_asym.pdbx_blank_PDB_chainid_flag 
_struct_asym.pdbx_modified 
_struct_asym.entity_id 
_struct_asym.details 
A N N 1 ? 
B N N 2 ? 
C N N 3 ? 
# 
_struct_ref.id                         1 
_struct_ref.db_name                    UNP 
_struct_ref.db_code                    TBXT_HUMAN 
_struct_ref.pdbx_db_accession          O15178 
_struct_ref.pdbx_db_isoform            ? 
_struct_ref.entity_id                  1 
_struct_ref.pdbx_seq_one_letter_code   
;ELRVGLEESELWLRFKELTNEMIVTKNGRRMFPVLKVNVSGLDPNAMYSFLLDFVAADNHRWKYVNGEWVPGGKPEPQAP
SCVYIHPDSPNFGAHWMKAPVSFSKVKLTNKLNGGGQIMLNSLHKYEPRIHIVRVGGPQRMITSHCFPETQFIAVTAYQN
EEITALKIKYN
;
_struct_ref.pdbx_align_begin           41 
# 
_struct_ref_seq.align_id                      1 
_struct_ref_seq.ref_id                        1 
_struct_ref_seq.pdbx_PDB_id_code              5QS7 
_struct_ref_seq.pdbx_strand_id                A 
_struct_ref_seq.seq_align_beg                 2 
_struct_ref_seq.pdbx_seq_align_beg_ins_code   ? 
_struct_ref_seq.seq_align_end                 172 
_struct_ref_seq.pdbx_seq_align_end_ins_code   ? 
_struct_ref_seq.pdbx_db_accession             O15178 
_struct_ref_seq.db_align_beg                  41 
_struct_ref_seq.pdbx_db_align_beg_ins_code    ? 
_struct_ref_seq.db_align_end                  211 
_struct_ref_seq.pdbx_db_align_end_ins_code    ? 
_struct_ref_seq.pdbx_auth_seq_align_beg       41 
_struct_ref_seq.pdbx_auth_seq_align_end       211 
# 
loop_
_struct_ref_seq_dif.align_id 
_struct_ref_seq_dif.pdbx_pdb_id_code 
_struct_ref_seq_dif.mon_id 
_struct_ref_seq_dif.pdbx_pdb_strand_id 
_struct_ref_seq_dif.seq_num 
_struct_ref_seq_dif.pdbx_pdb_ins_code 
_struct_ref_seq_dif.pdbx_seq_db_name 
_struct_ref_seq_dif.pdbx_seq_db_accession_code 
_struct_ref_seq_dif.db_mon_id 
_struct_ref_seq_dif.pdbx_seq_db_seq_num 
_struct_ref_seq_dif.details 
_struct_ref_seq_dif.pdbx_auth_seq_num 
_struct_ref_seq_dif.pdbx_ordinal 
1 5QS7 GLY A 1   ? UNP O15178 ?   ?   'expression tag'      40  1 
1 5QS7 ASP A 138 ? UNP O15178 GLY 177 'engineered mutation' 177 2 
# 
_pdbx_struct_assembly.id                   1 
_pdbx_struct_assembly.details              author_and_software_defined_assembly 
_pdbx_struct_assembly.method_details       PISA 
_pdbx_struct_assembly.oligomeric_details   monomeric 
_pdbx_struct_assembly.oligomeric_count     1 
# 
_pdbx_struct_assembly_gen.assembly_id       1 
_pdbx_struct_assembly_gen.oper_expression   1 
_pdbx_struct_assembly_gen.asym_id_list      A,B,C 
# 
_pdbx_struct_oper_list.id                   1 
_pdbx_struct_oper_list.type                 'identity operation' 
_pdbx_struct_oper_list.name                 1_555 
_pdbx_struct_oper_list.symmetry_operation   x,y,z 
_pdbx_struct_oper_list.matrix[1][1]         1.0000000000 
_pdbx_struct_oper_list.matrix[1][2]         0.0000000000 
_pdbx_struct_oper_list.matrix[1][3]         0.0000000000 
_pdbx_struct_oper_list.vector[1]            0.0000000000 
_pdbx_struct_oper_list.matrix[2][1]         0.0000000000 
_pdbx_struct_oper_list.matrix[2][2]         1.0000000000 
_pdbx_struct_oper_list.matrix[2][3]         0.0000000000 
_pdbx_struct_oper_list.vector[2]            0.0000000000 
_pdbx_struct_oper_list.matrix[3][1]         0.0000000000 
_pdbx_struct_oper_list.matrix[3][2]         0.0000000000 
_pdbx_struct_oper_list.matrix[3][3]         1.0000000000 
_pdbx_struct_oper_list.vector[3]            0.0000000000 
# 
loop_
_struct_conf.conf_type_id 
_struct_conf.id 
_struct_conf.pdbx_PDB_helix_id 
_struct_conf.beg_label_comp_id 
_struct_conf.beg_label_asym_id 
_struct_conf.beg_label_seq_id 
_struct_conf.pdbx_beg_PDB_ins_code 
_struct_conf.end_label_comp_id 
_struct_conf.end_label_asym_id 
_struct_conf.end_label_seq_id 
_struct_conf.pdbx_end_PDB_ins_code 
_struct_conf.beg_auth_comp_id 
_struct_conf.beg_auth_asym_id 
_struct_conf.beg_auth_seq_id 
_struct_conf.end_auth_comp_id 
_struct_conf.end_auth_asym_id 
_struct_conf.end_auth_seq_id 
_struct_conf.pdbx_PDB_helix_class 
_struct_conf.details 
_struct_conf.pdbx_PDB_helix_length 
HELX_P HELX_P1 AA1 GLU A 9   ? THR A 20  ? GLU A 48  THR A 59  1 ? 12 
HELX_P HELX_P2 AA2 GLY A 94  ? ALA A 100 ? GLY A 133 ALA A 139 1 ? 7  
HELX_P HELX_P3 AA3 PRO A 149 ? GLN A 152 ? PRO A 188 GLN A 191 5 ? 4  
HELX_P HELX_P4 AA4 ASN A 161 ? ASN A 172 ? ASN A 200 ASN A 211 1 ? 12 
# 
_struct_conf_type.id          HELX_P 
_struct_conf_type.criteria    ? 
_struct_conf_type.reference   ? 
# 
loop_
_struct_mon_prot_cis.pdbx_id 
_struct_mon_prot_cis.label_comp_id 
_struct_mon_prot_cis.label_seq_id 
_struct_mon_prot_cis.label_asym_id 
_struct_mon_prot_cis.label_alt_id 
_struct_mon_prot_cis.pdbx_PDB_ins_code 
_struct_mon_prot_cis.auth_comp_id 
_struct_mon_prot_cis.auth_seq_id 
_struct_mon_prot_cis.auth_asym_id 
_struct_mon_prot_cis.pdbx_label_comp_id_2 
_struct_mon_prot_cis.pdbx_label_seq_id_2 
_struct_mon_prot_cis.pdbx_label_asym_id_2 
_struct_mon_prot_cis.pdbx_PDB_ins_code_2 
_struct_mon_prot_cis.pdbx_auth_comp_id_2 
_struct_mon_prot_cis.pdbx_auth_seq_id_2 
_struct_mon_prot_cis.pdbx_auth_asym_id_2 
_struct_mon_prot_cis.pdbx_PDB_model_num 
_struct_mon_prot_cis.pdbx_omega_angle 
1 PHE 33 A . ? PHE 72  A PRO 34 A ? PRO 73  A 1 -7.63  
2 SER 90 A . ? SER 129 A PRO 91 A ? PRO 130 A 1 -13.38 
# 
loop_
_struct_sheet.id 
_struct_sheet.type 
_struct_sheet.number_strands 
_struct_sheet.details 
AA1 ? 3 ? 
AA2 ? 5 ? 
AA3 ? 4 ? 
AA4 ? 3 ? 
AA5 ? 2 ? 
# 
loop_
_struct_sheet_order.sheet_id 
_struct_sheet_order.range_id_1 
_struct_sheet_order.range_id_2 
_struct_sheet_order.offset 
_struct_sheet_order.sense 
AA1 1 2 ? anti-parallel 
AA1 2 3 ? anti-parallel 
AA2 1 2 ? parallel      
AA2 2 3 ? anti-parallel 
AA2 3 4 ? anti-parallel 
AA2 4 5 ? anti-parallel 
AA3 1 2 ? anti-parallel 
AA3 2 3 ? anti-parallel 
AA3 3 4 ? anti-parallel 
AA4 1 2 ? anti-parallel 
AA4 2 3 ? parallel      
AA5 1 2 ? anti-parallel 
# 
loop_
_struct_sheet_range.sheet_id 
_struct_sheet_range.id 
_struct_sheet_range.beg_label_comp_id 
_struct_sheet_range.beg_label_asym_id 
_struct_sheet_range.beg_label_seq_id 
_struct_sheet_range.pdbx_beg_PDB_ins_code 
_struct_sheet_range.end_label_comp_id 
_struct_sheet_range.end_label_asym_id 
_struct_sheet_range.end_label_seq_id 
_struct_sheet_range.pdbx_end_PDB_ins_code 
_struct_sheet_range.beg_auth_comp_id 
_struct_sheet_range.beg_auth_asym_id 
_struct_sheet_range.beg_auth_seq_id 
_struct_sheet_range.end_auth_comp_id 
_struct_sheet_range.end_auth_asym_id 
_struct_sheet_range.end_auth_seq_id 
AA1 1 ARG A 4   ? LEU A 7   ? ARG A 43  LEU A 46  
AA1 2 LYS A 37  ? SER A 41  ? LYS A 76  SER A 80  
AA1 3 VAL A 102 ? SER A 103 ? VAL A 141 SER A 142 
AA2 1 GLU A 22  ? ILE A 24  ? GLU A 61  ILE A 63  
AA2 2 PHE A 153 ? VAL A 156 ? PHE A 192 VAL A 195 
AA2 3 LYS A 126 ? ARG A 135 ? LYS A 165 ARG A 174 
AA2 4 MET A 48  ? ALA A 57  ? MET A 87  ALA A 96  
AA2 5 ASN A 92  ? PHE A 93  ? ASN A 131 PHE A 132 
AA3 1 TYR A 85  ? ILE A 86  ? TYR A 124 ILE A 125 
AA3 2 MET A 48  ? ALA A 57  ? MET A 87  ALA A 96  
AA3 3 LYS A 126 ? ARG A 135 ? LYS A 165 ARG A 174 
AA3 4 ILE A 143 ? CYS A 147 ? ILE A 182 CYS A 186 
AA4 1 ARG A 30  ? ARG A 31  ? ARG A 69  ARG A 70  
AA4 2 LYS A 108 ? THR A 110 ? LYS A 147 THR A 149 
AA4 3 ILE A 119 ? MET A 120 ? ILE A 158 MET A 159 
AA5 1 ARG A 62  ? VAL A 66  ? ARG A 101 VAL A 105 
AA5 2 GLU A 69  ? GLY A 74  ? GLU A 108 GLY A 113 
# 
loop_
_pdbx_struct_sheet_hbond.sheet_id 
_pdbx_struct_sheet_hbond.range_id_1 
_pdbx_struct_sheet_hbond.range_id_2 
_pdbx_struct_sheet_hbond.range_1_label_atom_id 
_pdbx_struct_sheet_hbond.range_1_label_comp_id 
_pdbx_struct_sheet_hbond.range_1_label_asym_id 
_pdbx_struct_sheet_hbond.range_1_label_seq_id 
_pdbx_struct_sheet_hbond.range_1_PDB_ins_code 
_pdbx_struct_sheet_hbond.range_1_auth_atom_id 
_pdbx_struct_sheet_hbond.range_1_auth_comp_id 
_pdbx_struct_sheet_hbond.range_1_auth_asym_id 
_pdbx_struct_sheet_hbond.range_1_auth_seq_id 
_pdbx_struct_sheet_hbond.range_2_label_atom_id 
_pdbx_struct_sheet_hbond.range_2_label_comp_id 
_pdbx_struct_sheet_hbond.range_2_label_asym_id 
_pdbx_struct_sheet_hbond.range_2_label_seq_id 
_pdbx_struct_sheet_hbond.range_2_PDB_ins_code 
_pdbx_struct_sheet_hbond.range_2_auth_atom_id 
_pdbx_struct_sheet_hbond.range_2_auth_comp_id 
_pdbx_struct_sheet_hbond.range_2_auth_asym_id 
_pdbx_struct_sheet_hbond.range_2_auth_seq_id 
AA1 1 2 N ARG A 4   ? N ARG A 43  O SER A 41  ? O SER A 80  
AA1 2 3 N VAL A 38  ? N VAL A 77  O VAL A 102 ? O VAL A 141 
AA2 1 2 N MET A 23  ? N MET A 62  O VAL A 156 ? O VAL A 195 
AA2 2 3 O PHE A 153 ? O PHE A 192 N TYR A 127 ? N TYR A 166 
AA2 3 4 O HIS A 132 ? O HIS A 171 N LEU A 52  ? N LEU A 91  
AA2 4 5 N TYR A 49  ? N TYR A 88  O ASN A 92  ? O ASN A 131 
AA3 1 2 O TYR A 85  ? O TYR A 124 N LEU A 53  ? N LEU A 92  
AA3 2 3 N LEU A 52  ? N LEU A 91  O HIS A 132 ? O HIS A 171 
AA3 3 4 N ILE A 131 ? N ILE A 170 O HIS A 146 ? O HIS A 185 
AA4 1 2 N ARG A 30  ? N ARG A 69  O LEU A 109 ? O LEU A 148 
AA4 2 3 N THR A 110 ? N THR A 149 O ILE A 119 ? O ILE A 158 
AA5 1 2 N LYS A 64  ? N LYS A 103 O VAL A 71  ? O VAL A 110 
# 
_struct_site.id                   AC1 
_struct_site.pdbx_evidence_code   Software 
_struct_site.pdbx_auth_asym_id    A 
_struct_site.pdbx_auth_comp_id    JMM 
_struct_site.pdbx_auth_seq_id     301 
_struct_site.pdbx_auth_ins_code   ? 
_struct_site.pdbx_num_residues    9 
_struct_site.details              'binding site for residue JMM A 301' 
# 
loop_
_struct_site_gen.id 
_struct_site_gen.site_id 
_struct_site_gen.pdbx_num_res 
_struct_site_gen.label_comp_id 
_struct_site_gen.label_asym_id 
_struct_site_gen.label_seq_id 
_struct_site_gen.pdbx_auth_ins_code 
_struct_site_gen.auth_comp_id 
_struct_site_gen.auth_asym_id 
_struct_site_gen.auth_seq_id 
_struct_site_gen.label_atom_id 
_struct_site_gen.label_alt_id 
_struct_site_gen.symmetry 
_struct_site_gen.details 
1 AC1 9 ARG A 4   ? ARG A 43  . ? 1_555 ? 
2 AC1 9 VAL A 5   ? VAL A 44  . ? 1_555 ? 
3 AC1 9 GLY A 6   ? GLY A 45  . ? 1_555 ? 
4 AC1 9 LEU A 7   ? LEU A 46  . ? 1_555 ? 
5 AC1 9 SER A 10  ? SER A 49  . ? 1_555 ? 
6 AC1 9 MET A 98  ? MET A 137 . ? 4_555 ? 
7 AC1 9 GLN A 140 ? GLN A 179 . ? 6_555 ? 
8 AC1 9 GLU A 150 ? GLU A 189 . ? 1_555 ? 
9 AC1 9 HOH C .   ? HOH A 445 . ? 6_555 ? 
# 
_pdbx_validate_symm_contact.id                1 
_pdbx_validate_symm_contact.PDB_model_num     1 
_pdbx_validate_symm_contact.auth_atom_id_1    O 
_pdbx_validate_symm_contact.auth_asym_id_1    A 
_pdbx_validate_symm_contact.auth_comp_id_1    HOH 
_pdbx_validate_symm_contact.auth_seq_id_1     558 
_pdbx_validate_symm_contact.PDB_ins_code_1    ? 
_pdbx_validate_symm_contact.label_alt_id_1    ? 
_pdbx_validate_symm_contact.site_symmetry_1   1_555 
_pdbx_validate_symm_contact.auth_atom_id_2    O 
_pdbx_validate_symm_contact.auth_asym_id_2    A 
_pdbx_validate_symm_contact.auth_comp_id_2    HOH 
_pdbx_validate_symm_contact.auth_seq_id_2     558 
_pdbx_validate_symm_contact.PDB_ins_code_2    ? 
_pdbx_validate_symm_contact.label_alt_id_2    ? 
_pdbx_validate_symm_contact.site_symmetry_2   6_555 
_pdbx_validate_symm_contact.dist              1.73 
# 
loop_
_pdbx_validate_torsion.id 
_pdbx_validate_torsion.PDB_model_num 
_pdbx_validate_torsion.auth_comp_id 
_pdbx_validate_torsion.auth_asym_id 
_pdbx_validate_torsion.auth_seq_id 
_pdbx_validate_torsion.PDB_ins_code 
_pdbx_validate_torsion.label_alt_id 
_pdbx_validate_torsion.phi 
_pdbx_validate_torsion.psi 
1 1 THR A 59  ? ? 75.84   111.31 
2 1 ALA A 119 ? ? -48.34  150.05 
3 1 SER A 121 ? ? -52.32  109.70 
4 1 PHE A 143 ? ? -100.72 50.39  
5 1 PHE A 143 ? ? -98.93  50.39  
6 1 LEU A 152 ? ? -62.36  78.06  
# 
loop_
_pdbx_struct_special_symmetry.id 
_pdbx_struct_special_symmetry.PDB_model_num 
_pdbx_struct_special_symmetry.auth_asym_id 
_pdbx_struct_special_symmetry.auth_comp_id 
_pdbx_struct_special_symmetry.auth_seq_id 
_pdbx_struct_special_symmetry.PDB_ins_code 
_pdbx_struct_special_symmetry.label_asym_id 
_pdbx_struct_special_symmetry.label_comp_id 
_pdbx_struct_special_symmetry.label_seq_id 
1 1 A HOH 500 ? C HOH . 
2 1 A HOH 512 ? C HOH . 
# 
_phasing.method   MR 
# 
_pdbx_entry_details.entry_id                 5QS7 
_pdbx_entry_details.has_ligand_of_interest   Y 
_pdbx_entry_details.compound_details         ? 
_pdbx_entry_details.source_details           ? 
_pdbx_entry_details.nonpolymer_details       ? 
_pdbx_entry_details.sequence_details         ? 
# 
loop_
_pdbx_distant_solvent_atoms.id 
_pdbx_distant_solvent_atoms.PDB_model_num 
_pdbx_distant_solvent_atoms.auth_atom_id 
_pdbx_distant_solvent_atoms.label_alt_id 
_pdbx_distant_solvent_atoms.auth_asym_id 
_pdbx_distant_solvent_atoms.auth_comp_id 
_pdbx_distant_solvent_atoms.auth_seq_id 
_pdbx_distant_solvent_atoms.PDB_ins_code 
_pdbx_distant_solvent_atoms.neighbor_macromolecule_distance 
_pdbx_distant_solvent_atoms.neighbor_ligand_distance 
1 1 O ? A HOH 615 ? 6.01 . 
2 1 O ? A HOH 616 ? 6.56 . 
3 1 O ? A HOH 617 ? 7.31 . 
4 1 O ? A HOH 618 ? 7.41 . 
# 
_pdbx_unobs_or_zero_occ_residues.id               1 
_pdbx_unobs_or_zero_occ_residues.PDB_model_num    1 
_pdbx_unobs_or_zero_occ_residues.polymer_flag     Y 
_pdbx_unobs_or_zero_occ_residues.occupancy_flag   1 
_pdbx_unobs_or_zero_occ_residues.auth_asym_id     A 
_pdbx_unobs_or_zero_occ_residues.auth_comp_id     GLY 
_pdbx_unobs_or_zero_occ_residues.auth_seq_id      40 
_pdbx_unobs_or_zero_occ_residues.PDB_ins_code     ? 
_pdbx_unobs_or_zero_occ_residues.label_asym_id    A 
_pdbx_unobs_or_zero_occ_residues.label_comp_id    GLY 
_pdbx_unobs_or_zero_occ_residues.label_seq_id     1 
# 
loop_
_chem_comp_atom.comp_id 
_chem_comp_atom.atom_id 
_chem_comp_atom.type_symbol 
_chem_comp_atom.pdbx_aromatic_flag 
_chem_comp_atom.pdbx_stereo_config 
_chem_comp_atom.pdbx_ordinal 
ALA N    N N N 1   
ALA CA   C N S 2   
ALA C    C N N 3   
ALA O    O N N 4   
ALA CB   C N N 5   
ALA OXT  O N N 6   
ALA H    H N N 7   
ALA H2   H N N 8   
ALA HA   H N N 9   
ALA HB1  H N N 10  
ALA HB2  H N N 11  
ALA HB3  H N N 12  
ALA HXT  H N N 13  
ARG N    N N N 14  
ARG CA   C N S 15  
ARG C    C N N 16  
ARG O    O N N 17  
ARG CB   C N N 18  
ARG CG   C N N 19  
ARG CD   C N N 20  
ARG NE   N N N 21  
ARG CZ   C N N 22  
ARG NH1  N N N 23  
ARG NH2  N N N 24  
ARG OXT  O N N 25  
ARG H    H N N 26  
ARG H2   H N N 27  
ARG HA   H N N 28  
ARG HB2  H N N 29  
ARG HB3  H N N 30  
ARG HG2  H N N 31  
ARG HG3  H N N 32  
ARG HD2  H N N 33  
ARG HD3  H N N 34  
ARG HE   H N N 35  
ARG HH11 H N N 36  
ARG HH12 H N N 37  
ARG HH21 H N N 38  
ARG HH22 H N N 39  
ARG HXT  H N N 40  
ASN N    N N N 41  
ASN CA   C N S 42  
ASN C    C N N 43  
ASN O    O N N 44  
ASN CB   C N N 45  
ASN CG   C N N 46  
ASN OD1  O N N 47  
ASN ND2  N N N 48  
ASN OXT  O N N 49  
ASN H    H N N 50  
ASN H2   H N N 51  
ASN HA   H N N 52  
ASN HB2  H N N 53  
ASN HB3  H N N 54  
ASN HD21 H N N 55  
ASN HD22 H N N 56  
ASN HXT  H N N 57  
ASP N    N N N 58  
ASP CA   C N S 59  
ASP C    C N N 60  
ASP O    O N N 61  
ASP CB   C N N 62  
ASP CG   C N N 63  
ASP OD1  O N N 64  
ASP OD2  O N N 65  
ASP OXT  O N N 66  
ASP H    H N N 67  
ASP H2   H N N 68  
ASP HA   H N N 69  
ASP HB2  H N N 70  
ASP HB3  H N N 71  
ASP HD2  H N N 72  
ASP HXT  H N N 73  
CYS N    N N N 74  
CYS CA   C N R 75  
CYS C    C N N 76  
CYS O    O N N 77  
CYS CB   C N N 78  
CYS SG   S N N 79  
CYS OXT  O N N 80  
CYS H    H N N 81  
CYS H2   H N N 82  
CYS HA   H N N 83  
CYS HB2  H N N 84  
CYS HB3  H N N 85  
CYS HG   H N N 86  
CYS HXT  H N N 87  
GLN N    N N N 88  
GLN CA   C N S 89  
GLN C    C N N 90  
GLN O    O N N 91  
GLN CB   C N N 92  
GLN CG   C N N 93  
GLN CD   C N N 94  
GLN OE1  O N N 95  
GLN NE2  N N N 96  
GLN OXT  O N N 97  
GLN H    H N N 98  
GLN H2   H N N 99  
GLN HA   H N N 100 
GLN HB2  H N N 101 
GLN HB3  H N N 102 
GLN HG2  H N N 103 
GLN HG3  H N N 104 
GLN HE21 H N N 105 
GLN HE22 H N N 106 
GLN HXT  H N N 107 
GLU N    N N N 108 
GLU CA   C N S 109 
GLU C    C N N 110 
GLU O    O N N 111 
GLU CB   C N N 112 
GLU CG   C N N 113 
GLU CD   C N N 114 
GLU OE1  O N N 115 
GLU OE2  O N N 116 
GLU OXT  O N N 117 
GLU H    H N N 118 
GLU H2   H N N 119 
GLU HA   H N N 120 
GLU HB2  H N N 121 
GLU HB3  H N N 122 
GLU HG2  H N N 123 
GLU HG3  H N N 124 
GLU HE2  H N N 125 
GLU HXT  H N N 126 
GLY N    N N N 127 
GLY CA   C N N 128 
GLY C    C N N 129 
GLY O    O N N 130 
GLY OXT  O N N 131 
GLY H    H N N 132 
GLY H2   H N N 133 
GLY HA2  H N N 134 
GLY HA3  H N N 135 
GLY HXT  H N N 136 
HIS N    N N N 137 
HIS CA   C N S 138 
HIS C    C N N 139 
HIS O    O N N 140 
HIS CB   C N N 141 
HIS CG   C Y N 142 
HIS ND1  N Y N 143 
HIS CD2  C Y N 144 
HIS CE1  C Y N 145 
HIS NE2  N Y N 146 
HIS OXT  O N N 147 
HIS H    H N N 148 
HIS H2   H N N 149 
HIS HA   H N N 150 
HIS HB2  H N N 151 
HIS HB3  H N N 152 
HIS HD1  H N N 153 
HIS HD2  H N N 154 
HIS HE1  H N N 155 
HIS HE2  H N N 156 
HIS HXT  H N N 157 
HOH O    O N N 158 
HOH H1   H N N 159 
HOH H2   H N N 160 
ILE N    N N N 161 
ILE CA   C N S 162 
ILE C    C N N 163 
ILE O    O N N 164 
ILE CB   C N S 165 
ILE CG1  C N N 166 
ILE CG2  C N N 167 
ILE CD1  C N N 168 
ILE OXT  O N N 169 
ILE H    H N N 170 
ILE H2   H N N 171 
ILE HA   H N N 172 
ILE HB   H N N 173 
ILE HG12 H N N 174 
ILE HG13 H N N 175 
ILE HG21 H N N 176 
ILE HG22 H N N 177 
ILE HG23 H N N 178 
ILE HD11 H N N 179 
ILE HD12 H N N 180 
ILE HD13 H N N 181 
ILE HXT  H N N 182 
JMM C10  C N N 183 
JMM C13  C N N 184 
JMM C17  C N N 185 
JMM C01  C Y N 186 
JMM C02  C Y N 187 
JMM C03  C Y N 188 
JMM O04  O Y N 189 
JMM C05  C Y N 190 
JMM C06  C N N 191 
JMM O07  O N N 192 
JMM N08  N N N 193 
JMM C09  C N N 194 
JMM N11  N N N 195 
JMM C12  C N N 196 
JMM C14  C N N 197 
JMM O15  O N N 198 
JMM C16  C N N 199 
JMM C18  C N N 200 
JMM H101 H N N 201 
JMM H102 H N N 202 
JMM H131 H N N 203 
JMM H132 H N N 204 
JMM H171 H N N 205 
JMM H172 H N N 206 
JMM H011 H N N 207 
JMM H021 H N N 208 
JMM H051 H N N 209 
JMM H092 H N N 210 
JMM H091 H N N 211 
JMM H122 H N N 212 
JMM H121 H N N 213 
JMM H161 H N N 214 
JMM H181 H N N 215 
JMM H182 H N N 216 
LEU N    N N N 217 
LEU CA   C N S 218 
LEU C    C N N 219 
LEU O    O N N 220 
LEU CB   C N N 221 
LEU CG   C N N 222 
LEU CD1  C N N 223 
LEU CD2  C N N 224 
LEU OXT  O N N 225 
LEU H    H N N 226 
LEU H2   H N N 227 
LEU HA   H N N 228 
LEU HB2  H N N 229 
LEU HB3  H N N 230 
LEU HG   H N N 231 
LEU HD11 H N N 232 
LEU HD12 H N N 233 
LEU HD13 H N N 234 
LEU HD21 H N N 235 
LEU HD22 H N N 236 
LEU HD23 H N N 237 
LEU HXT  H N N 238 
LYS N    N N N 239 
LYS CA   C N S 240 
LYS C    C N N 241 
LYS O    O N N 242 
LYS CB   C N N 243 
LYS CG   C N N 244 
LYS CD   C N N 245 
LYS CE   C N N 246 
LYS NZ   N N N 247 
LYS OXT  O N N 248 
LYS H    H N N 249 
LYS H2   H N N 250 
LYS HA   H N N 251 
LYS HB2  H N N 252 
LYS HB3  H N N 253 
LYS HG2  H N N 254 
LYS HG3  H N N 255 
LYS HD2  H N N 256 
LYS HD3  H N N 257 
LYS HE2  H N N 258 
LYS HE3  H N N 259 
LYS HZ1  H N N 260 
LYS HZ2  H N N 261 
LYS HZ3  H N N 262 
LYS HXT  H N N 263 
MET N    N N N 264 
MET CA   C N S 265 
MET C    C N N 266 
MET O    O N N 267 
MET CB   C N N 268 
MET CG   C N N 269 
MET SD   S N N 270 
MET CE   C N N 271 
MET OXT  O N N 272 
MET H    H N N 273 
MET H2   H N N 274 
MET HA   H N N 275 
MET HB2  H N N 276 
MET HB3  H N N 277 
MET HG2  H N N 278 
MET HG3  H N N 279 
MET HE1  H N N 280 
MET HE2  H N N 281 
MET HE3  H N N 282 
MET HXT  H N N 283 
PHE N    N N N 284 
PHE CA   C N S 285 
PHE C    C N N 286 
PHE O    O N N 287 
PHE CB   C N N 288 
PHE CG   C Y N 289 
PHE CD1  C Y N 290 
PHE CD2  C Y N 291 
PHE CE1  C Y N 292 
PHE CE2  C Y N 293 
PHE CZ   C Y N 294 
PHE OXT  O N N 295 
PHE H    H N N 296 
PHE H2   H N N 297 
PHE HA   H N N 298 
PHE HB2  H N N 299 
PHE HB3  H N N 300 
PHE HD1  H N N 301 
PHE HD2  H N N 302 
PHE HE1  H N N 303 
PHE HE2  H N N 304 
PHE HZ   H N N 305 
PHE HXT  H N N 306 
PRO N    N N N 307 
PRO CA   C N S 308 
PRO C    C N N 309 
PRO O    O N N 310 
PRO CB   C N N 311 
PRO CG   C N N 312 
PRO CD   C N N 313 
PRO OXT  O N N 314 
PRO H    H N N 315 
PRO HA   H N N 316 
PRO HB2  H N N 317 
PRO HB3  H N N 318 
PRO HG2  H N N 319 
PRO HG3  H N N 320 
PRO HD2  H N N 321 
PRO HD3  H N N 322 
PRO HXT  H N N 323 
SER N    N N N 324 
SER CA   C N S 325 
SER C    C N N 326 
SER O    O N N 327 
SER CB   C N N 328 
SER OG   O N N 329 
SER OXT  O N N 330 
SER H    H N N 331 
SER H2   H N N 332 
SER HA   H N N 333 
SER HB2  H N N 334 
SER HB3  H N N 335 
SER HG   H N N 336 
SER HXT  H N N 337 
THR N    N N N 338 
THR CA   C N S 339 
THR C    C N N 340 
THR O    O N N 341 
THR CB   C N R 342 
THR OG1  O N N 343 
THR CG2  C N N 344 
THR OXT  O N N 345 
THR H    H N N 346 
THR H2   H N N 347 
THR HA   H N N 348 
THR HB   H N N 349 
THR HG1  H N N 350 
THR HG21 H N N 351 
THR HG22 H N N 352 
THR HG23 H N N 353 
THR HXT  H N N 354 
TRP N    N N N 355 
TRP CA   C N S 356 
TRP C    C N N 357 
TRP O    O N N 358 
TRP CB   C N N 359 
TRP CG   C Y N 360 
TRP CD1  C Y N 361 
TRP CD2  C Y N 362 
TRP NE1  N Y N 363 
TRP CE2  C Y N 364 
TRP CE3  C Y N 365 
TRP CZ2  C Y N 366 
TRP CZ3  C Y N 367 
TRP CH2  C Y N 368 
TRP OXT  O N N 369 
TRP H    H N N 370 
TRP H2   H N N 371 
TRP HA   H N N 372 
TRP HB2  H N N 373 
TRP HB3  H N N 374 
TRP HD1  H N N 375 
TRP HE1  H N N 376 
TRP HE3  H N N 377 
TRP HZ2  H N N 378 
TRP HZ3  H N N 379 
TRP HH2  H N N 380 
TRP HXT  H N N 381 
TYR N    N N N 382 
TYR CA   C N S 383 
TYR C    C N N 384 
TYR O    O N N 385 
TYR CB   C N N 386 
TYR CG   C Y N 387 
TYR CD1  C Y N 388 
TYR CD2  C Y N 389 
TYR CE1  C Y N 390 
TYR CE2  C Y N 391 
TYR CZ   C Y N 392 
TYR OH   O N N 393 
TYR OXT  O N N 394 
TYR H    H N N 395 
TYR H2   H N N 396 
TYR HA   H N N 397 
TYR HB2  H N N 398 
TYR HB3  H N N 399 
TYR HD1  H N N 400 
TYR HD2  H N N 401 
TYR HE1  H N N 402 
TYR HE2  H N N 403 
TYR HH   H N N 404 
TYR HXT  H N N 405 
VAL N    N N N 406 
VAL CA   C N S 407 
VAL C    C N N 408 
VAL O    O N N 409 
VAL CB   C N N 410 
VAL CG1  C N N 411 
VAL CG2  C N N 412 
VAL OXT  O N N 413 
VAL H    H N N 414 
VAL H2   H N N 415 
VAL HA   H N N 416 
VAL HB   H N N 417 
VAL HG11 H N N 418 
VAL HG12 H N N 419 
VAL HG13 H N N 420 
VAL HG21 H N N 421 
VAL HG22 H N N 422 
VAL HG23 H N N 423 
VAL HXT  H N N 424 
# 
loop_
_chem_comp_bond.comp_id 
_chem_comp_bond.atom_id_1 
_chem_comp_bond.atom_id_2 
_chem_comp_bond.value_order 
_chem_comp_bond.pdbx_aromatic_flag 
_chem_comp_bond.pdbx_stereo_config 
_chem_comp_bond.pdbx_ordinal 
ALA N   CA   sing N N 1   
ALA N   H    sing N N 2   
ALA N   H2   sing N N 3   
ALA CA  C    sing N N 4   
ALA CA  CB   sing N N 5   
ALA CA  HA   sing N N 6   
ALA C   O    doub N N 7   
ALA C   OXT  sing N N 8   
ALA CB  HB1  sing N N 9   
ALA CB  HB2  sing N N 10  
ALA CB  HB3  sing N N 11  
ALA OXT HXT  sing N N 12  
ARG N   CA   sing N N 13  
ARG N   H    sing N N 14  
ARG N   H2   sing N N 15  
ARG CA  C    sing N N 16  
ARG CA  CB   sing N N 17  
ARG CA  HA   sing N N 18  
ARG C   O    doub N N 19  
ARG C   OXT  sing N N 20  
ARG CB  CG   sing N N 21  
ARG CB  HB2  sing N N 22  
ARG CB  HB3  sing N N 23  
ARG CG  CD   sing N N 24  
ARG CG  HG2  sing N N 25  
ARG CG  HG3  sing N N 26  
ARG CD  NE   sing N N 27  
ARG CD  HD2  sing N N 28  
ARG CD  HD3  sing N N 29  
ARG NE  CZ   sing N N 30  
ARG NE  HE   sing N N 31  
ARG CZ  NH1  sing N N 32  
ARG CZ  NH2  doub N N 33  
ARG NH1 HH11 sing N N 34  
ARG NH1 HH12 sing N N 35  
ARG NH2 HH21 sing N N 36  
ARG NH2 HH22 sing N N 37  
ARG OXT HXT  sing N N 38  
ASN N   CA   sing N N 39  
ASN N   H    sing N N 40  
ASN N   H2   sing N N 41  
ASN CA  C    sing N N 42  
ASN CA  CB   sing N N 43  
ASN CA  HA   sing N N 44  
ASN C   O    doub N N 45  
ASN C   OXT  sing N N 46  
ASN CB  CG   sing N N 47  
ASN CB  HB2  sing N N 48  
ASN CB  HB3  sing N N 49  
ASN CG  OD1  doub N N 50  
ASN CG  ND2  sing N N 51  
ASN ND2 HD21 sing N N 52  
ASN ND2 HD22 sing N N 53  
ASN OXT HXT  sing N N 54  
ASP N   CA   sing N N 55  
ASP N   H    sing N N 56  
ASP N   H2   sing N N 57  
ASP CA  C    sing N N 58  
ASP CA  CB   sing N N 59  
ASP CA  HA   sing N N 60  
ASP C   O    doub N N 61  
ASP C   OXT  sing N N 62  
ASP CB  CG   sing N N 63  
ASP CB  HB2  sing N N 64  
ASP CB  HB3  sing N N 65  
ASP CG  OD1  doub N N 66  
ASP CG  OD2  sing N N 67  
ASP OD2 HD2  sing N N 68  
ASP OXT HXT  sing N N 69  
CYS N   CA   sing N N 70  
CYS N   H    sing N N 71  
CYS N   H2   sing N N 72  
CYS CA  C    sing N N 73  
CYS CA  CB   sing N N 74  
CYS CA  HA   sing N N 75  
CYS C   O    doub N N 76  
CYS C   OXT  sing N N 77  
CYS CB  SG   sing N N 78  
CYS CB  HB2  sing N N 79  
CYS CB  HB3  sing N N 80  
CYS SG  HG   sing N N 81  
CYS OXT HXT  sing N N 82  
GLN N   CA   sing N N 83  
GLN N   H    sing N N 84  
GLN N   H2   sing N N 85  
GLN CA  C    sing N N 86  
GLN CA  CB   sing N N 87  
GLN CA  HA   sing N N 88  
GLN C   O    doub N N 89  
GLN C   OXT  sing N N 90  
GLN CB  CG   sing N N 91  
GLN CB  HB2  sing N N 92  
GLN CB  HB3  sing N N 93  
GLN CG  CD   sing N N 94  
GLN CG  HG2  sing N N 95  
GLN CG  HG3  sing N N 96  
GLN CD  OE1  doub N N 97  
GLN CD  NE2  sing N N 98  
GLN NE2 HE21 sing N N 99  
GLN NE2 HE22 sing N N 100 
GLN OXT HXT  sing N N 101 
GLU N   CA   sing N N 102 
GLU N   H    sing N N 103 
GLU N   H2   sing N N 104 
GLU CA  C    sing N N 105 
GLU CA  CB   sing N N 106 
GLU CA  HA   sing N N 107 
GLU C   O    doub N N 108 
GLU C   OXT  sing N N 109 
GLU CB  CG   sing N N 110 
GLU CB  HB2  sing N N 111 
GLU CB  HB3  sing N N 112 
GLU CG  CD   sing N N 113 
GLU CG  HG2  sing N N 114 
GLU CG  HG3  sing N N 115 
GLU CD  OE1  doub N N 116 
GLU CD  OE2  sing N N 117 
GLU OE2 HE2  sing N N 118 
GLU OXT HXT  sing N N 119 
GLY N   CA   sing N N 120 
GLY N   H    sing N N 121 
GLY N   H2   sing N N 122 
GLY CA  C    sing N N 123 
GLY CA  HA2  sing N N 124 
GLY CA  HA3  sing N N 125 
GLY C   O    doub N N 126 
GLY C   OXT  sing N N 127 
GLY OXT HXT  sing N N 128 
HIS N   CA   sing N N 129 
HIS N   H    sing N N 130 
HIS N   H2   sing N N 131 
HIS CA  C    sing N N 132 
HIS CA  CB   sing N N 133 
HIS CA  HA   sing N N 134 
HIS C   O    doub N N 135 
HIS C   OXT  sing N N 136 
HIS CB  CG   sing N N 137 
HIS CB  HB2  sing N N 138 
HIS CB  HB3  sing N N 139 
HIS CG  ND1  sing Y N 140 
HIS CG  CD2  doub Y N 141 
HIS ND1 CE1  doub Y N 142 
HIS ND1 HD1  sing N N 143 
HIS CD2 NE2  sing Y N 144 
HIS CD2 HD2  sing N N 145 
HIS CE1 NE2  sing Y N 146 
HIS CE1 HE1  sing N N 147 
HIS NE2 HE2  sing N N 148 
HIS OXT HXT  sing N N 149 
HOH O   H1   sing N N 150 
HOH O   H2   sing N N 151 
ILE N   CA   sing N N 152 
ILE N   H    sing N N 153 
ILE N   H2   sing N N 154 
ILE CA  C    sing N N 155 
ILE CA  CB   sing N N 156 
ILE CA  HA   sing N N 157 
ILE C   O    doub N N 158 
ILE C   OXT  sing N N 159 
ILE CB  CG1  sing N N 160 
ILE CB  CG2  sing N N 161 
ILE CB  HB   sing N N 162 
ILE CG1 CD1  sing N N 163 
ILE CG1 HG12 sing N N 164 
ILE CG1 HG13 sing N N 165 
ILE CG2 HG21 sing N N 166 
ILE CG2 HG22 sing N N 167 
ILE CG2 HG23 sing N N 168 
ILE CD1 HD11 sing N N 169 
ILE CD1 HD12 sing N N 170 
ILE CD1 HD13 sing N N 171 
ILE OXT HXT  sing N N 172 
JMM C01 C02  sing Y N 173 
JMM C01 C05  doub Y N 174 
JMM C02 C03  doub Y N 175 
JMM C05 O04  sing Y N 176 
JMM O07 C06  doub N N 177 
JMM C03 C06  sing N N 178 
JMM C03 O04  sing Y N 179 
JMM C06 N08  sing N N 180 
JMM N08 C09  sing N N 181 
JMM N08 C13  sing N N 182 
JMM C09 C10  sing N N 183 
JMM C13 C12  sing N N 184 
JMM C10 N11  sing N N 185 
JMM C12 N11  sing N N 186 
JMM N11 C14  sing N N 187 
JMM C14 O15  doub N N 188 
JMM C14 C16  sing N N 189 
JMM C18 C16  sing N N 190 
JMM C18 C17  sing N N 191 
JMM C16 C17  sing N N 192 
JMM C10 H101 sing N N 193 
JMM C10 H102 sing N N 194 
JMM C13 H131 sing N N 195 
JMM C13 H132 sing N N 196 
JMM C17 H171 sing N N 197 
JMM C17 H172 sing N N 198 
JMM C01 H011 sing N N 199 
JMM C02 H021 sing N N 200 
JMM C05 H051 sing N N 201 
JMM C09 H092 sing N N 202 
JMM C09 H091 sing N N 203 
JMM C12 H122 sing N N 204 
JMM C12 H121 sing N N 205 
JMM C16 H161 sing N N 206 
JMM C18 H181 sing N N 207 
JMM C18 H182 sing N N 208 
LEU N   CA   sing N N 209 
LEU N   H    sing N N 210 
LEU N   H2   sing N N 211 
LEU CA  C    sing N N 212 
LEU CA  CB   sing N N 213 
LEU CA  HA   sing N N 214 
LEU C   O    doub N N 215 
LEU C   OXT  sing N N 216 
LEU CB  CG   sing N N 217 
LEU CB  HB2  sing N N 218 
LEU CB  HB3  sing N N 219 
LEU CG  CD1  sing N N 220 
LEU CG  CD2  sing N N 221 
LEU CG  HG   sing N N 222 
LEU CD1 HD11 sing N N 223 
LEU CD1 HD12 sing N N 224 
LEU CD1 HD13 sing N N 225 
LEU CD2 HD21 sing N N 226 
LEU CD2 HD22 sing N N 227 
LEU CD2 HD23 sing N N 228 
LEU OXT HXT  sing N N 229 
LYS N   CA   sing N N 230 
LYS N   H    sing N N 231 
LYS N   H2   sing N N 232 
LYS CA  C    sing N N 233 
LYS CA  CB   sing N N 234 
LYS CA  HA   sing N N 235 
LYS C   O    doub N N 236 
LYS C   OXT  sing N N 237 
LYS CB  CG   sing N N 238 
LYS CB  HB2  sing N N 239 
LYS CB  HB3  sing N N 240 
LYS CG  CD   sing N N 241 
LYS CG  HG2  sing N N 242 
LYS CG  HG3  sing N N 243 
LYS CD  CE   sing N N 244 
LYS CD  HD2  sing N N 245 
LYS CD  HD3  sing N N 246 
LYS CE  NZ   sing N N 247 
LYS CE  HE2  sing N N 248 
LYS CE  HE3  sing N N 249 
LYS NZ  HZ1  sing N N 250 
LYS NZ  HZ2  sing N N 251 
LYS NZ  HZ3  sing N N 252 
LYS OXT HXT  sing N N 253 
MET N   CA   sing N N 254 
MET N   H    sing N N 255 
MET N   H2   sing N N 256 
MET CA  C    sing N N 257 
MET CA  CB   sing N N 258 
MET CA  HA   sing N N 259 
MET C   O    doub N N 260 
MET C   OXT  sing N N 261 
MET CB  CG   sing N N 262 
MET CB  HB2  sing N N 263 
MET CB  HB3  sing N N 264 
MET CG  SD   sing N N 265 
MET CG  HG2  sing N N 266 
MET CG  HG3  sing N N 267 
MET SD  CE   sing N N 268 
MET CE  HE1  sing N N 269 
MET CE  HE2  sing N N 270 
MET CE  HE3  sing N N 271 
MET OXT HXT  sing N N 272 
PHE N   CA   sing N N 273 
PHE N   H    sing N N 274 
PHE N   H2   sing N N 275 
PHE CA  C    sing N N 276 
PHE CA  CB   sing N N 277 
PHE CA  HA   sing N N 278 
PHE C   O    doub N N 279 
PHE C   OXT  sing N N 280 
PHE CB  CG   sing N N 281 
PHE CB  HB2  sing N N 282 
PHE CB  HB3  sing N N 283 
PHE CG  CD1  doub Y N 284 
PHE CG  CD2  sing Y N 285 
PHE CD1 CE1  sing Y N 286 
PHE CD1 HD1  sing N N 287 
PHE CD2 CE2  doub Y N 288 
PHE CD2 HD2  sing N N 289 
PHE CE1 CZ   doub Y N 290 
PHE CE1 HE1  sing N N 291 
PHE CE2 CZ   sing Y N 292 
PHE CE2 HE2  sing N N 293 
PHE CZ  HZ   sing N N 294 
PHE OXT HXT  sing N N 295 
PRO N   CA   sing N N 296 
PRO N   CD   sing N N 297 
PRO N   H    sing N N 298 
PRO CA  C    sing N N 299 
PRO CA  CB   sing N N 300 
PRO CA  HA   sing N N 301 
PRO C   O    doub N N 302 
PRO C   OXT  sing N N 303 
PRO CB  CG   sing N N 304 
PRO CB  HB2  sing N N 305 
PRO CB  HB3  sing N N 306 
PRO CG  CD   sing N N 307 
PRO CG  HG2  sing N N 308 
PRO CG  HG3  sing N N 309 
PRO CD  HD2  sing N N 310 
PRO CD  HD3  sing N N 311 
PRO OXT HXT  sing N N 312 
SER N   CA   sing N N 313 
SER N   H    sing N N 314 
SER N   H2   sing N N 315 
SER CA  C    sing N N 316 
SER CA  CB   sing N N 317 
SER CA  HA   sing N N 318 
SER C   O    doub N N 319 
SER C   OXT  sing N N 320 
SER CB  OG   sing N N 321 
SER CB  HB2  sing N N 322 
SER CB  HB3  sing N N 323 
SER OG  HG   sing N N 324 
SER OXT HXT  sing N N 325 
THR N   CA   sing N N 326 
THR N   H    sing N N 327 
THR N   H2   sing N N 328 
THR CA  C    sing N N 329 
THR CA  CB   sing N N 330 
THR CA  HA   sing N N 331 
THR C   O    doub N N 332 
THR C   OXT  sing N N 333 
THR CB  OG1  sing N N 334 
THR CB  CG2  sing N N 335 
THR CB  HB   sing N N 336 
THR OG1 HG1  sing N N 337 
THR CG2 HG21 sing N N 338 
THR CG2 HG22 sing N N 339 
THR CG2 HG23 sing N N 340 
THR OXT HXT  sing N N 341 
TRP N   CA   sing N N 342 
TRP N   H    sing N N 343 
TRP N   H2   sing N N 344 
TRP CA  C    sing N N 345 
TRP CA  CB   sing N N 346 
TRP CA  HA   sing N N 347 
TRP C   O    doub N N 348 
TRP C   OXT  sing N N 349 
TRP CB  CG   sing N N 350 
TRP CB  HB2  sing N N 351 
TRP CB  HB3  sing N N 352 
TRP CG  CD1  doub Y N 353 
TRP CG  CD2  sing Y N 354 
TRP CD1 NE1  sing Y N 355 
TRP CD1 HD1  sing N N 356 
TRP CD2 CE2  doub Y N 357 
TRP CD2 CE3  sing Y N 358 
TRP NE1 CE2  sing Y N 359 
TRP NE1 HE1  sing N N 360 
TRP CE2 CZ2  sing Y N 361 
TRP CE3 CZ3  doub Y N 362 
TRP CE3 HE3  sing N N 363 
TRP CZ2 CH2  doub Y N 364 
TRP CZ2 HZ2  sing N N 365 
TRP CZ3 CH2  sing Y N 366 
TRP CZ3 HZ3  sing N N 367 
TRP CH2 HH2  sing N N 368 
TRP OXT HXT  sing N N 369 
TYR N   CA   sing N N 370 
TYR N   H    sing N N 371 
TYR N   H2   sing N N 372 
TYR CA  C    sing N N 373 
TYR CA  CB   sing N N 374 
TYR CA  HA   sing N N 375 
TYR C   O    doub N N 376 
TYR C   OXT  sing N N 377 
TYR CB  CG   sing N N 378 
TYR CB  HB2  sing N N 379 
TYR CB  HB3  sing N N 380 
TYR CG  CD1  doub Y N 381 
TYR CG  CD2  sing Y N 382 
TYR CD1 CE1  sing Y N 383 
TYR CD1 HD1  sing N N 384 
TYR CD2 CE2  doub Y N 385 
TYR CD2 HD2  sing N N 386 
TYR CE1 CZ   doub Y N 387 
TYR CE1 HE1  sing N N 388 
TYR CE2 CZ   sing Y N 389 
TYR CE2 HE2  sing N N 390 
TYR CZ  OH   sing N N 391 
TYR OH  HH   sing N N 392 
TYR OXT HXT  sing N N 393 
VAL N   CA   sing N N 394 
VAL N   H    sing N N 395 
VAL N   H2   sing N N 396 
VAL CA  C    sing N N 397 
VAL CA  CB   sing N N 398 
VAL CA  HA   sing N N 399 
VAL C   O    doub N N 400 
VAL C   OXT  sing N N 401 
VAL CB  CG1  sing N N 402 
VAL CB  CG2  sing N N 403 
VAL CB  HB   sing N N 404 
VAL CG1 HG11 sing N N 405 
VAL CG1 HG12 sing N N 406 
VAL CG1 HG13 sing N N 407 
VAL CG2 HG21 sing N N 408 
VAL CG2 HG22 sing N N 409 
VAL CG2 HG23 sing N N 410 
VAL OXT HXT  sing N N 411 
# 
_pdbx_deposit_group.group_id            G_1002081 
_pdbx_deposit_group.group_description   
;Human Brachyury G177D variant screened against the DSI-poised Fragment Library by X-ray Crystallography at the XChem facility of Diamond Light Source beamline I04-1
;
_pdbx_deposit_group.group_title         'PanDDA analysis group deposition' 
_pdbx_deposit_group.group_type          'changed state' 
# 
_pdbx_entity_instance_feature.ordinal        1 
_pdbx_entity_instance_feature.comp_id        JMM 
_pdbx_entity_instance_feature.asym_id        ? 
_pdbx_entity_instance_feature.seq_num        ? 
_pdbx_entity_instance_feature.auth_comp_id   JMM 
_pdbx_entity_instance_feature.auth_asym_id   ? 
_pdbx_entity_instance_feature.auth_seq_num   ? 
_pdbx_entity_instance_feature.feature_type   'SUBJECT OF INVESTIGATION' 
_pdbx_entity_instance_feature.details        ? 
# 
_atom_sites.entry_id                    5QS7 
_atom_sites.fract_transf_matrix[1][1]   0.00240339 
_atom_sites.fract_transf_matrix[1][2]   0.01027340 
_atom_sites.fract_transf_matrix[1][3]   0.00484048 
_atom_sites.fract_transf_matrix[2][1]   -0.00228078 
_atom_sites.fract_transf_matrix[2][2]   0.00981128 
_atom_sites.fract_transf_matrix[2][3]   -0.00577111 
_atom_sites.fract_transf_matrix[3][1]   -0.00919805 
_atom_sites.fract_transf_matrix[3][2]   0.00024379 
_atom_sites.fract_transf_matrix[3][3]   0.00404959 
_atom_sites.fract_transf_vector[1]      -0.176826 
_atom_sites.fract_transf_vector[2]      -0.362557 
_atom_sites.fract_transf_vector[3]      -0.016864 
# 
loop_
_atom_type.symbol 
C 
N 
O 
S 
# 
loop_
_atom_site.group_PDB 
_atom_site.id 
_atom_site.type_symbol 
_atom_site.label_atom_id 
_atom_site.label_alt_id 
_atom_site.label_comp_id 
_atom_site.label_asym_id 
_atom_site.label_entity_id 
_atom_site.label_seq_id 
_atom_site.pdbx_PDB_ins_code 
_atom_site.Cartn_x 
_atom_site.Cartn_y 
_atom_site.Cartn_z 
_atom_site.occupancy 
_atom_site.B_iso_or_equiv 
_atom_site.pdbx_formal_charge 
_atom_site.auth_seq_id 
_atom_site.auth_comp_id 
_atom_site.auth_asym_id 
_atom_site.auth_atom_id 
_atom_site.pdbx_PDB_model_num 
ATOM   1    N N   . GLU A 1 2   ? -7.510  20.451  -10.903 1.00 39.66 ? 41  GLU A N   1 
ATOM   2    C CA  . GLU A 1 2   ? -7.528  19.880  -9.532  1.00 39.51 ? 41  GLU A CA  1 
ATOM   3    C C   . GLU A 1 2   ? -6.690  18.592  -9.497  1.00 34.75 ? 41  GLU A C   1 
ATOM   4    O O   . GLU A 1 2   ? -6.854  17.766  -10.420 1.00 32.40 ? 41  GLU A O   1 
ATOM   5    C CB  . GLU A 1 2   ? -8.969  19.567  -9.135  1.00 46.04 ? 41  GLU A CB  1 
ATOM   6    C CG  . GLU A 1 2   ? -9.128  19.179  -7.680  1.00 49.89 ? 41  GLU A CG  1 
ATOM   7    C CD  . GLU A 1 2   ? -9.200  20.358  -6.730  1.00 54.02 ? 41  GLU A CD  1 
ATOM   8    O OE1 . GLU A 1 2   ? -9.716  20.167  -5.618  1.00 50.54 ? 41  GLU A OE1 1 
ATOM   9    O OE2 . GLU A 1 2   ? -8.745  21.465  -7.111  1.00 56.24 ? 41  GLU A OE2 1 
ATOM   10   N N   . LEU A 1 3   ? -5.865  18.403  -8.462  1.00 29.93 ? 42  LEU A N   1 
ATOM   11   C CA  . LEU A 1 3   ? -5.101  17.135  -8.288  1.00 28.69 ? 42  LEU A CA  1 
ATOM   12   C C   . LEU A 1 3   ? -6.096  16.010  -8.001  1.00 27.63 ? 42  LEU A C   1 
ATOM   13   O O   . LEU A 1 3   ? -6.905  16.115  -7.052  1.00 28.84 ? 42  LEU A O   1 
ATOM   14   C CB  . LEU A 1 3   ? -4.064  17.220  -7.166  1.00 26.68 ? 42  LEU A CB  1 
ATOM   15   C CG  . LEU A 1 3   ? -3.372  15.893  -6.832  1.00 27.92 ? 42  LEU A CG  1 
ATOM   16   C CD1 . LEU A 1 3   ? -2.603  15.346  -8.027  1.00 28.31 ? 42  LEU A CD1 1 
ATOM   17   C CD2 . LEU A 1 3   ? -2.440  16.045  -5.653  1.00 28.44 ? 42  LEU A CD2 1 
ATOM   18   N N   . ARG A 1 4   ? -5.998  14.938  -8.788  0.44 27.53 ? 43  ARG A N   1 
ATOM   19   C CA  . ARG A 1 4   ? -6.869  13.737  -8.714  0.44 27.69 ? 43  ARG A CA  1 
ATOM   20   C C   . ARG A 1 4   ? -5.985  12.490  -8.810  0.44 26.69 ? 43  ARG A C   1 
ATOM   21   O O   . ARG A 1 4   ? -5.224  12.391  -9.791  0.44 26.68 ? 43  ARG A O   1 
ATOM   22   C CB  . ARG A 1 4   ? -7.894  13.804  -9.848  0.44 28.69 ? 43  ARG A CB  1 
ATOM   23   C CG  . ARG A 1 4   ? -8.910  12.672  -9.869  0.44 29.61 ? 43  ARG A CG  1 
ATOM   24   C CD  . ARG A 1 4   ? -10.123 13.105  -10.670 0.44 30.24 ? 43  ARG A CD  1 
ATOM   25   N NE  . ARG A 1 4   ? -10.870 12.000  -11.255 0.44 30.80 ? 43  ARG A NE  1 
ATOM   26   C CZ  . ARG A 1 4   ? -11.778 12.128  -12.221 0.44 31.08 ? 43  ARG A CZ  1 
ATOM   27   N NH1 . ARG A 1 4   ? -12.407 11.057  -12.681 0.44 30.73 ? 43  ARG A NH1 1 
ATOM   28   N NH2 . ARG A 1 4   ? -12.060 13.319  -12.724 0.44 30.24 ? 43  ARG A NH2 1 
ATOM   29   N N   . VAL A 1 5   ? -6.078  11.590  -7.826  1.00 26.11 ? 44  VAL A N   1 
ATOM   30   C CA  . VAL A 1 5   ? -5.299  10.325  -7.803  1.00 24.77 ? 44  VAL A CA  1 
ATOM   31   C C   . VAL A 1 5   ? -6.322  9.198   -7.714  1.00 25.72 ? 44  VAL A C   1 
ATOM   32   O O   . VAL A 1 5   ? -6.916  9.036   -6.643  1.00 29.48 ? 44  VAL A O   1 
ATOM   33   C CB  . VAL A 1 5   ? -4.286  10.297  -6.645  1.00 23.70 ? 44  VAL A CB  1 
ATOM   34   C CG1 . VAL A 1 5   ? -3.442  9.033   -6.676  1.00 24.09 ? 44  VAL A CG1 1 
ATOM   35   C CG2 . VAL A 1 5   ? -3.394  11.530  -6.658  1.00 22.59 ? 44  VAL A CG2 1 
ATOM   36   N N   . GLY A 1 6   ? -6.502  8.477   -8.818  1.00 25.32 ? 45  GLY A N   1 
ATOM   37   C CA  . GLY A 1 6   ? -7.511  7.418   -8.968  1.00 24.00 ? 45  GLY A CA  1 
ATOM   38   C C   . GLY A 1 6   ? -6.886  6.053   -8.820  1.00 23.46 ? 45  GLY A C   1 
ATOM   39   O O   . GLY A 1 6   ? -5.832  5.801   -9.407  1.00 23.81 ? 45  GLY A O   1 
ATOM   40   N N   . LEU A 1 7   ? -7.530  5.175   -8.060  1.00 23.90 ? 46  LEU A N   1 
ATOM   41   C CA  . LEU A 1 7   ? -7.072  3.779   -7.943  1.00 22.38 ? 46  LEU A CA  1 
ATOM   42   C C   . LEU A 1 7   ? -7.344  3.058   -9.265  1.00 23.04 ? 46  LEU A C   1 
ATOM   43   O O   . LEU A 1 7   ? -8.501  3.099   -9.742  1.00 24.10 ? 46  LEU A O   1 
ATOM   44   C CB  . LEU A 1 7   ? -7.814  3.094   -6.799  1.00 22.26 ? 46  LEU A CB  1 
ATOM   45   C CG  . LEU A 1 7   ? -7.433  1.636   -6.587  1.00 22.07 ? 46  LEU A CG  1 
ATOM   46   C CD1 . LEU A 1 7   ? -5.986  1.503   -6.153  1.00 22.99 ? 46  LEU A CD1 1 
ATOM   47   C CD2 . LEU A 1 7   ? -8.367  0.999   -5.567  1.00 23.06 ? 46  LEU A CD2 1 
ATOM   48   N N   . GLU A 1 8   ? -6.321  2.408   -9.809  1.00 23.66 ? 47  GLU A N   1 
ATOM   49   C CA  . GLU A 1 8   ? -6.449  1.528   -10.997 1.00 25.25 ? 47  GLU A CA  1 
ATOM   50   C C   . GLU A 1 8   ? -6.923  0.144   -10.544 1.00 24.25 ? 47  GLU A C   1 
ATOM   51   O O   . GLU A 1 8   ? -6.595  -0.270  -9.417  1.00 24.41 ? 47  GLU A O   1 
ATOM   52   C CB  . GLU A 1 8   ? -5.113  1.427   -11.718 1.00 26.69 ? 47  GLU A CB  1 
ATOM   53   C CG  . GLU A 1 8   ? -4.739  2.724   -12.388 1.00 27.36 ? 47  GLU A CG  1 
ATOM   54   C CD  . GLU A 1 8   ? -5.262  2.843   -13.805 1.00 29.51 ? 47  GLU A CD  1 
ATOM   55   O OE1 . GLU A 1 8   ? -5.554  3.978   -14.223 1.00 28.71 ? 47  GLU A OE1 1 
ATOM   56   O OE2 . GLU A 1 8   ? -5.367  1.794   -14.487 1.00 29.94 ? 47  GLU A OE2 1 
ATOM   57   N N   . GLU A 1 9   ? -7.690  -0.543  -11.384 1.00 25.51 ? 48  GLU A N   1 
ATOM   58   C CA  . GLU A 1 9   ? -8.131  -1.932  -11.099 1.00 25.91 ? 48  GLU A CA  1 
ATOM   59   C C   . GLU A 1 9   ? -8.896  -1.956  -9.770  1.00 24.34 ? 48  GLU A C   1 
ATOM   60   O O   . GLU A 1 9   ? -8.747  -2.921  -9.002  1.00 24.81 ? 48  GLU A O   1 
ATOM   61   C CB  . GLU A 1 9   ? -6.904  -2.849  -11.108 1.00 27.87 ? 48  GLU A CB  1 
ATOM   62   C CG  . GLU A 1 9   ? -6.209  -2.867  -12.453 1.00 30.42 ? 48  GLU A CG  1 
ATOM   63   C CD  . GLU A 1 9   ? -4.947  -3.699  -12.539 1.00 37.23 ? 48  GLU A CD  1 
ATOM   64   O OE1 . GLU A 1 9   ? -4.646  -4.429  -11.574 1.00 40.80 ? 48  GLU A OE1 1 
ATOM   65   O OE2 . GLU A 1 9   ? -4.261  -3.610  -13.577 1.00 41.87 ? 48  GLU A OE2 1 
ATOM   66   N N   . SER A 1 10  ? -9.707  -0.934  -9.511  1.00 24.12 ? 49  SER A N   1 
ATOM   67   C CA  . SER A 1 10  ? -10.511 -0.835  -8.272  1.00 25.13 ? 49  SER A CA  1 
ATOM   68   C C   . SER A 1 10  ? -11.451 -2.044  -8.178  1.00 26.44 ? 49  SER A C   1 
ATOM   69   O O   . SER A 1 10  ? -11.607 -2.555  -7.073  1.00 25.21 ? 49  SER A O   1 
ATOM   70   C CB  . SER A 1 10  ? -11.256 0.456   -8.194  1.00 26.06 ? 49  SER A CB  1 
ATOM   71   O OG  . SER A 1 10  ? -12.091 0.619   -9.328  1.00 27.87 ? 49  SER A OG  1 
ATOM   72   N N   . GLU A 1 11  ? -12.020 -2.513  -9.295  1.00 26.83 ? 50  GLU A N   1 
ATOM   73   C CA  . GLU A 1 11  ? -12.938 -3.684  -9.276  1.00 29.03 ? 50  GLU A CA  1 
ATOM   74   C C   . GLU A 1 11  ? -12.171 -4.915  -8.766  1.00 25.81 ? 50  GLU A C   1 
ATOM   75   O O   . GLU A 1 11  ? -12.746 -5.681  -7.953  1.00 26.11 ? 50  GLU A O   1 
ATOM   76   C CB  . GLU A 1 11  ? -13.533 -3.911  -10.666 1.00 33.50 ? 50  GLU A CB  1 
ATOM   77   C CG  . GLU A 1 11  ? -14.711 -4.863  -10.670 1.00 41.11 ? 50  GLU A CG  1 
ATOM   78   C CD  . GLU A 1 11  ? -15.457 -4.913  -11.996 1.00 44.78 ? 50  GLU A CD  1 
ATOM   79   O OE1 . GLU A 1 11  ? -15.577 -3.852  -12.651 1.00 46.66 ? 50  GLU A OE1 1 
ATOM   80   O OE2 . GLU A 1 11  ? -15.905 -6.020  -12.375 1.00 54.96 ? 50  GLU A OE2 1 
ATOM   81   N N   . LEU A 1 12  ? -10.928 -5.110  -9.213  1.00 24.39 ? 51  LEU A N   1 
ATOM   82   C CA  . LEU A 1 12  ? -10.057 -6.238  -8.770  1.00 25.02 ? 51  LEU A CA  1 
ATOM   83   C C   . LEU A 1 12  ? -9.790  -6.115  -7.266  1.00 24.67 ? 51  LEU A C   1 
ATOM   84   O O   . LEU A 1 12  ? -9.992  -7.113  -6.516  1.00 23.27 ? 51  LEU A O   1 
ATOM   85   C CB  . LEU A 1 12  ? -8.760  -6.247  -9.582  1.00 26.45 ? 51  LEU A CB  1 
ATOM   86   C CG  . LEU A 1 12  ? -7.710  -7.266  -9.135  1.00 28.46 ? 51  LEU A CG  1 
ATOM   87   C CD1 . LEU A 1 12  ? -8.219  -8.690  -9.278  1.00 30.54 ? 51  LEU A CD1 1 
ATOM   88   C CD2 . LEU A 1 12  ? -6.412  -7.082  -9.896  1.00 29.58 ? 51  LEU A CD2 1 
ATOM   89   N N   . TRP A 1 13  ? -9.398  -4.927  -6.807  1.00 23.79 ? 52  TRP A N   1 
ATOM   90   C CA  . TRP A 1 13  ? -9.161  -4.704  -5.358  1.00 23.90 ? 52  TRP A CA  1 
ATOM   91   C C   . TRP A 1 13  ? -10.434 -5.035  -4.569  1.00 24.35 ? 52  TRP A C   1 
ATOM   92   O O   . TRP A 1 13  ? -10.328 -5.698  -3.524  1.00 23.07 ? 52  TRP A O   1 
ATOM   93   C CB  . TRP A 1 13  ? -8.691  -3.273  -5.100  1.00 22.70 ? 52  TRP A CB  1 
ATOM   94   C CG  . TRP A 1 13  ? -7.233  -3.067  -5.350  1.00 22.54 ? 52  TRP A CG  1 
ATOM   95   C CD1 . TRP A 1 13  ? -6.653  -2.434  -6.409  1.00 22.32 ? 52  TRP A CD1 1 
ATOM   96   C CD2 . TRP A 1 13  ? -6.162  -3.460  -4.480  1.00 22.31 ? 52  TRP A CD2 1 
ATOM   97   N NE1 . TRP A 1 13  ? -5.294  -2.442  -6.281  1.00 22.47 ? 52  TRP A NE1 1 
ATOM   98   C CE2 . TRP A 1 13  ? -4.962  -3.039  -5.091  1.00 22.46 ? 52  TRP A CE2 1 
ATOM   99   C CE3 . TRP A 1 13  ? -6.102  -4.128  -3.252  1.00 21.90 ? 52  TRP A CE3 1 
ATOM   100  C CZ2 . TRP A 1 13  ? -3.719  -3.248  -4.501  1.00 22.56 ? 52  TRP A CZ2 1 
ATOM   101  C CZ3 . TRP A 1 13  ? -4.870  -4.334  -2.672  1.00 21.60 ? 52  TRP A CZ3 1 
ATOM   102  C CH2 . TRP A 1 13  ? -3.696  -3.910  -3.293  1.00 22.53 ? 52  TRP A CH2 1 
ATOM   103  N N   . LEU A 1 14  ? -11.604 -4.628  -5.062  1.00 26.62 ? 53  LEU A N   1 
ATOM   104  C CA  . LEU A 1 14  ? -12.874 -4.825  -4.316  1.00 27.48 ? 53  LEU A CA  1 
ATOM   105  C C   . LEU A 1 14  ? -13.232 -6.322  -4.230  1.00 26.36 ? 53  LEU A C   1 
ATOM   106  O O   . LEU A 1 14  ? -13.818 -6.699  -3.216  1.00 26.62 ? 53  LEU A O   1 
ATOM   107  C CB  . LEU A 1 14  ? -13.994 -3.982  -4.941  1.00 30.26 ? 53  LEU A CB  1 
ATOM   108  C CG  . LEU A 1 14  ? -14.045 -2.508  -4.510  1.00 32.24 ? 53  LEU A CG  1 
ATOM   109  C CD1 . LEU A 1 14  ? -14.010 -2.352  -2.995  1.00 33.52 ? 53  LEU A CD1 1 
ATOM   110  C CD2 . LEU A 1 14  ? -12.917 -1.700  -5.119  1.00 36.20 ? 53  LEU A CD2 1 
ATOM   111  N N   . ARG A 1 15  ? -12.853 -7.149  -5.211  1.00 27.07 ? 54  ARG A N   1 
ATOM   112  C CA  . ARG A 1 15  ? -13.044 -8.633  -5.176  1.00 28.21 ? 54  ARG A CA  1 
ATOM   113  C C   . ARG A 1 15  ? -12.272 -9.227  -3.997  1.00 26.66 ? 54  ARG A C   1 
ATOM   114  O O   . ARG A 1 15  ? -12.816 -10.097 -3.293  1.00 27.09 ? 54  ARG A O   1 
ATOM   115  C CB  . ARG A 1 15  ? -12.575 -9.300  -6.474  1.00 31.92 ? 54  ARG A CB  1 
ATOM   116  C CG  . ARG A 1 15  ? -13.540 -9.133  -7.638  1.00 36.16 ? 54  ARG A CG  1 
ATOM   117  C CD  . ARG A 1 15  ? -13.034 -9.761  -8.923  1.00 42.03 ? 54  ARG A CD  1 
ATOM   118  N NE  . ARG A 1 15  ? -13.597 -9.105  -10.102 1.00 47.06 ? 54  ARG A NE  1 
ATOM   119  C CZ  . ARG A 1 15  ? -14.833 -9.290  -10.568 1.00 51.72 ? 54  ARG A CZ  1 
ATOM   120  N NH1 . ARG A 1 15  ? -15.664 -10.128 -9.966  1.00 51.54 ? 54  ARG A NH1 1 
ATOM   121  N NH2 . ARG A 1 15  ? -15.238 -8.637  -11.646 1.00 52.94 ? 54  ARG A NH2 1 
ATOM   122  N N   . PHE A 1 16  ? -11.060 -8.732  -3.755  1.00 24.42 ? 55  PHE A N   1 
ATOM   123  C CA  . PHE A 1 16  ? -10.226 -9.160  -2.607  1.00 24.82 ? 55  PHE A CA  1 
ATOM   124  C C   . PHE A 1 16  ? -10.818 -8.569  -1.335  1.00 24.09 ? 55  PHE A C   1 
ATOM   125  O O   . PHE A 1 16  ? -10.965 -9.330  -0.372  1.00 24.76 ? 55  PHE A O   1 
ATOM   126  C CB  . PHE A 1 16  ? -8.764  -8.759  -2.778  1.00 23.60 ? 55  PHE A CB  1 
ATOM   127  C CG  . PHE A 1 16  ? -8.020  -9.633  -3.746  1.00 23.92 ? 55  PHE A CG  1 
ATOM   128  C CD1 . PHE A 1 16  ? -7.364  -10.769 -3.301  1.00 25.62 ? 55  PHE A CD1 1 
ATOM   129  C CD2 . PHE A 1 16  ? -8.005  -9.344  -5.099  1.00 25.34 ? 55  PHE A CD2 1 
ATOM   130  C CE1 . PHE A 1 16  ? -6.677  -11.579 -4.190  1.00 25.30 ? 55  PHE A CE1 1 
ATOM   131  C CE2 . PHE A 1 16  ? -7.336  -10.168 -5.996  1.00 25.87 ? 55  PHE A CE2 1 
ATOM   132  C CZ  . PHE A 1 16  ? -6.668  -11.282 -5.539  1.00 26.79 ? 55  PHE A CZ  1 
ATOM   133  N N   . LYS A 1 17  ? -11.167 -7.278  -1.344  1.00 23.01 ? 56  LYS A N   1 
ATOM   134  C CA  . LYS A 1 17  ? -11.659 -6.614  -0.110  1.00 24.11 ? 56  LYS A CA  1 
ATOM   135  C C   . LYS A 1 17  ? -12.931 -7.320  0.377   1.00 25.41 ? 56  LYS A C   1 
ATOM   136  O O   . LYS A 1 17  ? -13.103 -7.428  1.601   1.00 26.38 ? 56  LYS A O   1 
ATOM   137  C CB  . LYS A 1 17  ? -11.884 -5.109  -0.288  1.00 25.19 ? 56  LYS A CB  1 
ATOM   138  C CG  . LYS A 1 17  ? -12.243 -4.406  1.018   1.00 27.41 ? 56  LYS A CG  1 
ATOM   139  C CD  . LYS A 1 17  ? -12.281 -2.894  0.954   1.00 28.35 ? 56  LYS A CD  1 
ATOM   140  C CE  . LYS A 1 17  ? -12.869 -2.291  2.211   1.00 29.08 ? 56  LYS A CE  1 
ATOM   141  N NZ  . LYS A 1 17  ? -12.592 -0.840  2.307   1.00 30.23 ? 56  LYS A NZ  1 
ATOM   142  N N   . GLU A 1 18  ? -13.791 -7.811  -0.515  1.00 28.40 ? 57  GLU A N   1 
ATOM   143  C CA  . GLU A 1 18  ? -15.076 -8.406  -0.055  1.00 33.12 ? 57  GLU A CA  1 
ATOM   144  C C   . GLU A 1 18  ? -14.790 -9.700  0.723   1.00 31.00 ? 57  GLU A C   1 
ATOM   145  O O   . GLU A 1 18  ? -15.605 -10.025 1.606   1.00 31.91 ? 57  GLU A O   1 
ATOM   146  C CB  . GLU A 1 18  ? -16.085 -8.539  -1.195  1.00 38.81 ? 57  GLU A CB  1 
ATOM   147  C CG  . GLU A 1 18  ? -15.793 -9.619  -2.202  1.00 44.87 ? 57  GLU A CG  1 
ATOM   148  C CD  . GLU A 1 18  ? -16.954 -9.830  -3.161  1.00 51.42 ? 57  GLU A CD  1 
ATOM   149  O OE1 . GLU A 1 18  ? -18.105 -9.887  -2.679  1.00 57.51 ? 57  GLU A OE1 1 
ATOM   150  O OE2 . GLU A 1 18  ? -16.711 -9.902  -4.386  1.00 54.82 ? 57  GLU A OE2 1 
ATOM   151  N N   . LEU A 1 19  ? -13.666 -10.371 0.468   1.00 27.73 ? 58  LEU A N   1 
ATOM   152  C CA  . LEU A 1 19  ? -13.249 -11.605 1.192   1.00 29.31 ? 58  LEU A CA  1 
ATOM   153  C C   . LEU A 1 19  ? -12.476 -11.238 2.463   1.00 27.55 ? 58  LEU A C   1 
ATOM   154  O O   . LEU A 1 19  ? -12.234 -12.128 3.289   1.00 25.48 ? 58  LEU A O   1 
ATOM   155  C CB  . LEU A 1 19  ? -12.331 -12.443 0.297   1.00 29.93 ? 58  LEU A CB  1 
ATOM   156  C CG  . LEU A 1 19  ? -12.884 -12.903 -1.047  1.00 32.80 ? 58  LEU A CG  1 
ATOM   157  C CD1 . LEU A 1 19  ? -11.899 -13.865 -1.694  1.00 32.76 ? 58  LEU A CD1 1 
ATOM   158  C CD2 . LEU A 1 19  ? -14.242 -13.567 -0.891  1.00 34.49 ? 58  LEU A CD2 1 
ATOM   159  N N   . THR A 1 20  ? -12.093 -9.969  2.588   1.00 25.01 ? 59  THR A N   1 
ATOM   160  C CA  . THR A 1 20  ? -11.009 -9.473  3.472   1.00 24.79 ? 59  THR A CA  1 
ATOM   161  C C   . THR A 1 20  ? -9.678  -9.826  2.821   1.00 22.60 ? 59  THR A C   1 
ATOM   162  O O   . THR A 1 20  ? -9.306  -11.009 2.762   1.00 21.45 ? 59  THR A O   1 
ATOM   163  C CB  . THR A 1 20  ? -11.082 -9.974  4.921   1.00 25.05 ? 59  THR A CB  1 
ATOM   164  O OG1 . THR A 1 20  ? -12.364 -9.626  5.451   1.00 27.68 ? 59  THR A OG1 1 
ATOM   165  C CG2 . THR A 1 20  ? -9.986  -9.381  5.780   1.00 24.68 ? 59  THR A CG2 1 
ATOM   166  N N   . ASN A 1 21  ? -8.961  -8.809  2.364   1.00 22.18 ? 60  ASN A N   1 
ATOM   167  C CA  . ASN A 1 21  ? -7.688  -8.986  1.641   1.00 21.28 ? 60  ASN A CA  1 
ATOM   168  C C   . ASN A 1 21  ? -6.593  -9.386  2.633   1.00 21.49 ? 60  ASN A C   1 
ATOM   169  O O   . ASN A 1 21  ? -6.617  -8.946  3.805   1.00 22.27 ? 60  ASN A O   1 
ATOM   170  C CB  . ASN A 1 21  ? -7.331  -7.734  0.835   1.00 21.53 ? 60  ASN A CB  1 
ATOM   171  C CG  . ASN A 1 21  ? -6.435  -8.032  -0.345  1.00 21.86 ? 60  ASN A CG  1 
ATOM   172  O OD1 . ASN A 1 21  ? -5.985  -9.160  -0.517  1.00 22.39 ? 60  ASN A OD1 1 
ATOM   173  N ND2 . ASN A 1 21  ? -6.175  -7.021  -1.165  1.00 22.91 ? 60  ASN A ND2 1 
ATOM   174  N N   . GLU A 1 22  ? -5.685  -10.239 2.178   1.00 20.28 ? 61  GLU A N   1 
ATOM   175  C CA  . GLU A 1 22  ? -4.489  -10.680 2.927   1.00 21.87 ? 61  GLU A CA  1 
ATOM   176  C C   . GLU A 1 22  ? -3.268  -10.437 2.045   1.00 22.36 ? 61  GLU A C   1 
ATOM   177  O O   . GLU A 1 22  ? -3.373  -10.667 0.824   1.00 24.28 ? 61  GLU A O   1 
ATOM   178  C CB  . GLU A 1 22  ? -4.579  -12.160 3.296   1.00 22.40 ? 61  GLU A CB  1 
ATOM   179  C CG  . GLU A 1 22  ? -5.837  -12.528 4.047   1.00 21.26 ? 61  GLU A CG  1 
ATOM   180  C CD  . GLU A 1 22  ? -5.919  -14.010 4.382   1.00 21.08 ? 61  GLU A CD  1 
ATOM   181  O OE1 . GLU A 1 22  ? -7.034  -14.563 4.358   1.00 24.07 ? 61  GLU A OE1 1 
ATOM   182  O OE2 . GLU A 1 22  ? -4.873  -14.584 4.699   1.00 22.36 ? 61  GLU A OE2 1 
ATOM   183  N N   . MET A 1 23  ? -2.163  -9.987  2.635   1.00 21.73 ? 62  MET A N   1 
ATOM   184  C CA  . MET A 1 23  ? -0.858  -9.908  1.949   1.00 23.26 ? 62  MET A CA  1 
ATOM   185  C C   . MET A 1 23  ? 0.145   -10.687 2.788   1.00 22.14 ? 62  MET A C   1 
ATOM   186  O O   . MET A 1 23  ? 0.239   -10.428 3.998   1.00 23.27 ? 62  MET A O   1 
ATOM   187  C CB  . MET A 1 23  ? -0.367  -8.470  1.766   1.00 23.34 ? 62  MET A CB  1 
ATOM   188  C CG  . MET A 1 23  ? -1.297  -7.632  0.940   1.00 24.03 ? 62  MET A CG  1 
ATOM   189  S SD  . MET A 1 23  ? -1.128  -8.002  -0.843  1.00 24.04 ? 62  MET A SD  1 
ATOM   190  C CE  . MET A 1 23  ? -2.430  -6.962  -1.498  1.00 23.53 ? 62  MET A CE  1 
ATOM   191  N N   . ILE A 1 24  ? 0.876   -11.588 2.145   1.00 23.76 ? 63  ILE A N   1 
ATOM   192  C CA  . ILE A 1 24  ? 1.972   -12.367 2.785   1.00 25.87 ? 63  ILE A CA  1 
ATOM   193  C C   . ILE A 1 24  ? 3.113   -11.419 3.144   1.00 26.06 ? 63  ILE A C   1 
ATOM   194  O O   . ILE A 1 24  ? 3.525   -10.640 2.270   1.00 27.46 ? 63  ILE A O   1 
ATOM   195  C CB  . ILE A 1 24  ? 2.508   -13.478 1.866   1.00 29.01 ? 63  ILE A CB  1 
ATOM   196  C CG1 . ILE A 1 24  ? 1.414   -14.400 1.324   1.00 33.33 ? 63  ILE A CG1 1 
ATOM   197  C CG2 . ILE A 1 24  ? 3.601   -14.244 2.590   1.00 30.55 ? 63  ILE A CG2 1 
ATOM   198  C CD1 . ILE A 1 24  ? 0.719   -15.205 2.375   1.00 33.80 ? 63  ILE A CD1 1 
ATOM   199  N N   . VAL A 1 25  ? 3.640   -11.551 4.361   1.00 26.01 ? 64  VAL A N   1 
ATOM   200  C CA  . VAL A 1 25  ? 4.907   -10.922 4.819   1.00 25.65 ? 64  VAL A CA  1 
ATOM   201  C C   . VAL A 1 25  ? 5.899   -12.063 5.063   1.00 30.61 ? 64  VAL A C   1 
ATOM   202  O O   . VAL A 1 25  ? 5.482   -13.112 5.611   1.00 29.78 ? 64  VAL A O   1 
ATOM   203  C CB  . VAL A 1 25  ? 4.722   -10.027 6.059   1.00 25.84 ? 64  VAL A CB  1 
ATOM   204  C CG1 . VAL A 1 25  ? 3.862   -8.812  5.730   1.00 26.62 ? 64  VAL A CG1 1 
ATOM   205  C CG2 . VAL A 1 25  ? 4.148   -10.785 7.254   1.00 25.57 ? 64  VAL A CG2 1 
ATOM   206  N N   . THR A 1 26  ? 7.146   -11.872 4.636   1.00 30.90 ? 65  THR A N   1 
ATOM   207  C CA  . THR A 1 26  ? 8.242   -12.862 4.789   1.00 33.21 ? 65  THR A CA  1 
ATOM   208  C C   . THR A 1 26  ? 9.506   -12.161 5.280   1.00 33.47 ? 65  THR A C   1 
ATOM   209  O O   . THR A 1 26  ? 9.588   -10.914 5.206   1.00 29.28 ? 65  THR A O   1 
ATOM   210  C CB  . THR A 1 26  ? 8.532   -13.610 3.483   1.00 32.83 ? 65  THR A CB  1 
ATOM   211  O OG1 . THR A 1 26  ? 9.000   -12.655 2.530   1.00 33.09 ? 65  THR A OG1 1 
ATOM   212  C CG2 . THR A 1 26  ? 7.332   -14.355 2.947   1.00 34.80 ? 65  THR A CG2 1 
ATOM   213  N N   . LYS A 1 27  ? 10.464  -12.955 5.764   1.00 34.15 ? 66  LYS A N   1 
ATOM   214  C CA  . LYS A 1 27  ? 11.786  -12.466 6.221   1.00 37.01 ? 66  LYS A CA  1 
ATOM   215  C C   . LYS A 1 27  ? 12.392  -11.584 5.123   1.00 33.55 ? 66  LYS A C   1 
ATOM   216  O O   . LYS A 1 27  ? 12.871  -10.470 5.439   1.00 34.57 ? 66  LYS A O   1 
ATOM   217  C CB  . LYS A 1 27  ? 12.701  -13.661 6.518   1.00 41.27 ? 66  LYS A CB  1 
ATOM   218  C CG  . LYS A 1 27  ? 14.095  -13.319 7.026   1.00 48.39 ? 66  LYS A CG  1 
ATOM   219  C CD  . LYS A 1 27  ? 15.000  -14.533 7.135   1.00 53.48 ? 66  LYS A CD  1 
ATOM   220  C CE  . LYS A 1 27  ? 16.329  -14.228 7.794   1.00 59.39 ? 66  LYS A CE  1 
ATOM   221  N NZ  . LYS A 1 27  ? 17.171  -13.335 6.961   1.00 64.27 ? 66  LYS A NZ  1 
ATOM   222  N N   . ASN A 1 28  ? 12.363  -12.068 3.887   1.00 33.52 ? 67  ASN A N   1 
ATOM   223  C CA  . ASN A 1 28  ? 13.108  -11.459 2.753   1.00 37.53 ? 67  ASN A CA  1 
ATOM   224  C C   . ASN A 1 28  ? 12.204  -10.511 1.964   1.00 37.37 ? 67  ASN A C   1 
ATOM   225  O O   . ASN A 1 28  ? 12.728  -9.808  1.075   1.00 37.55 ? 67  ASN A O   1 
ATOM   226  C CB  . ASN A 1 28  ? 13.737  -12.533 1.873   1.00 37.86 ? 67  ASN A CB  1 
ATOM   227  C CG  . ASN A 1 28  ? 14.806  -13.294 2.626   1.00 41.26 ? 67  ASN A CG  1 
ATOM   228  O OD1 . ASN A 1 28  ? 15.526  -12.711 3.438   1.00 40.58 ? 67  ASN A OD1 1 
ATOM   229  N ND2 . ASN A 1 28  ? 14.880  -14.594 2.395   1.00 40.87 ? 67  ASN A ND2 1 
ATOM   230  N N   . GLY A 1 29  ? 10.910  -10.484 2.290   1.00 34.38 ? 68  GLY A N   1 
ATOM   231  C CA  . GLY A 1 29  ? 9.942   -9.534  1.714   1.00 33.06 ? 68  GLY A CA  1 
ATOM   232  C C   . GLY A 1 29  ? 9.231   -10.134 0.523   1.00 31.51 ? 68  GLY A C   1 
ATOM   233  O O   . GLY A 1 29  ? 9.877   -10.877 -0.252  1.00 32.35 ? 68  GLY A O   1 
ATOM   234  N N   . ARG A 1 30  ? 7.944   -9.826  0.376   1.00 29.19 ? 69  ARG A N   1 
ATOM   235  C CA  . ARG A 1 30  ? 7.071   -10.376 -0.682  1.00 29.42 ? 69  ARG A CA  1 
ATOM   236  C C   . ARG A 1 30  ? 6.350   -9.220  -1.380  1.00 29.91 ? 69  ARG A C   1 
ATOM   237  O O   . ARG A 1 30  ? 5.770   -8.352  -0.689  1.00 25.41 ? 69  ARG A O   1 
ATOM   238  C CB  . ARG A 1 30  ? 6.091   -11.390 -0.088  1.00 32.41 ? 69  ARG A CB  1 
ATOM   239  C CG  . ARG A 1 30  ? 5.352   -12.222 -1.121  1.00 37.24 ? 69  ARG A CG  1 
ATOM   240  C CD  . ARG A 1 30  ? 6.232   -13.245 -1.825  1.00 40.31 ? 69  ARG A CD  1 
ATOM   241  N NE  . ARG A 1 30  ? 6.753   -14.301 -0.965  1.00 40.96 ? 69  ARG A NE  1 
ATOM   242  C CZ  . ARG A 1 30  ? 6.070   -15.379 -0.573  1.00 43.68 ? 69  ARG A CZ  1 
ATOM   243  N NH1 . ARG A 1 30  ? 6.648   -16.285 0.198   1.00 44.69 ? 69  ARG A NH1 1 
ATOM   244  N NH2 . ARG A 1 30  ? 4.808   -15.544 -0.932  1.00 44.92 ? 69  ARG A NH2 1 
ATOM   245  N N   . ARG A 1 31  ? 6.399   -9.212  -2.708  1.00 29.35 ? 70  ARG A N   1 
ATOM   246  C CA  . ARG A 1 31  ? 5.668   -8.234  -3.548  1.00 30.83 ? 70  ARG A CA  1 
ATOM   247  C C   . ARG A 1 31  ? 4.170   -8.435  -3.318  1.00 29.18 ? 70  ARG A C   1 
ATOM   248  O O   . ARG A 1 31  ? 3.750   -9.550  -2.939  1.00 27.90 ? 70  ARG A O   1 
ATOM   249  C CB  . ARG A 1 31  ? 6.072   -8.378  -5.020  1.00 32.62 ? 70  ARG A CB  1 
ATOM   250  C CG  . ARG A 1 31  ? 7.436   -7.780  -5.327  1.00 35.67 ? 70  ARG A CG  1 
ATOM   251  C CD  . ARG A 1 31  ? 7.844   -7.877  -6.791  1.00 38.39 ? 70  ARG A CD  1 
ATOM   252  N NE  . ARG A 1 31  ? 8.119   -9.250  -7.185  1.00 44.50 ? 70  ARG A NE  1 
ATOM   253  C CZ  . ARG A 1 31  ? 9.271   -9.896  -6.975  1.00 49.37 ? 70  ARG A CZ  1 
ATOM   254  N NH1 . ARG A 1 31  ? 10.282  -9.293  -6.370  1.00 50.17 ? 70  ARG A NH1 1 
ATOM   255  N NH2 . ARG A 1 31  ? 9.411   -11.151 -7.373  1.00 51.11 ? 70  ARG A NH2 1 
ATOM   256  N N   . MET A 1 32  ? 3.397   -7.373  -3.522  1.00 26.80 ? 71  MET A N   1 
ATOM   257  C CA  . MET A 1 32  ? 1.931   -7.380  -3.334  1.00 27.49 ? 71  MET A CA  1 
ATOM   258  C C   . MET A 1 32  ? 1.239   -7.895  -4.593  1.00 27.78 ? 71  MET A C   1 
ATOM   259  O O   . MET A 1 32  ? 1.701   -7.583  -5.721  1.00 25.65 ? 71  MET A O   1 
ATOM   260  C CB  . MET A 1 32  ? 1.419   -5.973  -3.033  1.00 25.88 ? 71  MET A CB  1 
ATOM   261  C CG  . MET A 1 32  ? 2.036   -5.390  -1.773  1.00 26.33 ? 71  MET A CG  1 
ATOM   262  S SD  . MET A 1 32  ? 1.625   -3.662  -1.578  1.00 27.43 ? 71  MET A SD  1 
ATOM   263  C CE  . MET A 1 32  ? -0.153  -3.802  -1.464  1.00 26.53 ? 71  MET A CE  1 
ATOM   264  N N   . PHE A 1 33  ? 0.137   -8.610  -4.389  1.00 27.02 ? 72  PHE A N   1 
ATOM   265  C CA  . PHE A 1 33  ? -0.913  -8.813  -5.415  1.00 27.64 ? 72  PHE A CA  1 
ATOM   266  C C   . PHE A 1 33  ? -2.280  -8.600  -4.784  1.00 26.69 ? 72  PHE A C   1 
ATOM   267  O O   . PHE A 1 33  ? -2.573  -9.197  -3.748  1.00 31.27 ? 72  PHE A O   1 
ATOM   268  C CB  . PHE A 1 33  ? -0.850  -10.191 -6.079  1.00 27.78 ? 72  PHE A CB  1 
ATOM   269  C CG  . PHE A 1 33  ? -1.818  -10.257 -7.228  1.00 28.53 ? 72  PHE A CG  1 
ATOM   270  C CD1 . PHE A 1 33  ? -1.464  -9.758  -8.471  1.00 32.32 ? 72  PHE A CD1 1 
ATOM   271  C CD2 . PHE A 1 33  ? -3.114  -10.698 -7.039  1.00 29.00 ? 72  PHE A CD2 1 
ATOM   272  C CE1 . PHE A 1 33  ? -2.372  -9.762  -9.518  1.00 30.61 ? 72  PHE A CE1 1 
ATOM   273  C CE2 . PHE A 1 33  ? -4.028  -10.688 -8.083  1.00 31.58 ? 72  PHE A CE2 1 
ATOM   274  C CZ  . PHE A 1 33  ? -3.654  -10.215 -9.320  1.00 32.15 ? 72  PHE A CZ  1 
ATOM   275  N N   . PRO A 1 34  ? -3.172  -7.774  -5.376  1.00 25.81 ? 73  PRO A N   1 
ATOM   276  C CA  . PRO A 1 34  ? -2.847  -6.929  -6.525  1.00 25.88 ? 73  PRO A CA  1 
ATOM   277  C C   . PRO A 1 34  ? -1.745  -5.904  -6.226  1.00 25.13 ? 73  PRO A C   1 
ATOM   278  O O   . PRO A 1 34  ? -1.431  -5.652  -5.072  1.00 23.93 ? 73  PRO A O   1 
ATOM   279  C CB  . PRO A 1 34  ? -4.171  -6.214  -6.847  1.00 27.61 ? 73  PRO A CB  1 
ATOM   280  C CG  . PRO A 1 34  ? -5.236  -7.099  -6.235  1.00 26.31 ? 73  PRO A CG  1 
ATOM   281  C CD  . PRO A 1 34  ? -4.585  -7.663  -4.994  1.00 26.37 ? 73  PRO A CD  1 
ATOM   282  N N   . VAL A 1 35  ? -1.156  -5.364  -7.293  1.00 26.11 ? 74  VAL A N   1 
ATOM   283  C CA  . VAL A 1 35  ? -0.156  -4.267  -7.226  1.00 26.52 ? 74  VAL A CA  1 
ATOM   284  C C   . VAL A 1 35  ? -0.939  -2.957  -7.126  1.00 25.58 ? 74  VAL A C   1 
ATOM   285  O O   . VAL A 1 35  ? -1.906  -2.778  -7.901  1.00 25.59 ? 74  VAL A O   1 
ATOM   286  C CB  . VAL A 1 35  ? 0.769   -4.303  -8.454  1.00 30.44 ? 74  VAL A CB  1 
ATOM   287  C CG1 . VAL A 1 35  ? 1.673   -3.081  -8.511  1.00 31.74 ? 74  VAL A CG1 1 
ATOM   288  C CG2 . VAL A 1 35  ? 1.579   -5.595  -8.491  1.00 30.88 ? 74  VAL A CG2 1 
ATOM   289  N N   . LEU A 1 36  ? -0.531  -2.073  -6.221  1.00 24.74 ? 75  LEU A N   1 
ATOM   290  C CA  . LEU A 1 36  ? -1.116  -0.715  -6.132  1.00 23.98 ? 75  LEU A CA  1 
ATOM   291  C C   . LEU A 1 36  ? -0.660  0.091   -7.349  1.00 23.15 ? 75  LEU A C   1 
ATOM   292  O O   . LEU A 1 36  ? 0.560   0.269   -7.534  1.00 23.35 ? 75  LEU A O   1 
ATOM   293  C CB  . LEU A 1 36  ? -0.674  -0.027  -4.846  1.00 25.62 ? 75  LEU A CB  1 
ATOM   294  C CG  . LEU A 1 36  ? -1.264  1.360   -4.637  1.00 28.80 ? 75  LEU A CG  1 
ATOM   295  C CD1 . LEU A 1 36  ? -2.777  1.289   -4.492  1.00 30.30 ? 75  LEU A CD1 1 
ATOM   296  C CD2 . LEU A 1 36  ? -0.643  2.025   -3.423  1.00 30.12 ? 75  LEU A CD2 1 
ATOM   297  N N   . LYS A 1 37  ? -1.620  0.567   -8.124  1.00 23.36 ? 76  LYS A N   1 
ATOM   298  C CA  . LYS A 1 37  ? -1.378  1.392   -9.329  1.00 24.39 ? 76  LYS A CA  1 
ATOM   299  C C   . LYS A 1 37  ? -2.398  2.510   -9.285  1.00 22.72 ? 76  LYS A C   1 
ATOM   300  O O   . LYS A 1 37  ? -3.560  2.225   -8.947  1.00 21.76 ? 76  LYS A O   1 
ATOM   301  C CB  . LYS A 1 37  ? -1.544  0.578   -10.619 1.00 27.03 ? 76  LYS A CB  1 
ATOM   302  C CG  . LYS A 1 37  ? -0.849  -0.770  -10.628 1.00 31.42 ? 76  LYS A CG  1 
ATOM   303  C CD  . LYS A 1 37  ? -1.100  -1.562  -11.904 1.00 35.28 ? 76  LYS A CD  1 
ATOM   304  C CE  . LYS A 1 37  ? -1.144  -3.057  -11.662 1.00 39.51 ? 76  LYS A CE  1 
ATOM   305  N NZ  . LYS A 1 37  ? -2.274  -3.433  -10.778 1.00 44.52 ? 76  LYS A NZ  1 
ATOM   306  N N   . VAL A 1 38  ? -1.970  3.728   -9.590  1.00 22.22 ? 77  VAL A N   1 
ATOM   307  C CA  . VAL A 1 38  ? -2.876  4.903   -9.557  1.00 22.63 ? 77  VAL A CA  1 
ATOM   308  C C   . VAL A 1 38  ? -2.695  5.710   -10.837 1.00 22.05 ? 77  VAL A C   1 
ATOM   309  O O   . VAL A 1 38  ? -1.605  5.705   -11.416 1.00 23.85 ? 77  VAL A O   1 
ATOM   310  C CB  . VAL A 1 38  ? -2.644  5.754   -8.298  1.00 23.29 ? 77  VAL A CB  1 
ATOM   311  C CG1 . VAL A 1 38  ? -2.960  4.967   -7.040  1.00 24.29 ? 77  VAL A CG1 1 
ATOM   312  C CG2 . VAL A 1 38  ? -1.234  6.321   -8.242  1.00 23.98 ? 77  VAL A CG2 1 
ATOM   313  N N   . ASN A 1 39  ? -3.765  6.380   -11.237 1.00 22.73 ? 78  ASN A N   1 
ATOM   314  C CA  . ASN A 1 39  ? -3.726  7.360   -12.345 1.00 24.35 ? 78  ASN A CA  1 
ATOM   315  C C   . ASN A 1 39  ? -3.739  8.732   -11.682 1.00 23.57 ? 78  ASN A C   1 
ATOM   316  O O   . ASN A 1 39  ? -4.324  8.890   -10.584 1.00 24.58 ? 78  ASN A O   1 
ATOM   317  C CB  . ASN A 1 39  ? -4.828  7.110   -13.365 1.00 25.98 ? 78  ASN A CB  1 
ATOM   318  C CG  . ASN A 1 39  ? -6.193  7.075   -12.731 1.00 29.43 ? 78  ASN A CG  1 
ATOM   319  O OD1 . ASN A 1 39  ? -6.666  8.090   -12.214 1.00 30.23 ? 78  ASN A OD1 1 
ATOM   320  N ND2 . ASN A 1 39  ? -6.810  5.904   -12.744 1.00 32.19 ? 78  ASN A ND2 1 
ATOM   321  N N   . VAL A 1 40  ? -3.033  9.672   -12.281 1.00 22.28 ? 79  VAL A N   1 
ATOM   322  C CA  . VAL A 1 40  ? -2.836  11.010  -11.673 1.00 23.27 ? 79  VAL A CA  1 
ATOM   323  C C   . VAL A 1 40  ? -3.208  12.051  -12.715 1.00 23.24 ? 79  VAL A C   1 
ATOM   324  O O   . VAL A 1 40  ? -2.766  11.920  -13.860 1.00 23.17 ? 79  VAL A O   1 
ATOM   325  C CB  . VAL A 1 40  ? -1.388  11.188  -11.188 1.00 23.34 ? 79  VAL A CB  1 
ATOM   326  C CG1 . VAL A 1 40  ? -1.173  12.560  -10.571 1.00 24.14 ? 79  VAL A CG1 1 
ATOM   327  C CG2 . VAL A 1 40  ? -0.990  10.075  -10.228 1.00 24.23 ? 79  VAL A CG2 1 
ATOM   328  N N   . SER A 1 41  ? -3.988  13.048  -12.318 1.00 23.60 ? 80  SER A N   1 
ATOM   329  C CA  . SER A 1 41  ? -4.200  14.270  -13.125 1.00 24.81 ? 80  SER A CA  1 
ATOM   330  C C   . SER A 1 41  ? -4.098  15.488  -12.207 1.00 22.45 ? 80  SER A C   1 
ATOM   331  O O   . SER A 1 41  ? -4.260  15.334  -11.002 1.00 23.34 ? 80  SER A O   1 
ATOM   332  C CB  . SER A 1 41  ? -5.512  14.212  -13.875 1.00 25.46 ? 80  SER A CB  1 
ATOM   333  O OG  . SER A 1 41  ? -6.606  14.325  -12.977 1.00 29.23 ? 80  SER A OG  1 
ATOM   334  N N   . GLY A 1 42  ? -3.804  16.653  -12.778 1.00 22.56 ? 81  GLY A N   1 
ATOM   335  C CA  . GLY A 1 42  ? -3.809  17.934  -12.052 1.00 21.86 ? 81  GLY A CA  1 
ATOM   336  C C   . GLY A 1 42  ? -2.512  18.208  -11.318 1.00 23.36 ? 81  GLY A C   1 
ATOM   337  O O   . GLY A 1 42  ? -2.500  19.146  -10.493 1.00 24.43 ? 81  GLY A O   1 
ATOM   338  N N   . LEU A 1 43  ? -1.439  17.465  -11.601 1.00 22.34 ? 82  LEU A N   1 
ATOM   339  C CA  . LEU A 1 43  ? -0.070  17.924  -11.249 1.00 21.77 ? 82  LEU A CA  1 
ATOM   340  C C   . LEU A 1 43  ? 0.331   19.037  -12.219 1.00 22.40 ? 82  LEU A C   1 
ATOM   341  O O   . LEU A 1 43  ? -0.282  19.166  -13.290 1.00 22.16 ? 82  LEU A O   1 
ATOM   342  C CB  . LEU A 1 43  ? 0.937   16.776  -11.324 1.00 22.93 ? 82  LEU A CB  1 
ATOM   343  C CG  . LEU A 1 43  ? 0.852   15.729  -10.221 1.00 23.30 ? 82  LEU A CG  1 
ATOM   344  C CD1 . LEU A 1 43  ? 1.901   14.659  -10.436 1.00 24.20 ? 82  LEU A CD1 1 
ATOM   345  C CD2 . LEU A 1 43  ? 1.000   16.352  -8.844  1.00 23.99 ? 82  LEU A CD2 1 
ATOM   346  N N   . ASP A 1 44  ? 1.331   19.821  -11.835 1.00 22.66 ? 83  ASP A N   1 
ATOM   347  C CA  . ASP A 1 44  ? 2.012   20.749  -12.763 1.00 23.97 ? 83  ASP A CA  1 
ATOM   348  C C   . ASP A 1 44  ? 2.889   19.879  -13.650 1.00 22.37 ? 83  ASP A C   1 
ATOM   349  O O   . ASP A 1 44  ? 3.806   19.258  -13.134 1.00 21.85 ? 83  ASP A O   1 
ATOM   350  C CB  . ASP A 1 44  ? 2.802   21.795  -11.985 1.00 25.38 ? 83  ASP A CB  1 
ATOM   351  C CG  . ASP A 1 44  ? 3.437   22.827  -12.889 1.00 28.57 ? 83  ASP A CG  1 
ATOM   352  O OD1 . ASP A 1 44  ? 3.498   22.579  -14.117 1.00 30.30 ? 83  ASP A OD1 1 
ATOM   353  O OD2 . ASP A 1 44  ? 3.848   23.875  -12.360 1.00 31.72 ? 83  ASP A OD2 1 
ATOM   354  N N   . PRO A 1 45  ? 2.617   19.759  -14.968 1.00 22.98 ? 84  PRO A N   1 
ATOM   355  C CA  . PRO A 1 45  ? 3.403   18.874  -15.827 1.00 23.92 ? 84  PRO A CA  1 
ATOM   356  C C   . PRO A 1 45  ? 4.884   19.270  -15.823 1.00 23.56 ? 84  PRO A C   1 
ATOM   357  O O   . PRO A 1 45  ? 5.702   18.386  -16.002 1.00 23.47 ? 84  PRO A O   1 
ATOM   358  C CB  . PRO A 1 45  ? 2.784   18.998  -17.226 1.00 25.22 ? 84  PRO A CB  1 
ATOM   359  C CG  . PRO A 1 45  ? 1.903   20.235  -17.164 1.00 26.16 ? 84  PRO A CG  1 
ATOM   360  C CD  . PRO A 1 45  ? 1.536   20.429  -15.707 1.00 24.67 ? 84  PRO A CD  1 
ATOM   361  N N   . ASN A 1 46  ? 5.162   20.555  -15.563 1.00 23.76 ? 85  ASN A N   1 
ATOM   362  C CA  . ASN A 1 46  ? 6.507   21.182  -15.562 1.00 25.05 ? 85  ASN A CA  1 
ATOM   363  C C   . ASN A 1 46  ? 7.248   20.936  -14.241 1.00 24.87 ? 85  ASN A C   1 
ATOM   364  O O   . ASN A 1 46  ? 8.485   20.994  -14.262 1.00 27.75 ? 85  ASN A O   1 
ATOM   365  C CB  . ASN A 1 46  ? 6.415   22.689  -15.816 1.00 27.92 ? 85  ASN A CB  1 
ATOM   366  C CG  . ASN A 1 46  ? 5.636   23.044  -17.062 1.00 29.36 ? 85  ASN A CG  1 
ATOM   367  O OD1 . ASN A 1 46  ? 5.822   22.437  -18.110 1.00 30.41 ? 85  ASN A OD1 1 
ATOM   368  N ND2 . ASN A 1 46  ? 4.737   24.008  -16.947 1.00 34.86 ? 85  ASN A ND2 1 
ATOM   369  N N   . ALA A 1 47  ? 6.550   20.676  -13.134 1.00 22.79 ? 86  ALA A N   1 
ATOM   370  C CA  . ALA A 1 47  ? 7.160   20.584  -11.790 1.00 22.53 ? 86  ALA A CA  1 
ATOM   371  C C   . ALA A 1 47  ? 7.749   19.184  -11.625 1.00 21.92 ? 86  ALA A C   1 
ATOM   372  O O   . ALA A 1 47  ? 7.411   18.301  -12.443 1.00 22.20 ? 86  ALA A O   1 
ATOM   373  C CB  . ALA A 1 47  ? 6.153   20.922  -10.723 1.00 23.61 ? 86  ALA A CB  1 
ATOM   374  N N   . MET A 1 48  ? 8.675   19.021  -10.685 1.00 22.14 ? 87  MET A N   1 
ATOM   375  C CA  . MET A 1 48  ? 9.191   17.678  -10.333 1.00 22.56 ? 87  MET A CA  1 
ATOM   376  C C   . MET A 1 48  ? 8.613   17.260  -8.989  1.00 21.34 ? 87  MET A C   1 
ATOM   377  O O   . MET A 1 48  ? 8.433   18.115  -8.106  1.00 22.98 ? 87  MET A O   1 
ATOM   378  C CB  . MET A 1 48  ? 10.717  17.655  -10.310 1.00 24.20 ? 87  MET A CB  1 
ATOM   379  C CG  . MET A 1 48  ? 11.313  17.931  -11.675 1.00 26.16 ? 87  MET A CG  1 
ATOM   380  S SD  . MET A 1 48  ? 13.042  17.458  -11.682 1.00 27.07 ? 87  MET A SD  1 
ATOM   381  C CE  . MET A 1 48  ? 12.919  15.679  -11.877 1.00 28.14 ? 87  MET A CE  1 
ATOM   382  N N   . TYR A 1 49  ? 8.293   15.975  -8.880  1.00 21.76 ? 88  TYR A N   1 
ATOM   383  C CA  . TYR A 1 49  ? 7.671   15.360  -7.692  1.00 21.41 ? 88  TYR A CA  1 
ATOM   384  C C   . TYR A 1 49  ? 8.314   14.003  -7.446  1.00 21.23 ? 88  TYR A C   1 
ATOM   385  O O   . TYR A 1 49  ? 8.724   13.340  -8.411  1.00 21.06 ? 88  TYR A O   1 
ATOM   386  C CB  . TYR A 1 49  ? 6.178   15.118  -7.914  1.00 21.90 ? 88  TYR A CB  1 
ATOM   387  C CG  . TYR A 1 49  ? 5.389   16.325  -8.328  1.00 22.11 ? 88  TYR A CG  1 
ATOM   388  C CD1 . TYR A 1 49  ? 4.771   17.131  -7.386  1.00 22.00 ? 88  TYR A CD1 1 
ATOM   389  C CD2 . TYR A 1 49  ? 5.242   16.650  -9.667  1.00 22.39 ? 88  TYR A CD2 1 
ATOM   390  C CE1 . TYR A 1 49  ? 4.032   18.238  -7.767  1.00 21.88 ? 88  TYR A CE1 1 
ATOM   391  C CE2 . TYR A 1 49  ? 4.509   17.755  -10.060 1.00 22.26 ? 88  TYR A CE2 1 
ATOM   392  C CZ  . TYR A 1 49  ? 3.898   18.551  -9.109  1.00 22.11 ? 88  TYR A CZ  1 
ATOM   393  O OH  . TYR A 1 49  ? 3.157   19.622  -9.517  1.00 24.43 ? 88  TYR A OH  1 
ATOM   394  N N   . SER A 1 50  ? 8.343   13.596  -6.184  1.00 22.00 ? 89  SER A N   1 
ATOM   395  C CA  . SER A 1 50  ? 8.591   12.196  -5.777  1.00 21.74 ? 89  SER A CA  1 
ATOM   396  C C   . SER A 1 50  ? 7.277   11.594  -5.277  1.00 21.91 ? 89  SER A C   1 
ATOM   397  O O   . SER A 1 50  ? 6.467   12.329  -4.675  1.00 22.62 ? 89  SER A O   1 
ATOM   398  C CB  . SER A 1 50  ? 9.680   12.114  -4.763  1.00 23.98 ? 89  SER A CB  1 
ATOM   399  O OG  . SER A 1 50  ? 10.868  12.672  -5.285  1.00 25.77 ? 89  SER A OG  1 
ATOM   400  N N   . PHE A 1 51  ? 7.080   10.312  -5.551  1.00 20.31 ? 90  PHE A N   1 
ATOM   401  C CA  . PHE A 1 51  ? 5.928   9.508   -5.089  1.00 21.65 ? 90  PHE A CA  1 
ATOM   402  C C   . PHE A 1 51  ? 6.427   8.575   -3.989  1.00 22.78 ? 90  PHE A C   1 
ATOM   403  O O   . PHE A 1 51  ? 7.370   7.798   -4.236  1.00 23.23 ? 90  PHE A O   1 
ATOM   404  C CB  . PHE A 1 51  ? 5.286   8.754   -6.255  1.00 21.66 ? 90  PHE A CB  1 
ATOM   405  C CG  . PHE A 1 51  ? 4.239   9.525   -7.023  1.00 20.85 ? 90  PHE A CG  1 
ATOM   406  C CD1 . PHE A 1 51  ? 2.969   9.013   -7.206  1.00 20.24 ? 90  PHE A CD1 1 
ATOM   407  C CD2 . PHE A 1 51  ? 4.536   10.750  -7.600  1.00 20.50 ? 90  PHE A CD2 1 
ATOM   408  C CE1 . PHE A 1 51  ? 2.007   9.721   -7.920  1.00 20.27 ? 90  PHE A CE1 1 
ATOM   409  C CE2 . PHE A 1 51  ? 3.580   11.460  -8.305  1.00 20.32 ? 90  PHE A CE2 1 
ATOM   410  C CZ  . PHE A 1 51  ? 2.317   10.944  -8.476  1.00 20.70 ? 90  PHE A CZ  1 
ATOM   411  N N   . LEU A 1 52  ? 5.806   8.650   -2.812  1.00 23.70 ? 91  LEU A N   1 
ATOM   412  C CA  . LEU A 1 52  ? 6.156   7.803   -1.644  1.00 25.62 ? 91  LEU A CA  1 
ATOM   413  C C   . LEU A 1 52  ? 4.949   6.938   -1.301  1.00 24.62 ? 91  LEU A C   1 
ATOM   414  O O   . LEU A 1 52  ? 3.812   7.352   -1.556  1.00 23.36 ? 91  LEU A O   1 
ATOM   415  C CB  . LEU A 1 52  ? 6.512   8.683   -0.443  1.00 29.35 ? 91  LEU A CB  1 
ATOM   416  C CG  . LEU A 1 52  ? 7.950   9.180   -0.313  1.00 34.30 ? 91  LEU A CG  1 
ATOM   417  C CD1 . LEU A 1 52  ? 8.515   9.669   -1.628  1.00 33.07 ? 91  LEU A CD1 1 
ATOM   418  C CD2 . LEU A 1 52  ? 8.022   10.280  0.749   1.00 35.23 ? 91  LEU A CD2 1 
ATOM   419  N N   . LEU A 1 53  ? 5.201   5.775   -0.722  1.00 23.47 ? 92  LEU A N   1 
ATOM   420  C CA  . LEU A 1 53  ? 4.132   4.844   -0.301  1.00 22.23 ? 92  LEU A CA  1 
ATOM   421  C C   . LEU A 1 53  ? 4.410   4.447   1.135   1.00 22.08 ? 92  LEU A C   1 
ATOM   422  O O   . LEU A 1 53  ? 5.543   4.036   1.424   1.00 23.03 ? 92  LEU A O   1 
ATOM   423  C CB  . LEU A 1 53  ? 4.137   3.645   -1.244  1.00 22.52 ? 92  LEU A CB  1 
ATOM   424  C CG  . LEU A 1 53  ? 3.332   2.431   -0.796  1.00 23.13 ? 92  LEU A CG  1 
ATOM   425  C CD1 . LEU A 1 53  ? 1.845   2.744   -0.774  1.00 23.40 ? 92  LEU A CD1 1 
ATOM   426  C CD2 . LEU A 1 53  ? 3.623   1.249   -1.701  1.00 23.35 ? 92  LEU A CD2 1 
ATOM   427  N N   . ASP A 1 54  ? 3.416   4.576   2.004   1.00 22.34 ? 93  ASP A N   1 
ATOM   428  C CA  . ASP A 1 54  ? 3.508   3.936   3.335   1.00 22.88 ? 93  ASP A CA  1 
ATOM   429  C C   . ASP A 1 54  ? 2.193   3.229   3.623   1.00 22.69 ? 93  ASP A C   1 
ATOM   430  O O   . ASP A 1 54  ? 1.287   3.251   2.765   1.00 21.79 ? 93  ASP A O   1 
ATOM   431  C CB  . ASP A 1 54  ? 3.965   4.928   4.409   1.00 22.58 ? 93  ASP A CB  1 
ATOM   432  C CG  . ASP A 1 54  ? 2.958   5.978   4.844   1.00 25.23 ? 93  ASP A CG  1 
ATOM   433  O OD1 . ASP A 1 54  ? 1.969   6.210   4.133   1.00 24.50 ? 93  ASP A OD1 1 
ATOM   434  O OD2 . ASP A 1 54  ? 3.178   6.558   5.911   1.00 31.27 ? 93  ASP A OD2 1 
ATOM   435  N N   . PHE A 1 55  ? 2.123   2.594   4.790   1.00 22.71 ? 94  PHE A N   1 
ATOM   436  C CA  . PHE A 1 55  ? 1.016   1.696   5.192   1.00 22.29 ? 94  PHE A CA  1 
ATOM   437  C C   . PHE A 1 55  ? 0.574   2.129   6.578   1.00 23.43 ? 94  PHE A C   1 
ATOM   438  O O   . PHE A 1 55  ? 1.400   2.114   7.498   1.00 26.65 ? 94  PHE A O   1 
ATOM   439  C CB  . PHE A 1 55  ? 1.499   0.247   5.134   1.00 21.87 ? 94  PHE A CB  1 
ATOM   440  C CG  . PHE A 1 55  ? 1.805   -0.233  3.746   1.00 21.77 ? 94  PHE A CG  1 
ATOM   441  C CD1 . PHE A 1 55  ? 0.855   -0.936  3.016   1.00 22.74 ? 94  PHE A CD1 1 
ATOM   442  C CD2 . PHE A 1 55  ? 3.009   0.083   3.133   1.00 22.40 ? 94  PHE A CD2 1 
ATOM   443  C CE1 . PHE A 1 55  ? 1.121   -1.334  1.714   1.00 23.52 ? 94  PHE A CE1 1 
ATOM   444  C CE2 . PHE A 1 55  ? 3.275   -0.329  1.836   1.00 22.19 ? 94  PHE A CE2 1 
ATOM   445  C CZ  . PHE A 1 55  ? 2.336   -1.042  1.133   1.00 22.61 ? 94  PHE A CZ  1 
ATOM   446  N N   . VAL A 1 56  ? -0.676  2.549   6.703   1.00 24.16 ? 95  VAL A N   1 
ATOM   447  C CA  . VAL A 1 56  ? -1.212  3.092   7.980   1.00 24.97 ? 95  VAL A CA  1 
ATOM   448  C C   . VAL A 1 56  ? -1.961  1.960   8.694   1.00 25.03 ? 95  VAL A C   1 
ATOM   449  O O   . VAL A 1 56  ? -2.811  1.331   8.051   1.00 23.52 ? 95  VAL A O   1 
ATOM   450  C CB  . VAL A 1 56  ? -2.105  4.304   7.693   1.00 27.09 ? 95  VAL A CB  1 
ATOM   451  C CG1 . VAL A 1 56  ? -2.694  4.892   8.963   1.00 31.51 ? 95  VAL A CG1 1 
ATOM   452  C CG2 . VAL A 1 56  ? -1.324  5.360   6.916   1.00 27.76 ? 95  VAL A CG2 1 
ATOM   453  N N   . ALA A 1 57  ? -1.633  1.714   9.960   1.00 26.30 ? 96  ALA A N   1 
ATOM   454  C CA  . ALA A 1 57  ? -2.343  0.759   10.844  1.00 27.29 ? 96  ALA A CA  1 
ATOM   455  C C   . ALA A 1 57  ? -3.808  1.196   10.969  1.00 27.06 ? 96  ALA A C   1 
ATOM   456  O O   . ALA A 1 57  ? -4.060  2.368   11.270  1.00 27.34 ? 96  ALA A O   1 
ATOM   457  C CB  . ALA A 1 57  ? -1.651  0.681   12.185  1.00 27.34 ? 96  ALA A CB  1 
ATOM   458  N N   . ALA A 1 58  ? -4.755  0.292   10.708  1.00 27.78 ? 97  ALA A N   1 
ATOM   459  C CA  . ALA A 1 58  ? -6.198  0.615   10.614  1.00 29.45 ? 97  ALA A CA  1 
ATOM   460  C C   . ALA A 1 58  ? -6.871  0.533   11.998  1.00 31.95 ? 97  ALA A C   1 
ATOM   461  O O   . ALA A 1 58  ? -7.879  1.241   12.195  1.00 34.83 ? 97  ALA A O   1 
ATOM   462  C CB  . ALA A 1 58  ? -6.865  -0.282  9.598   1.00 31.28 ? 97  ALA A CB  1 
ATOM   463  N N   . ASP A 1 59  ? -6.331  -0.237  12.952  1.00 31.85 ? 98  ASP A N   1 
ATOM   464  C CA  . ASP A 1 59  ? -7.089  -0.603  14.186  1.00 32.00 ? 98  ASP A CA  1 
ATOM   465  C C   . ASP A 1 59  ? -6.226  -0.546  15.444  1.00 32.01 ? 98  ASP A C   1 
ATOM   466  O O   . ASP A 1 59  ? -5.003  -0.713  15.328  1.00 31.35 ? 98  ASP A O   1 
ATOM   467  C CB  . ASP A 1 59  ? -7.629  -2.029  14.086  1.00 32.08 ? 98  ASP A CB  1 
ATOM   468  C CG  . ASP A 1 59  ? -8.325  -2.282  12.774  1.00 31.75 ? 98  ASP A CG  1 
ATOM   469  O OD1 . ASP A 1 59  ? -7.833  -3.126  12.021  1.00 34.53 ? 98  ASP A OD1 1 
ATOM   470  O OD2 . ASP A 1 59  ? -9.318  -1.605  12.516  1.00 37.22 ? 98  ASP A OD2 1 
ATOM   471  N N   . ASN A 1 60  ? -6.877  -0.430  16.614  1.00 32.66 ? 99  ASN A N   1 
ATOM   472  C CA  . ASN A 1 60  ? -6.221  -0.513  17.951  1.00 35.75 ? 99  ASN A CA  1 
ATOM   473  C C   . ASN A 1 60  ? -6.274  -1.968  18.449  1.00 33.14 ? 99  ASN A C   1 
ATOM   474  O O   . ASN A 1 60  ? -6.223  -2.192  19.670  1.00 31.57 ? 99  ASN A O   1 
ATOM   475  C CB  . ASN A 1 60  ? -6.821  0.485   18.959  1.00 40.04 ? 99  ASN A CB  1 
ATOM   476  C CG  . ASN A 1 60  ? -8.233  0.163   19.414  1.00 47.34 ? 99  ASN A CG  1 
ATOM   477  O OD1 . ASN A 1 60  ? -8.903  -0.702  18.849  1.00 52.58 ? 99  ASN A OD1 1 
ATOM   478  N ND2 . ASN A 1 60  ? -8.708  0.860   20.441  1.00 48.19 ? 99  ASN A ND2 1 
ATOM   479  N N   . HIS A 1 61  ? -6.350  -2.942  17.540  1.00 30.93 ? 100 HIS A N   1 
ATOM   480  C CA  . HIS A 1 61  ? -6.387  -4.383  17.893  1.00 29.17 ? 100 HIS A CA  1 
ATOM   481  C C   . HIS A 1 61  ? -5.864  -5.188  16.703  1.00 28.56 ? 100 HIS A C   1 
ATOM   482  O O   . HIS A 1 61  ? -5.767  -4.635  15.586  1.00 29.45 ? 100 HIS A O   1 
ATOM   483  C CB  . HIS A 1 61  ? -7.800  -4.794  18.319  1.00 29.91 ? 100 HIS A CB  1 
ATOM   484  C CG  . HIS A 1 61  ? -8.799  -4.737  17.215  1.00 29.04 ? 100 HIS A CG  1 
ATOM   485  N ND1 . HIS A 1 61  ? -9.712  -3.704  17.084  1.00 31.07 ? 100 HIS A ND1 1 
ATOM   486  C CD2 . HIS A 1 61  ? -9.038  -5.581  16.191  1.00 26.97 ? 100 HIS A CD2 1 
ATOM   487  C CE1 . HIS A 1 61  ? -10.460 -3.924  16.026  1.00 25.80 ? 100 HIS A CE1 1 
ATOM   488  N NE2 . HIS A 1 61  ? -10.067 -5.064  15.463  1.00 30.20 ? 100 HIS A NE2 1 
ATOM   489  N N   . ARG A 1 62  ? -5.530  -6.442  16.947  1.00 28.34 ? 101 ARG A N   1 
ATOM   490  C CA  . ARG A 1 62  ? -5.140  -7.367  15.871  1.00 28.39 ? 101 ARG A CA  1 
ATOM   491  C C   . ARG A 1 62  ? -6.357  -8.217  15.512  1.00 24.56 ? 101 ARG A C   1 
ATOM   492  O O   . ARG A 1 62  ? -7.427  -8.077  16.133  1.00 24.48 ? 101 ARG A O   1 
ATOM   493  C CB  . ARG A 1 62  ? -3.898  -8.170  16.260  1.00 31.95 ? 101 ARG A CB  1 
ATOM   494  C CG  . ARG A 1 62  ? -4.114  -9.224  17.328  1.00 38.31 ? 101 ARG A CG  1 
ATOM   495  C CD  . ARG A 1 62  ? -2.766  -9.808  17.699  1.00 42.54 ? 101 ARG A CD  1 
ATOM   496  N NE  . ARG A 1 62  ? -2.881  -11.046 18.442  1.00 49.21 ? 101 ARG A NE  1 
ATOM   497  C CZ  . ARG A 1 62  ? -1.848  -11.756 18.891  1.00 54.89 ? 101 ARG A CZ  1 
ATOM   498  N NH1 . ARG A 1 62  ? -2.063  -12.878 19.560  1.00 54.75 ? 101 ARG A NH1 1 
ATOM   499  N NH2 . ARG A 1 62  ? -0.608  -11.348 18.664  1.00 56.74 ? 101 ARG A NH2 1 
ATOM   500  N N   . TRP A 1 63  ? -6.188  -9.031  14.488  1.00 22.60 ? 102 TRP A N   1 
ATOM   501  C CA  . TRP A 1 63  ? -7.272  -9.828  13.876  1.00 22.98 ? 102 TRP A CA  1 
ATOM   502  C C   . TRP A 1 63  ? -6.887  -11.293 14.005  1.00 22.71 ? 102 TRP A C   1 
ATOM   503  O O   . TRP A 1 63  ? -5.714  -11.607 14.207  1.00 23.21 ? 102 TRP A O   1 
ATOM   504  C CB  . TRP A 1 63  ? -7.490  -9.433  12.408  1.00 22.82 ? 102 TRP A CB  1 
ATOM   505  C CG  . TRP A 1 63  ? -8.107  -8.082  12.259  1.00 23.66 ? 102 TRP A CG  1 
ATOM   506  C CD1 . TRP A 1 63  ? -7.449  -6.900  12.087  1.00 24.25 ? 102 TRP A CD1 1 
ATOM   507  C CD2 . TRP A 1 63  ? -9.508  -7.758  12.319  1.00 23.91 ? 102 TRP A CD2 1 
ATOM   508  N NE1 . TRP A 1 63  ? -8.344  -5.872  12.016  1.00 25.09 ? 102 TRP A NE1 1 
ATOM   509  C CE2 . TRP A 1 63  ? -9.615  -6.362  12.141  1.00 25.66 ? 102 TRP A CE2 1 
ATOM   510  C CE3 . TRP A 1 63  ? -10.685 -8.503  12.463  1.00 25.27 ? 102 TRP A CE3 1 
ATOM   511  C CZ2 . TRP A 1 63  ? -10.842 -5.698  12.141  1.00 24.67 ? 102 TRP A CZ2 1 
ATOM   512  C CZ3 . TRP A 1 63  ? -11.898 -7.847  12.471  1.00 26.81 ? 102 TRP A CZ3 1 
ATOM   513  C CH2 . TRP A 1 63  ? -11.974 -6.461  12.311  1.00 25.58 ? 102 TRP A CH2 1 
ATOM   514  N N   A LYS A 1 64  ? -7.888  -12.168 13.894  0.25 23.39 ? 103 LYS A N   1 
ATOM   515  N N   B LYS A 1 64  ? -7.875  -12.177 13.911  0.25 23.44 ? 103 LYS A N   1 
ATOM   516  C CA  A LYS A 1 64  ? -7.735  -13.646 13.875  0.25 23.46 ? 103 LYS A CA  1 
ATOM   517  C CA  B LYS A 1 64  ? -7.646  -13.635 13.777  0.25 23.54 ? 103 LYS A CA  1 
ATOM   518  C C   A LYS A 1 64  ? -8.814  -14.215 12.951  0.25 23.11 ? 103 LYS A C   1 
ATOM   519  C C   B LYS A 1 64  ? -8.796  -14.224 12.964  0.25 23.20 ? 103 LYS A C   1 
ATOM   520  O O   A LYS A 1 64  ? -9.917  -13.643 12.925  0.25 22.31 ? 103 LYS A O   1 
ATOM   521  O O   B LYS A 1 64  ? -9.910  -13.675 13.018  0.25 22.47 ? 103 LYS A O   1 
ATOM   522  C CB  A LYS A 1 64  ? -7.850  -14.221 15.290  0.25 24.23 ? 103 LYS A CB  1 
ATOM   523  C CB  B LYS A 1 64  ? -7.467  -14.299 15.146  0.25 24.42 ? 103 LYS A CB  1 
ATOM   524  C CG  A LYS A 1 64  ? -7.459  -15.688 15.427  0.25 25.37 ? 103 LYS A CG  1 
ATOM   525  C CG  B LYS A 1 64  ? -8.655  -14.231 16.093  0.25 25.32 ? 103 LYS A CG  1 
ATOM   526  C CD  A LYS A 1 64  ? -7.666  -16.239 16.824  0.25 26.36 ? 103 LYS A CD  1 
ATOM   527  C CD  B LYS A 1 64  ? -8.474  -15.140 17.295  0.25 26.14 ? 103 LYS A CD  1 
ATOM   528  C CE  A LYS A 1 64  ? -7.290  -17.700 16.951  0.25 27.60 ? 103 LYS A CE  1 
ATOM   529  C CE  B LYS A 1 64  ? -9.111  -14.626 18.569  0.25 27.46 ? 103 LYS A CE  1 
ATOM   530  N NZ  A LYS A 1 64  ? -7.484  -18.195 18.334  0.25 28.58 ? 103 LYS A NZ  1 
ATOM   531  N NZ  B LYS A 1 64  ? -10.462 -14.068 18.340  0.25 28.57 ? 103 LYS A NZ  1 
ATOM   532  N N   . TYR A 1 65  ? -8.489  -15.278 12.212  1.00 23.05 ? 104 TYR A N   1 
ATOM   533  C CA  . TYR A 1 65  ? -9.424  -15.964 11.307  1.00 23.62 ? 104 TYR A CA  1 
ATOM   534  C C   . TYR A 1 65  ? -9.938  -17.170 12.076  1.00 23.94 ? 104 TYR A C   1 
ATOM   535  O O   . TYR A 1 65  ? -9.119  -18.049 12.399  1.00 24.98 ? 104 TYR A O   1 
ATOM   536  C CB  . TYR A 1 65  ? -8.716  -16.374 10.020  1.00 23.64 ? 104 TYR A CB  1 
ATOM   537  C CG  . TYR A 1 65  ? -9.647  -16.681 8.882   1.00 25.28 ? 104 TYR A CG  1 
ATOM   538  C CD1 . TYR A 1 65  ? -10.424 -15.691 8.315   1.00 25.05 ? 104 TYR A CD1 1 
ATOM   539  C CD2 . TYR A 1 65  ? -9.709  -17.958 8.333   1.00 26.26 ? 104 TYR A CD2 1 
ATOM   540  C CE1 . TYR A 1 65  ? -11.279 -15.961 7.258   1.00 25.85 ? 104 TYR A CE1 1 
ATOM   541  C CE2 . TYR A 1 65  ? -10.530 -18.237 7.252   1.00 25.68 ? 104 TYR A CE2 1 
ATOM   542  C CZ  . TYR A 1 65  ? -11.317 -17.235 6.713   1.00 26.76 ? 104 TYR A CZ  1 
ATOM   543  O OH  . TYR A 1 65  ? -12.146 -17.493 5.661   1.00 28.86 ? 104 TYR A OH  1 
ATOM   544  N N   . VAL A 1 66  ? -11.204 -17.110 12.466  1.00 24.97 ? 105 VAL A N   1 
ATOM   545  C CA  . VAL A 1 66  ? -11.865 -18.122 13.332  1.00 25.97 ? 105 VAL A CA  1 
ATOM   546  C C   . VAL A 1 66  ? -13.146 -18.551 12.627  1.00 24.97 ? 105 VAL A C   1 
ATOM   547  O O   . VAL A 1 66  ? -13.982 -17.677 12.352  1.00 25.67 ? 105 VAL A O   1 
ATOM   548  C CB  . VAL A 1 66  ? -12.148 -17.573 14.745  1.00 28.00 ? 105 VAL A CB  1 
ATOM   549  C CG1 . VAL A 1 66  ? -12.869 -18.605 15.601  1.00 29.02 ? 105 VAL A CG1 1 
ATOM   550  C CG2 . VAL A 1 66  ? -10.877 -17.114 15.448  1.00 28.53 ? 105 VAL A CG2 1 
ATOM   551  N N   . ASN A 1 67  ? -13.287 -19.846 12.342  1.00 27.15 ? 106 ASN A N   1 
ATOM   552  C CA  . ASN A 1 67  ? -14.535 -20.418 11.772  1.00 27.45 ? 106 ASN A CA  1 
ATOM   553  C C   . ASN A 1 67  ? -14.879 -19.687 10.466  1.00 25.66 ? 106 ASN A C   1 
ATOM   554  O O   . ASN A 1 67  ? -16.059 -19.402 10.238  1.00 26.35 ? 106 ASN A O   1 
ATOM   555  C CB  . ASN A 1 67  ? -15.670 -20.355 12.800  1.00 28.71 ? 106 ASN A CB  1 
ATOM   556  C CG  . ASN A 1 67  ? -15.381 -21.169 14.043  1.00 28.50 ? 106 ASN A CG  1 
ATOM   557  O OD1 . ASN A 1 67  ? -14.627 -22.140 13.988  1.00 31.11 ? 106 ASN A OD1 1 
ATOM   558  N ND2 . ASN A 1 67  ? -15.980 -20.788 15.164  1.00 28.86 ? 106 ASN A ND2 1 
ATOM   559  N N   . GLY A 1 68  ? -13.873 -19.371 9.642   1.00 28.72 ? 107 GLY A N   1 
ATOM   560  C CA  . GLY A 1 68  ? -14.074 -18.787 8.304   1.00 29.92 ? 107 GLY A CA  1 
ATOM   561  C C   . GLY A 1 68  ? -14.397 -17.303 8.338   1.00 30.46 ? 107 GLY A C   1 
ATOM   562  O O   . GLY A 1 68  ? -14.865 -16.779 7.308   1.00 31.12 ? 107 GLY A O   1 
ATOM   563  N N   . GLU A 1 69  ? -14.126 -16.631 9.460   1.00 29.79 ? 108 GLU A N   1 
ATOM   564  C CA  . GLU A 1 69  ? -14.519 -15.220 9.708   1.00 30.71 ? 108 GLU A CA  1 
ATOM   565  C C   . GLU A 1 69  ? -13.329 -14.492 10.343  1.00 28.12 ? 108 GLU A C   1 
ATOM   566  O O   . GLU A 1 69  ? -12.709 -15.044 11.263  1.00 25.81 ? 108 GLU A O   1 
ATOM   567  C CB  . GLU A 1 69  ? -15.768 -15.251 10.595  1.00 34.49 ? 108 GLU A CB  1 
ATOM   568  C CG  . GLU A 1 69  ? -16.247 -13.916 11.117  1.00 41.32 ? 108 GLU A CG  1 
ATOM   569  C CD  . GLU A 1 69  ? -17.472 -14.026 12.019  1.00 43.43 ? 108 GLU A CD  1 
ATOM   570  O OE1 . GLU A 1 69  ? -17.413 -14.785 13.018  1.00 39.87 ? 108 GLU A OE1 1 
ATOM   571  O OE2 . GLU A 1 69  ? -18.485 -13.347 11.729  1.00 48.17 ? 108 GLU A OE2 1 
ATOM   572  N N   . TRP A 1 70  ? -13.017 -13.285 9.882   1.00 25.75 ? 109 TRP A N   1 
ATOM   573  C CA  . TRP A 1 70  ? -12.037 -12.433 10.594  1.00 26.00 ? 109 TRP A CA  1 
ATOM   574  C C   . TRP A 1 70  ? -12.722 -11.772 11.789  1.00 25.94 ? 109 TRP A C   1 
ATOM   575  O O   . TRP A 1 70  ? -13.779 -11.128 11.607  1.00 26.11 ? 109 TRP A O   1 
ATOM   576  C CB  . TRP A 1 70  ? -11.432 -11.390 9.665   1.00 24.46 ? 109 TRP A CB  1 
ATOM   577  C CG  . TRP A 1 70  ? -10.418 -11.967 8.737   1.00 24.20 ? 109 TRP A CG  1 
ATOM   578  C CD1 . TRP A 1 70  ? -10.604 -12.295 7.428   1.00 25.09 ? 109 TRP A CD1 1 
ATOM   579  C CD2 . TRP A 1 70  ? -9.053  -12.270 9.048   1.00 24.12 ? 109 TRP A CD2 1 
ATOM   580  N NE1 . TRP A 1 70  ? -9.443  -12.794 6.912   1.00 24.71 ? 109 TRP A NE1 1 
ATOM   581  C CE2 . TRP A 1 70  ? -8.470  -12.772 7.869   1.00 24.16 ? 109 TRP A CE2 1 
ATOM   582  C CE3 . TRP A 1 70  ? -8.271  -12.175 10.200  1.00 23.65 ? 109 TRP A CE3 1 
ATOM   583  C CZ2 . TRP A 1 70  ? -7.133  -13.150 7.815   1.00 24.56 ? 109 TRP A CZ2 1 
ATOM   584  C CZ3 . TRP A 1 70  ? -6.944  -12.528 10.140  1.00 25.12 ? 109 TRP A CZ3 1 
ATOM   585  C CH2 . TRP A 1 70  ? -6.386  -13.029 8.962   1.00 27.09 ? 109 TRP A CH2 1 
ATOM   586  N N   . VAL A 1 71  ? -12.129 -11.917 12.961  1.00 25.26 ? 110 VAL A N   1 
ATOM   587  C CA  . VAL A 1 71  ? -12.667 -11.313 14.214  1.00 25.00 ? 110 VAL A CA  1 
ATOM   588  C C   . VAL A 1 71  ? -11.527 -10.643 14.959  1.00 23.83 ? 110 VAL A C   1 
ATOM   589  O O   . VAL A 1 71  ? -10.359 -10.990 14.787  1.00 24.21 ? 110 VAL A O   1 
ATOM   590  C CB  . VAL A 1 71  ? -13.366 -12.365 15.094  1.00 25.02 ? 110 VAL A CB  1 
ATOM   591  C CG1 . VAL A 1 71  ? -14.602 -12.936 14.419  1.00 27.12 ? 110 VAL A CG1 1 
ATOM   592  C CG2 . VAL A 1 71  ? -12.406 -13.468 15.509  1.00 26.07 ? 110 VAL A CG2 1 
ATOM   593  N N   . PRO A 1 72  ? -11.819 -9.652  15.827  1.00 23.85 ? 111 PRO A N   1 
ATOM   594  C CA  . PRO A 1 72  ? -10.785 -9.087  16.688  1.00 24.87 ? 111 PRO A CA  1 
ATOM   595  C C   . PRO A 1 72  ? -10.056 -10.196 17.457  1.00 25.16 ? 111 PRO A C   1 
ATOM   596  O O   . PRO A 1 72  ? -10.721 -11.081 17.989  1.00 24.12 ? 111 PRO A O   1 
ATOM   597  C CB  . PRO A 1 72  ? -11.575 -8.145  17.610  1.00 24.94 ? 111 PRO A CB  1 
ATOM   598  C CG  . PRO A 1 72  ? -12.782 -7.762  16.781  1.00 25.14 ? 111 PRO A CG  1 
ATOM   599  C CD  . PRO A 1 72  ? -13.136 -9.029  16.031  1.00 25.39 ? 111 PRO A CD  1 
ATOM   600  N N   . GLY A 1 73  ? -8.722  -10.142 17.458  1.00 24.72 ? 112 GLY A N   1 
ATOM   601  C CA  . GLY A 1 73  ? -7.832  -11.247 17.866  1.00 26.89 ? 112 GLY A CA  1 
ATOM   602  C C   . GLY A 1 73  ? -6.886  -10.854 18.975  1.00 27.50 ? 112 GLY A C   1 
ATOM   603  O O   . GLY A 1 73  ? -5.940  -11.621 19.263  1.00 30.27 ? 112 GLY A O   1 
ATOM   604  N N   . GLY A 1 74  ? -7.130  -9.703  19.597  1.00 27.76 ? 113 GLY A N   1 
ATOM   605  C CA  . GLY A 1 74  ? -6.403  -9.289  20.801  1.00 28.95 ? 113 GLY A CA  1 
ATOM   606  C C   . GLY A 1 74  ? -5.817  -7.905  20.673  1.00 28.63 ? 113 GLY A C   1 
ATOM   607  O O   . GLY A 1 74  ? -6.125  -7.168  19.701  1.00 26.03 ? 113 GLY A O   1 
ATOM   608  N N   . LYS A 1 75  ? -4.986  -7.545  21.643  1.00 30.90 ? 114 LYS A N   1 
ATOM   609  C CA  . LYS A 1 75  ? -4.363  -6.209  21.665  1.00 33.76 ? 114 LYS A CA  1 
ATOM   610  C C   . LYS A 1 75  ? -3.299  -6.176  20.580  1.00 33.54 ? 114 LYS A C   1 
ATOM   611  O O   . LYS A 1 75  ? -2.727  -7.205  20.218  1.00 32.97 ? 114 LYS A O   1 
ATOM   612  C CB  . LYS A 1 75  ? -3.847  -5.880  23.066  1.00 37.55 ? 114 LYS A CB  1 
ATOM   613  C CG  . LYS A 1 75  ? -4.790  -4.990  23.860  1.00 38.58 ? 114 LYS A CG  1 
ATOM   614  C CD  . LYS A 1 75  ? -4.962  -5.388  25.299  1.00 40.22 ? 114 LYS A CD  1 
ATOM   615  C CE  . LYS A 1 75  ? -5.119  -4.201  26.220  1.00 37.42 ? 114 LYS A CE  1 
ATOM   616  N NZ  . LYS A 1 75  ? -6.026  -3.173  25.667  1.00 39.57 ? 114 LYS A NZ  1 
ATOM   617  N N   . PRO A 1 76  ? -3.034  -4.986  20.012  1.00 36.36 ? 115 PRO A N   1 
ATOM   618  C CA  . PRO A 1 76  ? -2.091  -4.864  18.908  1.00 36.55 ? 115 PRO A CA  1 
ATOM   619  C C   . PRO A 1 76  ? -0.663  -4.966  19.456  1.00 37.62 ? 115 PRO A C   1 
ATOM   620  O O   . PRO A 1 76  ? -0.441  -4.759  20.650  1.00 38.00 ? 115 PRO A O   1 
ATOM   621  C CB  . PRO A 1 76  ? -2.418  -3.479  18.344  1.00 37.00 ? 115 PRO A CB  1 
ATOM   622  C CG  . PRO A 1 76  ? -2.832  -2.688  19.570  1.00 38.71 ? 115 PRO A CG  1 
ATOM   623  C CD  . PRO A 1 76  ? -3.562  -3.684  20.448  1.00 36.69 ? 115 PRO A CD  1 
ATOM   624  N N   . GLU A 1 77  ? 0.266   -5.342  18.590  1.00 35.07 ? 116 GLU A N   1 
ATOM   625  C CA  . GLU A 1 77  ? 1.712   -5.198  18.852  1.00 38.14 ? 116 GLU A CA  1 
ATOM   626  C C   . GLU A 1 77  ? 2.016   -3.707  18.744  1.00 38.79 ? 116 GLU A C   1 
ATOM   627  O O   . GLU A 1 77  ? 1.247   -2.948  18.149  1.00 36.32 ? 116 GLU A O   1 
ATOM   628  C CB  . GLU A 1 77  ? 2.507   -6.087  17.894  1.00 40.70 ? 116 GLU A CB  1 
ATOM   629  C CG  . GLU A 1 77  ? 2.188   -7.565  18.060  1.00 44.60 ? 116 GLU A CG  1 
ATOM   630  C CD  . GLU A 1 77  ? 2.573   -8.445  16.884  1.00 50.44 ? 116 GLU A CD  1 
ATOM   631  O OE1 . GLU A 1 77  ? 3.627   -8.192  16.272  1.00 51.30 ? 116 GLU A OE1 1 
ATOM   632  O OE2 . GLU A 1 77  ? 1.810   -9.383  16.583  1.00 59.07 ? 116 GLU A OE2 1 
ATOM   633  N N   . PRO A 1 78  ? 3.104   -3.225  19.379  1.00 35.17 ? 117 PRO A N   1 
ATOM   634  C CA  . PRO A 1 78  ? 3.583   -1.868  19.139  1.00 36.17 ? 117 PRO A CA  1 
ATOM   635  C C   . PRO A 1 78  ? 3.710   -1.611  17.631  1.00 35.10 ? 117 PRO A C   1 
ATOM   636  O O   . PRO A 1 78  ? 4.078   -2.535  16.911  1.00 33.91 ? 117 PRO A O   1 
ATOM   637  C CB  . PRO A 1 78  ? 4.942   -1.873  19.845  1.00 37.06 ? 117 PRO A CB  1 
ATOM   638  C CG  . PRO A 1 78  ? 4.723   -2.820  21.000  1.00 36.83 ? 117 PRO A CG  1 
ATOM   639  C CD  . PRO A 1 78  ? 3.873   -3.929  20.415  1.00 37.79 ? 117 PRO A CD  1 
ATOM   640  N N   . GLN A 1 79  ? 3.367   -0.397  17.197  1.00 38.03 ? 118 GLN A N   1 
ATOM   641  C CA  . GLN A 1 79  ? 3.337   -0.020  15.759  1.00 42.10 ? 118 GLN A CA  1 
ATOM   642  C C   . GLN A 1 79  ? 4.677   -0.389  15.120  1.00 41.77 ? 118 GLN A C   1 
ATOM   643  O O   . GLN A 1 79  ? 5.726   -0.086  15.712  1.00 37.92 ? 118 GLN A O   1 
ATOM   644  C CB  . GLN A 1 79  ? 3.028   1.466   15.576  1.00 46.90 ? 118 GLN A CB  1 
ATOM   645  C CG  . GLN A 1 79  ? 1.614   1.837   16.004  1.00 54.82 ? 118 GLN A CG  1 
ATOM   646  C CD  . GLN A 1 79  ? 0.993   2.907   15.135  1.00 59.28 ? 118 GLN A CD  1 
ATOM   647  O OE1 . GLN A 1 79  ? 1.654   3.860   14.722  1.00 62.20 ? 118 GLN A OE1 1 
ATOM   648  N NE2 . GLN A 1 79  ? -0.294  2.759   14.861  1.00 61.61 ? 118 GLN A NE2 1 
ATOM   649  N N   . ALA A 1 80  ? 4.625   -1.033  13.952  1.00 42.28 ? 119 ALA A N   1 
ATOM   650  C CA  . ALA A 1 80  ? 5.783   -1.274  13.066  1.00 43.99 ? 119 ALA A CA  1 
ATOM   651  C C   . ALA A 1 80  ? 6.544   0.042   12.893  1.00 44.41 ? 119 ALA A C   1 
ATOM   652  O O   . ALA A 1 80  ? 5.956   1.118   12.999  1.00 42.10 ? 119 ALA A O   1 
ATOM   653  C CB  . ALA A 1 80  ? 5.303   -1.838  11.745  1.00 42.02 ? 119 ALA A CB  1 
ATOM   654  N N   . PRO A 1 81  ? 7.879   0.017   12.680  1.00 48.10 ? 120 PRO A N   1 
ATOM   655  C CA  . PRO A 1 81  ? 8.635   1.252   12.469  1.00 51.55 ? 120 PRO A CA  1 
ATOM   656  C C   . PRO A 1 81  ? 8.135   1.998   11.224  1.00 52.07 ? 120 PRO A C   1 
ATOM   657  O O   . PRO A 1 81  ? 7.576   1.355   10.338  1.00 51.04 ? 120 PRO A O   1 
ATOM   658  C CB  . PRO A 1 81  ? 10.090  0.785   12.296  1.00 50.17 ? 120 PRO A CB  1 
ATOM   659  C CG  . PRO A 1 81  ? 9.981   -0.682  11.934  1.00 49.70 ? 120 PRO A CG  1 
ATOM   660  C CD  . PRO A 1 81  ? 8.732   -1.179  12.635  1.00 49.26 ? 120 PRO A CD  1 
ATOM   661  N N   . SER A 1 82  ? 8.294   3.324   11.211  1.00 52.49 ? 121 SER A N   1 
ATOM   662  C CA  . SER A 1 82  ? 8.066   4.182   10.019  1.00 52.37 ? 121 SER A CA  1 
ATOM   663  C C   . SER A 1 82  ? 8.871   3.606   8.855   1.00 45.06 ? 121 SER A C   1 
ATOM   664  O O   . SER A 1 82  ? 10.121  3.618   8.931   1.00 44.99 ? 121 SER A O   1 
ATOM   665  C CB  . SER A 1 82  ? 8.427   5.621   10.278  1.00 55.34 ? 121 SER A CB  1 
ATOM   666  O OG  . SER A 1 82  ? 7.375   6.275   10.970  1.00 60.83 ? 121 SER A OG  1 
ATOM   667  N N   . CYS A 1 83  ? 8.179   3.036   7.868   1.00 38.06 ? 122 CYS A N   1 
ATOM   668  C CA  . CYS A 1 83  ? 8.769   2.568   6.591   1.00 35.57 ? 122 CYS A CA  1 
ATOM   669  C C   . CYS A 1 83  ? 8.074   3.313   5.455   1.00 35.17 ? 122 CYS A C   1 
ATOM   670  O O   . CYS A 1 83  ? 6.841   3.179   5.323   1.00 34.67 ? 122 CYS A O   1 
ATOM   671  C CB  . CYS A 1 83  ? 8.616   1.065   6.402   1.00 35.35 ? 122 CYS A CB  1 
ATOM   672  S SG  . CYS A 1 83  ? 9.580   0.087   7.588   1.00 36.94 ? 122 CYS A SG  1 
ATOM   673  N N   . VAL A 1 84  ? 8.837   4.100   4.701   1.00 32.14 ? 123 VAL A N   1 
ATOM   674  C CA  . VAL A 1 84  ? 8.341   4.789   3.485   1.00 32.35 ? 123 VAL A CA  1 
ATOM   675  C C   . VAL A 1 84  ? 9.095   4.199   2.295   1.00 31.19 ? 123 VAL A C   1 
ATOM   676  O O   . VAL A 1 84  ? 10.328  4.043   2.374   1.00 32.23 ? 123 VAL A O   1 
ATOM   677  C CB  . VAL A 1 84  ? 8.494   6.314   3.595   1.00 33.46 ? 123 VAL A CB  1 
ATOM   678  C CG1 . VAL A 1 84  ? 7.970   7.007   2.352   1.00 34.64 ? 123 VAL A CG1 1 
ATOM   679  C CG2 . VAL A 1 84  ? 7.811   6.865   4.843   1.00 35.43 ? 123 VAL A CG2 1 
ATOM   680  N N   . TYR A 1 85  ? 8.356   3.805   1.264   1.00 26.82 ? 124 TYR A N   1 
ATOM   681  C CA  . TYR A 1 85  ? 8.901   3.313   -0.017  1.00 25.84 ? 124 TYR A CA  1 
ATOM   682  C C   . TYR A 1 85  ? 8.911   4.483   -0.996  1.00 25.72 ? 124 TYR A C   1 
ATOM   683  O O   . TYR A 1 85  ? 7.861   5.133   -1.144  1.00 25.22 ? 124 TYR A O   1 
ATOM   684  C CB  . TYR A 1 85  ? 8.048   2.168   -0.552  1.00 25.41 ? 124 TYR A CB  1 
ATOM   685  C CG  . TYR A 1 85  ? 8.494   1.644   -1.886  1.00 24.98 ? 124 TYR A CG  1 
ATOM   686  C CD1 . TYR A 1 85  ? 9.590   0.801   -1.993  1.00 27.43 ? 124 TYR A CD1 1 
ATOM   687  C CD2 . TYR A 1 85  ? 7.811   1.969   -3.042  1.00 24.83 ? 124 TYR A CD2 1 
ATOM   688  C CE1 . TYR A 1 85  ? 9.998   0.304   -3.218  1.00 27.02 ? 124 TYR A CE1 1 
ATOM   689  C CE2 . TYR A 1 85  ? 8.206   1.479   -4.274  1.00 26.52 ? 124 TYR A CE2 1 
ATOM   690  C CZ  . TYR A 1 85  ? 9.305   0.647   -4.365  1.00 26.73 ? 124 TYR A CZ  1 
ATOM   691  O OH  . TYR A 1 85  ? 9.680   0.179   -5.589  1.00 27.58 ? 124 TYR A OH  1 
ATOM   692  N N   . ILE A 1 86  ? 10.060  4.752   -1.611  1.00 25.74 ? 125 ILE A N   1 
ATOM   693  C CA  . ILE A 1 86  ? 10.198  5.792   -2.661  1.00 24.42 ? 125 ILE A CA  1 
ATOM   694  C C   . ILE A 1 86  ? 9.972   5.121   -4.009  1.00 22.75 ? 125 ILE A C   1 
ATOM   695  O O   . ILE A 1 86  ? 10.730  4.191   -4.377  1.00 22.57 ? 125 ILE A O   1 
ATOM   696  C CB  . ILE A 1 86  ? 11.559  6.506   -2.596  1.00 26.94 ? 125 ILE A CB  1 
ATOM   697  C CG1 . ILE A 1 86  ? 11.782  7.189   -1.244  1.00 29.78 ? 125 ILE A CG1 1 
ATOM   698  C CG2 . ILE A 1 86  ? 11.676  7.510   -3.737  1.00 27.63 ? 125 ILE A CG2 1 
ATOM   699  C CD1 . ILE A 1 86  ? 13.243  7.420   -0.921  1.00 31.44 ? 125 ILE A CD1 1 
ATOM   700  N N   . HIS A 1 87  ? 8.964   5.554   -4.755  1.00 23.57 ? 126 HIS A N   1 
ATOM   701  C CA  . HIS A 1 87  ? 8.742   5.005   -6.112  1.00 23.40 ? 126 HIS A CA  1 
ATOM   702  C C   . HIS A 1 87  ? 10.023  5.199   -6.924  1.00 23.60 ? 126 HIS A C   1 
ATOM   703  O O   . HIS A 1 87  ? 10.592  6.274   -6.909  1.00 23.44 ? 126 HIS A O   1 
ATOM   704  C CB  . HIS A 1 87  ? 7.522   5.631   -6.788  1.00 22.94 ? 126 HIS A CB  1 
ATOM   705  C CG  . HIS A 1 87  ? 7.196   4.918   -8.048  1.00 23.19 ? 126 HIS A CG  1 
ATOM   706  N ND1 . HIS A 1 87  ? 7.965   5.054   -9.189  1.00 23.39 ? 126 HIS A ND1 1 
ATOM   707  C CD2 . HIS A 1 87  ? 6.220   4.034   -8.343  1.00 23.72 ? 126 HIS A CD2 1 
ATOM   708  C CE1 . HIS A 1 87  ? 7.452   4.303   -10.142 1.00 23.64 ? 126 HIS A CE1 1 
ATOM   709  N NE2 . HIS A 1 87  ? 6.388   3.669   -9.651  1.00 25.19 ? 126 HIS A NE2 1 
ATOM   710  N N   . PRO A 1 88  ? 10.570  4.147   -7.575  1.00 24.54 ? 127 PRO A N   1 
ATOM   711  C CA  . PRO A 1 88  ? 11.877  4.251   -8.220  1.00 26.51 ? 127 PRO A CA  1 
ATOM   712  C C   . PRO A 1 88  ? 11.982  5.277   -9.367  1.00 25.61 ? 127 PRO A C   1 
ATOM   713  O O   . PRO A 1 88  ? 13.101  5.616   -9.727  1.00 27.17 ? 127 PRO A O   1 
ATOM   714  C CB  . PRO A 1 88  ? 12.163  2.834   -8.745  1.00 28.25 ? 127 PRO A CB  1 
ATOM   715  C CG  . PRO A 1 88  ? 10.834  2.094   -8.679  1.00 28.00 ? 127 PRO A CG  1 
ATOM   716  C CD  . PRO A 1 88  ? 10.019  2.786   -7.607  1.00 26.34 ? 127 PRO A CD  1 
ATOM   717  N N   . ASP A 1 89  ? 10.861  5.780   -9.894  1.00 23.62 ? 128 ASP A N   1 
ATOM   718  C CA  . ASP A 1 89  ? 10.860  6.828   -10.961 1.00 23.21 ? 128 ASP A CA  1 
ATOM   719  C C   . ASP A 1 89  ? 11.151  8.201   -10.331 1.00 24.51 ? 128 ASP A C   1 
ATOM   720  O O   . ASP A 1 89  ? 11.374  9.167   -11.094 1.00 25.45 ? 128 ASP A O   1 
ATOM   721  C CB  . ASP A 1 89  ? 9.544   6.856   -11.747 1.00 24.15 ? 128 ASP A CB  1 
ATOM   722  C CG  . ASP A 1 89  ? 9.270   5.647   -12.628 1.00 25.29 ? 128 ASP A CG  1 
ATOM   723  O OD1 . ASP A 1 89  ? 10.100  4.712   -12.633 1.00 28.16 ? 128 ASP A OD1 1 
ATOM   724  O OD2 . ASP A 1 89  ? 8.224   5.641   -13.310 1.00 25.71 ? 128 ASP A OD2 1 
ATOM   725  N N   . SER A 1 90  ? 11.170  8.310   -8.996  1.00 24.99 ? 129 SER A N   1 
ATOM   726  C CA  . SER A 1 90  ? 11.350  9.593   -8.262  1.00 23.76 ? 129 SER A CA  1 
ATOM   727  C C   . SER A 1 90  ? 12.794  10.078  -8.373  1.00 25.58 ? 129 SER A C   1 
ATOM   728  O O   . SER A 1 90  ? 13.706  9.263   -8.345  1.00 25.62 ? 129 SER A O   1 
ATOM   729  C CB  . SER A 1 90  ? 10.982  9.451   -6.807  1.00 23.34 ? 129 SER A CB  1 
ATOM   730  O OG  . SER A 1 90  ? 9.661   8.976   -6.669  1.00 23.41 ? 129 SER A OG  1 
ATOM   731  N N   . PRO A 1 91  ? 13.064  11.400  -8.452  1.00 27.19 ? 130 PRO A N   1 
ATOM   732  C CA  . PRO A 1 91  ? 12.055  12.419  -8.720  1.00 25.36 ? 130 PRO A CA  1 
ATOM   733  C C   . PRO A 1 91  ? 11.751  12.474  -10.221 1.00 25.02 ? 130 PRO A C   1 
ATOM   734  O O   . PRO A 1 91  ? 12.592  12.091  -11.000 1.00 25.14 ? 130 PRO A O   1 
ATOM   735  C CB  . PRO A 1 91  ? 12.738  13.731  -8.315  1.00 27.46 ? 130 PRO A CB  1 
ATOM   736  C CG  . PRO A 1 91  ? 14.203  13.466  -8.577  1.00 29.28 ? 130 PRO A CG  1 
ATOM   737  C CD  . PRO A 1 91  ? 14.402  11.994  -8.265  1.00 28.39 ? 130 PRO A CD  1 
ATOM   738  N N   . ASN A 1 92  ? 10.587  12.981  -10.609 1.00 23.19 ? 131 ASN A N   1 
ATOM   739  C CA  . ASN A 1 92  ? 10.249  13.050  -12.050 1.00 24.06 ? 131 ASN A CA  1 
ATOM   740  C C   . ASN A 1 92  ? 9.223   14.154  -12.284 1.00 22.96 ? 131 ASN A C   1 
ATOM   741  O O   . ASN A 1 92  ? 8.578   14.598  -11.328 1.00 22.37 ? 131 ASN A O   1 
ATOM   742  C CB  . ASN A 1 92  ? 9.765   11.688  -12.551 1.00 24.46 ? 131 ASN A CB  1 
ATOM   743  C CG  . ASN A 1 92  ? 10.404  11.309  -13.864 1.00 24.83 ? 131 ASN A CG  1 
ATOM   744  O OD1 . ASN A 1 92  ? 10.495  12.137  -14.766 1.00 27.98 ? 131 ASN A OD1 1 
ATOM   745  N ND2 . ASN A 1 92  ? 10.806  10.057  -13.996 1.00 25.87 ? 131 ASN A ND2 1 
ATOM   746  N N   . PHE A 1 93  ? 9.098   14.576  -13.536 1.00 23.51 ? 132 PHE A N   1 
ATOM   747  C CA  . PHE A 1 93  ? 8.141   15.613  -13.969 1.00 23.49 ? 132 PHE A CA  1 
ATOM   748  C C   . PHE A 1 93  ? 6.703   15.176  -13.706 1.00 22.70 ? 132 PHE A C   1 
ATOM   749  O O   . PHE A 1 93  ? 6.382   13.975  -13.807 1.00 21.93 ? 132 PHE A O   1 
ATOM   750  C CB  . PHE A 1 93  ? 8.296   15.889  -15.457 1.00 23.80 ? 132 PHE A CB  1 
ATOM   751  C CG  . PHE A 1 93  ? 9.636   16.464  -15.812 1.00 24.33 ? 132 PHE A CG  1 
ATOM   752  C CD1 . PHE A 1 93  ? 9.931   17.782  -15.519 1.00 25.21 ? 132 PHE A CD1 1 
ATOM   753  C CD2 . PHE A 1 93  ? 10.605  15.671  -16.403 1.00 25.76 ? 132 PHE A CD2 1 
ATOM   754  C CE1 . PHE A 1 93  ? 11.172  18.311  -15.851 1.00 27.24 ? 132 PHE A CE1 1 
ATOM   755  C CE2 . PHE A 1 93  ? 11.835  16.207  -16.744 1.00 26.78 ? 132 PHE A CE2 1 
ATOM   756  C CZ  . PHE A 1 93  ? 12.111  17.523  -16.473 1.00 25.49 ? 132 PHE A CZ  1 
ATOM   757  N N   . GLY A 1 94  ? 5.846   16.143  -13.403 1.00 22.11 ? 133 GLY A N   1 
ATOM   758  C CA  . GLY A 1 94  ? 4.387   15.946  -13.440 1.00 23.68 ? 133 GLY A CA  1 
ATOM   759  C C   . GLY A 1 94  ? 3.977   15.171  -14.683 1.00 23.60 ? 133 GLY A C   1 
ATOM   760  O O   . GLY A 1 94  ? 3.197   14.206  -14.552 1.00 23.43 ? 133 GLY A O   1 
ATOM   761  N N   . ALA A 1 95  ? 4.481   15.561  -15.858 1.00 22.79 ? 134 ALA A N   1 
ATOM   762  C CA  . ALA A 1 95  ? 4.108   14.952  -17.159 1.00 23.13 ? 134 ALA A CA  1 
ATOM   763  C C   . ALA A 1 95  ? 4.407   13.446  -17.118 1.00 22.42 ? 134 ALA A C   1 
ATOM   764  O O   . ALA A 1 95  ? 3.619   12.671  -17.675 1.00 24.38 ? 134 ALA A O   1 
ATOM   765  C CB  . ALA A 1 95  ? 4.844   15.620  -18.299 1.00 23.16 ? 134 ALA A CB  1 
ATOM   766  N N   . HIS A 1 96  ? 5.509   13.052  -16.477 1.00 23.88 ? 135 HIS A N   1 
ATOM   767  C CA  . HIS A 1 96  ? 5.919   11.632  -16.353 1.00 23.77 ? 135 HIS A CA  1 
ATOM   768  C C   . HIS A 1 96  ? 4.871   10.868  -15.538 1.00 22.76 ? 135 HIS A C   1 
ATOM   769  O O   . HIS A 1 96  ? 4.461   9.775   -15.959 1.00 24.50 ? 135 HIS A O   1 
ATOM   770  C CB  . HIS A 1 96  ? 7.314   11.499  -15.739 1.00 24.34 ? 135 HIS A CB  1 
ATOM   771  C CG  . HIS A 1 96  ? 7.648   10.076  -15.462 1.00 25.83 ? 135 HIS A CG  1 
ATOM   772  N ND1 . HIS A 1 96  ? 8.165   9.245   -16.439 1.00 27.04 ? 135 HIS A ND1 1 
ATOM   773  C CD2 . HIS A 1 96  ? 7.456   9.307   -14.367 1.00 24.41 ? 135 HIS A CD2 1 
ATOM   774  C CE1 . HIS A 1 96  ? 8.338   8.035   -15.930 1.00 26.88 ? 135 HIS A CE1 1 
ATOM   775  N NE2 . HIS A 1 96  ? 7.906   8.048   -14.662 1.00 25.96 ? 135 HIS A NE2 1 
ATOM   776  N N   . TRP A 1 97  ? 4.478   11.413  -14.385 1.00 20.91 ? 136 TRP A N   1 
ATOM   777  C CA  . TRP A 1 97  ? 3.562   10.730  -13.437 1.00 20.73 ? 136 TRP A CA  1 
ATOM   778  C C   . TRP A 1 97  ? 2.153   10.651  -14.032 1.00 21.07 ? 136 TRP A C   1 
ATOM   779  O O   . TRP A 1 97  ? 1.429   9.713   -13.670 1.00 22.49 ? 136 TRP A O   1 
ATOM   780  C CB  . TRP A 1 97  ? 3.544   11.434  -12.079 1.00 20.27 ? 136 TRP A CB  1 
ATOM   781  C CG  . TRP A 1 97  ? 4.873   11.502  -11.391 1.00 20.17 ? 136 TRP A CG  1 
ATOM   782  C CD1 . TRP A 1 97  ? 5.594   12.629  -11.119 1.00 21.94 ? 136 TRP A CD1 1 
ATOM   783  C CD2 . TRP A 1 97  ? 5.619   10.406  -10.836 1.00 21.51 ? 136 TRP A CD2 1 
ATOM   784  N NE1 . TRP A 1 97  ? 6.741   12.311  -10.445 1.00 21.16 ? 136 TRP A NE1 1 
ATOM   785  C CE2 . TRP A 1 97  ? 6.781   10.953  -10.249 1.00 20.76 ? 136 TRP A CE2 1 
ATOM   786  C CE3 . TRP A 1 97  ? 5.413   9.021   -10.760 1.00 21.62 ? 136 TRP A CE3 1 
ATOM   787  C CZ2 . TRP A 1 97  ? 7.730   10.161  -9.605  1.00 21.66 ? 136 TRP A CZ2 1 
ATOM   788  C CZ3 . TRP A 1 97  ? 6.355   8.238   -10.130 1.00 21.92 ? 136 TRP A CZ3 1 
ATOM   789  C CH2 . TRP A 1 97  ? 7.493   8.804   -9.547  1.00 21.35 ? 136 TRP A CH2 1 
ATOM   790  N N   . MET A 1 98  ? 1.780   11.589  -14.915 1.00 21.63 ? 137 MET A N   1 
ATOM   791  C CA  . MET A 1 98  ? 0.398   11.673  -15.443 1.00 21.76 ? 137 MET A CA  1 
ATOM   792  C C   . MET A 1 98  ? 0.242   10.929  -16.775 1.00 23.82 ? 137 MET A C   1 
ATOM   793  O O   . MET A 1 98  ? -0.907  10.668  -17.118 1.00 26.52 ? 137 MET A O   1 
ATOM   794  C CB  . MET A 1 98  ? -0.020  13.129  -15.629 1.00 22.06 ? 137 MET A CB  1 
ATOM   795  C CG  . MET A 1 98  ? -0.047  13.890  -14.335 1.00 23.63 ? 137 MET A CG  1 
ATOM   796  S SD  . MET A 1 98  ? -0.782  15.517  -14.516 1.00 24.81 ? 137 MET A SD  1 
ATOM   797  C CE  . MET A 1 98  ? 0.553   16.431  -15.280 1.00 26.20 ? 137 MET A CE  1 
ATOM   798  N N   . LYS A 1 99  ? 1.316   10.577  -17.485 1.00 25.26 ? 138 LYS A N   1 
ATOM   799  C CA  . LYS A 1 99  ? 1.202   10.045  -18.873 1.00 27.77 ? 138 LYS A CA  1 
ATOM   800  C C   . LYS A 1 99  ? 0.751   8.583   -18.854 1.00 29.65 ? 138 LYS A C   1 
ATOM   801  O O   . LYS A 1 99  ? 0.184   8.113   -19.849 1.00 28.93 ? 138 LYS A O   1 
ATOM   802  C CB  . LYS A 1 99  ? 2.519   10.205  -19.634 1.00 29.80 ? 138 LYS A CB  1 
ATOM   803  C CG  . LYS A 1 99  ? 3.654   9.292   -19.214 1.00 31.40 ? 138 LYS A CG  1 
ATOM   804  C CD  . LYS A 1 99  ? 4.936   9.656   -19.910 1.00 34.15 ? 138 LYS A CD  1 
ATOM   805  C CE  . LYS A 1 99  ? 6.161   9.004   -19.320 1.00 37.46 ? 138 LYS A CE  1 
ATOM   806  N NZ  . LYS A 1 99  ? 7.388   9.643   -19.851 1.00 39.38 ? 138 LYS A NZ  1 
ATOM   807  N N   . ALA A 1 100 ? 1.010   7.881   -17.758 1.00 27.65 ? 139 ALA A N   1 
ATOM   808  C CA  . ALA A 1 100 ? 0.665   6.459   -17.601 1.00 27.49 ? 139 ALA A CA  1 
ATOM   809  C C   . ALA A 1 100 ? 0.497   6.176   -16.122 1.00 27.67 ? 139 ALA A C   1 
ATOM   810  O O   . ALA A 1 100 ? 1.134   6.836   -15.296 1.00 24.60 ? 139 ALA A O   1 
ATOM   811  C CB  . ALA A 1 100 ? 1.739   5.577   -18.195 1.00 28.10 ? 139 ALA A CB  1 
ATOM   812  N N   . PRO A 1 101 ? -0.322  5.161   -15.776 1.00 27.15 ? 140 PRO A N   1 
ATOM   813  C CA  . PRO A 1 101 ? -0.537  4.786   -14.380 1.00 27.29 ? 140 PRO A CA  1 
ATOM   814  C C   . PRO A 1 101 ? 0.786   4.560   -13.635 1.00 25.04 ? 140 PRO A C   1 
ATOM   815  O O   . PRO A 1 101 ? 1.708   3.999   -14.205 1.00 25.98 ? 140 PRO A O   1 
ATOM   816  C CB  . PRO A 1 101 ? -1.337  3.478   -14.489 1.00 28.95 ? 140 PRO A CB  1 
ATOM   817  C CG  . PRO A 1 101 ? -2.053  3.591   -15.818 1.00 30.02 ? 140 PRO A CG  1 
ATOM   818  C CD  . PRO A 1 101 ? -1.064  4.303   -16.714 1.00 29.90 ? 140 PRO A CD  1 
ATOM   819  N N   . VAL A 1 102 ? 0.843   5.012   -12.385 1.00 23.59 ? 141 VAL A N   1 
ATOM   820  C CA  . VAL A 1 102 ? 2.015   4.883   -11.471 1.00 24.16 ? 141 VAL A CA  1 
ATOM   821  C C   . VAL A 1 102 ? 1.839   3.567   -10.707 1.00 24.19 ? 141 VAL A C   1 
ATOM   822  O O   . VAL A 1 102 ? 0.886   3.443   -9.945  1.00 23.79 ? 141 VAL A O   1 
ATOM   823  C CB  . VAL A 1 102 ? 2.102   6.106   -10.532 1.00 23.99 ? 141 VAL A CB  1 
ATOM   824  C CG1 . VAL A 1 102 ? 3.318   6.028   -9.623  1.00 25.05 ? 141 VAL A CG1 1 
ATOM   825  C CG2 . VAL A 1 102 ? 2.091   7.405   -11.322 1.00 24.41 ? 141 VAL A CG2 1 
ATOM   826  N N   A SER A 1 103 ? 2.742   2.608   -10.933 0.25 24.38 ? 142 SER A N   1 
ATOM   827  N N   B SER A 1 103 ? 2.746   2.609   -10.922 0.25 25.06 ? 142 SER A N   1 
ATOM   828  C CA  A SER A 1 103 ? 2.672   1.227   -10.388 0.25 24.32 ? 142 SER A CA  1 
ATOM   829  C CA  B SER A 1 103 ? 2.659   1.224   -10.384 0.25 25.42 ? 142 SER A CA  1 
ATOM   830  C C   A SER A 1 103 ? 3.737   1.032   -9.306  0.25 23.87 ? 142 SER A C   1 
ATOM   831  C C   B SER A 1 103 ? 3.737   1.000   -9.320  0.25 24.49 ? 142 SER A C   1 
ATOM   832  O O   A SER A 1 103 ? 4.903   1.350   -9.567  0.25 25.29 ? 142 SER A O   1 
ATOM   833  O O   B SER A 1 103 ? 4.911   1.264   -9.609  0.25 25.86 ? 142 SER A O   1 
ATOM   834  C CB  A SER A 1 103 ? 2.831   0.204   -11.479 0.25 24.46 ? 142 SER A CB  1 
ATOM   835  C CB  B SER A 1 103 ? 2.771   0.213   -11.495 0.25 26.34 ? 142 SER A CB  1 
ATOM   836  O OG  A SER A 1 103 ? 3.013   -1.089  -10.923 0.25 24.67 ? 142 SER A OG  1 
ATOM   837  O OG  B SER A 1 103 ? 1.653   0.299   -12.365 0.25 28.39 ? 142 SER A OG  1 
ATOM   838  N N   . PHE A 1 104 ? 3.341   0.506   -8.144  1.00 24.32 ? 143 PHE A N   1 
ATOM   839  C CA  . PHE A 1 104 ? 4.261   0.212   -7.020  1.00 23.60 ? 143 PHE A CA  1 
ATOM   840  C C   . PHE A 1 104 ? 4.571   -1.290  -7.025  1.00 25.76 ? 143 PHE A C   1 
ATOM   841  O O   . PHE A 1 104 ? 4.474   -1.957  -5.987  1.00 25.17 ? 143 PHE A O   1 
ATOM   842  C CB  . PHE A 1 104 ? 3.632   0.708   -5.719  1.00 23.01 ? 143 PHE A CB  1 
ATOM   843  C CG  . PHE A 1 104 ? 3.622   2.207   -5.598  1.00 23.61 ? 143 PHE A CG  1 
ATOM   844  C CD1 . PHE A 1 104 ? 4.645   2.869   -4.934  1.00 23.98 ? 143 PHE A CD1 1 
ATOM   845  C CD2 . PHE A 1 104 ? 2.597   2.958   -6.154  1.00 25.22 ? 143 PHE A CD2 1 
ATOM   846  C CE1 . PHE A 1 104 ? 4.643   4.250   -4.820  1.00 23.58 ? 143 PHE A CE1 1 
ATOM   847  C CE2 . PHE A 1 104 ? 2.596   4.340   -6.035  1.00 25.17 ? 143 PHE A CE2 1 
ATOM   848  C CZ  . PHE A 1 104 ? 3.617   4.980   -5.376  1.00 24.58 ? 143 PHE A CZ  1 
ATOM   849  N N   . SER A 1 105 ? 4.965   -1.816  -8.183  1.00 27.37 ? 144 SER A N   1 
ATOM   850  C CA  . SER A 1 105 ? 5.066   -3.279  -8.435  1.00 29.74 ? 144 SER A CA  1 
ATOM   851  C C   . SER A 1 105 ? 6.204   -3.915  -7.628  1.00 29.05 ? 144 SER A C   1 
ATOM   852  O O   . SER A 1 105 ? 6.104   -5.120  -7.352  1.00 29.61 ? 144 SER A O   1 
ATOM   853  C CB  . SER A 1 105 ? 5.220   -3.552  -9.915  1.00 31.76 ? 144 SER A CB  1 
ATOM   854  O OG  . SER A 1 105 ? 6.345   -2.861  -10.412 1.00 34.02 ? 144 SER A OG  1 
ATOM   855  N N   . LYS A 1 106 ? 7.223   -3.151  -7.228  1.00 27.77 ? 145 LYS A N   1 
ATOM   856  C CA  . LYS A 1 106 ? 8.476   -3.706  -6.647  1.00 30.00 ? 145 LYS A CA  1 
ATOM   857  C C   . LYS A 1 106 ? 8.516   -3.580  -5.122  1.00 30.16 ? 145 LYS A C   1 
ATOM   858  O O   . LYS A 1 106 ? 9.464   -4.132  -4.533  1.00 28.39 ? 145 LYS A O   1 
ATOM   859  C CB  . LYS A 1 106 ? 9.709   -2.993  -7.213  1.00 30.84 ? 145 LYS A CB  1 
ATOM   860  C CG  . LYS A 1 106 ? 9.791   -2.990  -8.731  1.00 34.48 ? 145 LYS A CG  1 
ATOM   861  C CD  . LYS A 1 106 ? 9.459   -4.324  -9.345  1.00 39.91 ? 145 LYS A CD  1 
ATOM   862  C CE  . LYS A 1 106 ? 10.037  -4.520  -10.733 1.00 43.79 ? 145 LYS A CE  1 
ATOM   863  N NZ  . LYS A 1 106 ? 10.096  -5.959  -11.091 1.00 45.71 ? 145 LYS A NZ  1 
ATOM   864  N N   . VAL A 1 107 ? 7.589   -2.849  -4.496  1.00 27.34 ? 146 VAL A N   1 
ATOM   865  C CA  . VAL A 1 107 ? 7.574   -2.731  -3.007  1.00 27.15 ? 146 VAL A CA  1 
ATOM   866  C C   . VAL A 1 107 ? 7.402   -4.142  -2.415  1.00 25.84 ? 146 VAL A C   1 
ATOM   867  O O   . VAL A 1 107 ? 6.615   -4.931  -2.968  1.00 25.14 ? 146 VAL A O   1 
ATOM   868  C CB  . VAL A 1 107 ? 6.502   -1.750  -2.496  1.00 27.50 ? 146 VAL A CB  1 
ATOM   869  C CG1 . VAL A 1 107 ? 5.084   -2.263  -2.740  1.00 27.77 ? 146 VAL A CG1 1 
ATOM   870  C CG2 . VAL A 1 107 ? 6.734   -1.444  -1.021  1.00 28.65 ? 146 VAL A CG2 1 
ATOM   871  N N   . LYS A 1 108 ? 8.165   -4.454  -1.361  1.00 25.82 ? 147 LYS A N   1 
ATOM   872  C CA  . LYS A 1 108 ? 8.158   -5.767  -0.661  1.00 26.87 ? 147 LYS A CA  1 
ATOM   873  C C   . LYS A 1 108 ? 7.716   -5.566  0.788   1.00 24.79 ? 147 LYS A C   1 
ATOM   874  O O   . LYS A 1 108 ? 8.190   -4.637  1.465   1.00 25.41 ? 147 LYS A O   1 
ATOM   875  C CB  . LYS A 1 108 ? 9.538   -6.431  -0.729  1.00 29.35 ? 147 LYS A CB  1 
ATOM   876  C CG  . LYS A 1 108 ? 9.888   -7.037  -2.077  1.00 32.10 ? 147 LYS A CG  1 
ATOM   877  C CD  . LYS A 1 108 ? 11.135  -7.901  -2.055  1.00 36.29 ? 147 LYS A CD  1 
ATOM   878  C CE  . LYS A 1 108 ? 11.289  -8.704  -3.330  1.00 40.74 ? 147 LYS A CE  1 
ATOM   879  N NZ  . LYS A 1 108 ? 12.525  -9.527  -3.331  1.00 43.93 ? 147 LYS A NZ  1 
ATOM   880  N N   . LEU A 1 109 ? 6.792   -6.412  1.227   1.00 26.16 ? 148 LEU A N   1 
ATOM   881  C CA  . LEU A 1 109 ? 6.261   -6.413  2.605   1.00 26.11 ? 148 LEU A CA  1 
ATOM   882  C C   . LEU A 1 109 ? 6.999   -7.500  3.382   1.00 26.26 ? 148 LEU A C   1 
ATOM   883  O O   . LEU A 1 109 ? 7.096   -8.632  2.868   1.00 26.75 ? 148 LEU A O   1 
ATOM   884  C CB  . LEU A 1 109 ? 4.756   -6.681  2.564   1.00 26.22 ? 148 LEU A CB  1 
ATOM   885  C CG  . LEU A 1 109 ? 3.945   -5.757  1.658   1.00 26.40 ? 148 LEU A CG  1 
ATOM   886  C CD1 . LEU A 1 109 ? 2.452   -6.027  1.841   1.00 25.50 ? 148 LEU A CD1 1 
ATOM   887  C CD2 . LEU A 1 109 ? 4.284   -4.294  1.913   1.00 26.68 ? 148 LEU A CD2 1 
ATOM   888  N N   . THR A 1 110 ? 7.472   -7.155  4.579   1.00 28.85 ? 149 THR A N   1 
ATOM   889  C CA  . THR A 1 110 ? 8.347   -8.016  5.410   1.00 28.56 ? 149 THR A CA  1 
ATOM   890  C C   . THR A 1 110 ? 7.899   -7.987  6.872   1.00 29.43 ? 149 THR A C   1 
ATOM   891  O O   . THR A 1 110 ? 7.245   -7.020  7.290   1.00 26.17 ? 149 THR A O   1 
ATOM   892  C CB  . THR A 1 110 ? 9.824   -7.621  5.296   1.00 29.14 ? 149 THR A CB  1 
ATOM   893  O OG1 . THR A 1 110 ? 10.542  -8.714  5.863   1.00 30.54 ? 149 THR A OG1 1 
ATOM   894  C CG2 . THR A 1 110 ? 10.185  -6.331  5.999   1.00 30.08 ? 149 THR A CG2 1 
ATOM   895  N N   . ASN A 1 111 ? 8.272   -9.034  7.603   1.00 30.43 ? 150 ASN A N   1 
ATOM   896  C CA  . ASN A 1 111 ? 8.063   -9.154  9.070   1.00 33.67 ? 150 ASN A CA  1 
ATOM   897  C C   . ASN A 1 111 ? 9.435   -9.214  9.761   1.00 36.94 ? 150 ASN A C   1 
ATOM   898  O O   . ASN A 1 111 ? 9.477   -9.590  10.948  1.00 40.03 ? 150 ASN A O   1 
ATOM   899  C CB  . ASN A 1 111 ? 7.141   -10.326 9.412   1.00 34.67 ? 150 ASN A CB  1 
ATOM   900  C CG  . ASN A 1 111 ? 7.661   -11.690 9.008   1.00 33.49 ? 150 ASN A CG  1 
ATOM   901  O OD1 . ASN A 1 111 ? 7.091   -12.706 9.402   1.00 35.99 ? 150 ASN A OD1 1 
ATOM   902  N ND2 . ASN A 1 111 ? 8.725   -11.741 8.226   1.00 31.94 ? 150 ASN A ND2 1 
ATOM   903  N N   . LYS A 1 112 ? 10.499  -8.818  9.049   1.00 40.89 ? 151 LYS A N   1 
ATOM   904  C CA  . LYS A 1 112 ? 11.895  -8.732  9.558   1.00 47.34 ? 151 LYS A CA  1 
ATOM   905  C C   . LYS A 1 112 ? 12.595  -7.526  8.921   1.00 51.06 ? 151 LYS A C   1 
ATOM   906  O O   . LYS A 1 112 ? 12.738  -7.511  7.674   1.00 48.74 ? 151 LYS A O   1 
ATOM   907  C CB  . LYS A 1 112 ? 12.674  -10.012 9.238   1.00 50.98 ? 151 LYS A CB  1 
ATOM   908  C CG  . LYS A 1 112 ? 12.290  -11.240 10.055  1.00 58.90 ? 151 LYS A CG  1 
ATOM   909  C CD  . LYS A 1 112 ? 12.929  -11.290 11.435  1.00 63.99 ? 151 LYS A CD  1 
ATOM   910  C CE  . LYS A 1 112 ? 12.567  -12.538 12.217  1.00 66.60 ? 151 LYS A CE  1 
ATOM   911  N NZ  . LYS A 1 112 ? 11.124  -12.569 12.563  1.00 68.90 ? 151 LYS A NZ  1 
ATOM   912  N N   . LEU A 1 113 ? 12.988  -6.547  9.743   1.00 55.49 ? 152 LEU A N   1 
ATOM   913  C CA  . LEU A 1 113 ? 13.893  -5.429  9.350   1.00 62.13 ? 152 LEU A CA  1 
ATOM   914  C C   . LEU A 1 113 ? 15.265  -5.989  8.938   1.00 59.68 ? 152 LEU A C   1 
ATOM   915  O O   . LEU A 1 113 ? 16.205  -5.901  9.737   1.00 61.07 ? 152 LEU A O   1 
ATOM   916  C CB  . LEU A 1 113 ? 14.014  -4.391  10.479  1.00 66.61 ? 152 LEU A CB  1 
ATOM   917  C CG  . LEU A 1 113 ? 14.181  -4.861  11.935  1.00 70.35 ? 152 LEU A CG  1 
ATOM   918  C CD1 . LEU A 1 113 ? 12.847  -4.895  12.666  1.00 70.85 ? 152 LEU A CD1 1 
ATOM   919  C CD2 . LEU A 1 113 ? 14.908  -6.197  12.087  1.00 71.87 ? 152 LEU A CD2 1 
ATOM   920  N N   . ASN A 1 114 ? 15.371  -6.531  7.720   1.00 60.39 ? 153 ASN A N   1 
ATOM   921  C CA  . ASN A 1 114 ? 16.631  -7.081  7.148   1.00 60.62 ? 153 ASN A CA  1 
ATOM   922  C C   . ASN A 1 114 ? 16.988  -6.297  5.875   1.00 61.83 ? 153 ASN A C   1 
ATOM   923  O O   . ASN A 1 114 ? 17.477  -6.925  4.911   1.00 49.62 ? 153 ASN A O   1 
ATOM   924  C CB  . ASN A 1 114 ? 16.550  -8.597  6.934   1.00 60.68 ? 153 ASN A CB  1 
ATOM   925  C CG  . ASN A 1 114 ? 15.628  -9.037  5.813   1.00 62.74 ? 153 ASN A CG  1 
ATOM   926  O OD1 . ASN A 1 114 ? 15.746  -10.161 5.333   1.00 66.38 ? 153 ASN A OD1 1 
ATOM   927  N ND2 . ASN A 1 114 ? 14.714  -8.179  5.393   1.00 66.23 ? 153 ASN A ND2 1 
ATOM   928  N N   . GLY A 1 115 ? 16.754  -4.977  5.894   1.00 62.28 ? 154 GLY A N   1 
ATOM   929  C CA  . GLY A 1 115 ? 17.182  -4.009  4.864   1.00 60.73 ? 154 GLY A CA  1 
ATOM   930  C C   . GLY A 1 115 ? 16.399  -4.143  3.567   1.00 60.96 ? 154 GLY A C   1 
ATOM   931  O O   . GLY A 1 115 ? 15.319  -4.772  3.584   1.00 60.48 ? 154 GLY A O   1 
ATOM   932  N N   . GLY A 1 116 ? 16.912  -3.530  2.493   1.00 58.12 ? 155 GLY A N   1 
ATOM   933  C CA  . GLY A 1 116 ? 16.435  -3.696  1.105   1.00 55.85 ? 155 GLY A CA  1 
ATOM   934  C C   . GLY A 1 116 ? 15.220  -2.842  0.772   1.00 52.59 ? 155 GLY A C   1 
ATOM   935  O O   . GLY A 1 116 ? 14.491  -3.223  -0.163  1.00 51.07 ? 155 GLY A O   1 
ATOM   936  N N   . GLY A 1 117 ? 15.013  -1.722  1.477   1.00 52.73 ? 156 GLY A N   1 
ATOM   937  C CA  . GLY A 1 117 ? 13.906  -0.771  1.239   1.00 50.51 ? 156 GLY A CA  1 
ATOM   938  C C   . GLY A 1 117 ? 12.541  -1.430  1.398   1.00 50.35 ? 156 GLY A C   1 
ATOM   939  O O   . GLY A 1 117 ? 11.595  -1.038  0.679   1.00 54.87 ? 156 GLY A O   1 
ATOM   940  N N   . GLN A 1 118 ? 12.442  -2.389  2.319   1.00 46.03 ? 157 GLN A N   1 
ATOM   941  C CA  . GLN A 1 118 ? 11.232  -3.215  2.549   1.00 42.64 ? 157 GLN A CA  1 
ATOM   942  C C   . GLN A 1 118 ? 10.296  -2.461  3.504   1.00 39.81 ? 157 GLN A C   1 
ATOM   943  O O   . GLN A 1 118 ? 10.740  -1.480  4.148   1.00 38.66 ? 157 GLN A O   1 
ATOM   944  C CB  . GLN A 1 118 ? 11.648  -4.589  3.078   1.00 45.41 ? 157 GLN A CB  1 
ATOM   945  C CG  . GLN A 1 118 ? 12.173  -5.511  1.989   1.00 47.18 ? 157 GLN A CG  1 
ATOM   946  C CD  . GLN A 1 118 ? 12.816  -6.771  2.514   1.00 49.35 ? 157 GLN A CD  1 
ATOM   947  O OE1 . GLN A 1 118 ? 12.556  -7.224  3.626   1.00 52.94 ? 157 GLN A OE1 1 
ATOM   948  N NE2 . GLN A 1 118 ? 13.679  -7.354  1.701   1.00 56.41 ? 157 GLN A NE2 1 
ATOM   949  N N   . ILE A 1 119 ? 9.030   -2.874  3.561   1.00 32.27 ? 158 ILE A N   1 
ATOM   950  C CA  . ILE A 1 119 ? 8.019   -2.311  4.493   1.00 28.97 ? 158 ILE A CA  1 
ATOM   951  C C   . ILE A 1 119 ? 7.771   -3.354  5.589   1.00 26.75 ? 158 ILE A C   1 
ATOM   952  O O   . ILE A 1 119 ? 7.221   -4.425  5.274   1.00 25.80 ? 158 ILE A O   1 
ATOM   953  C CB  . ILE A 1 119 ? 6.710   -1.952  3.760   1.00 29.65 ? 158 ILE A CB  1 
ATOM   954  C CG1 . ILE A 1 119 ? 6.922   -0.989  2.586   1.00 29.31 ? 158 ILE A CG1 1 
ATOM   955  C CG2 . ILE A 1 119 ? 5.693   -1.426  4.757   1.00 28.89 ? 158 ILE A CG2 1 
ATOM   956  C CD1 . ILE A 1 119 ? 7.104   0.459   2.979   1.00 30.65 ? 158 ILE A CD1 1 
ATOM   957  N N   . MET A 1 120 ? 8.159   -3.028  6.823   1.00 27.76 ? 159 MET A N   1 
ATOM   958  C CA  . MET A 1 120 ? 7.920   -3.862  8.029   1.00 31.00 ? 159 MET A CA  1 
ATOM   959  C C   . MET A 1 120 ? 6.442   -3.747  8.422   1.00 27.82 ? 159 MET A C   1 
ATOM   960  O O   . MET A 1 120 ? 5.995   -2.628  8.662   1.00 26.25 ? 159 MET A O   1 
ATOM   961  C CB  . MET A 1 120 ? 8.787   -3.365  9.188   1.00 34.56 ? 159 MET A CB  1 
ATOM   962  C CG  . MET A 1 120 ? 8.652   -4.196  10.440  1.00 40.09 ? 159 MET A CG  1 
ATOM   963  S SD  . MET A 1 120 ? 9.384   -5.823  10.227  1.00 48.32 ? 159 MET A SD  1 
ATOM   964  C CE  . MET A 1 120 ? 9.599   -6.275  11.949  1.00 50.11 ? 159 MET A CE  1 
ATOM   965  N N   . LEU A 1 121 ? 5.715   -4.867  8.492   1.00 25.57 ? 160 LEU A N   1 
ATOM   966  C CA  . LEU A 1 121 ? 4.307   -4.876  8.966   1.00 26.58 ? 160 LEU A CA  1 
ATOM   967  C C   . LEU A 1 121 ? 4.171   -5.946  10.050  1.00 28.34 ? 160 LEU A C   1 
ATOM   968  O O   . LEU A 1 121 ? 4.954   -6.915  10.030  1.00 30.75 ? 160 LEU A O   1 
ATOM   969  C CB  . LEU A 1 121 ? 3.356   -5.175  7.805   1.00 26.12 ? 160 LEU A CB  1 
ATOM   970  C CG  . LEU A 1 121 ? 3.369   -4.200  6.626   1.00 24.62 ? 160 LEU A CG  1 
ATOM   971  C CD1 . LEU A 1 121 ? 2.383   -4.670  5.573   1.00 25.91 ? 160 LEU A CD1 1 
ATOM   972  C CD2 . LEU A 1 121 ? 3.041   -2.788  7.058   1.00 24.62 ? 160 LEU A CD2 1 
ATOM   973  N N   . ASN A 1 122 ? 3.222   -5.757  10.961  1.00 26.33 ? 161 ASN A N   1 
ATOM   974  C CA  . ASN A 1 122 ? 2.896   -6.742  12.020  1.00 27.26 ? 161 ASN A CA  1 
ATOM   975  C C   . ASN A 1 122 ? 1.876   -7.744  11.467  1.00 26.74 ? 161 ASN A C   1 
ATOM   976  O O   . ASN A 1 122 ? 0.778   -7.332  11.033  1.00 26.53 ? 161 ASN A O   1 
ATOM   977  C CB  . ASN A 1 122 ? 2.392   -6.046  13.284  1.00 27.80 ? 161 ASN A CB  1 
ATOM   978  C CG  . ASN A 1 122 ? 3.434   -5.148  13.924  1.00 28.57 ? 161 ASN A CG  1 
ATOM   979  O OD1 . ASN A 1 122 ? 4.607   -5.479  13.958  1.00 32.28 ? 161 ASN A OD1 1 
ATOM   980  N ND2 . ASN A 1 122 ? 3.007   -4.012  14.441  1.00 34.22 ? 161 ASN A ND2 1 
ATOM   981  N N   . SER A 1 123 ? 2.216   -9.029  11.523  1.00 26.47 ? 162 SER A N   1 
ATOM   982  C CA  . SER A 1 123 ? 1.311   -10.146 11.172  1.00 27.92 ? 162 SER A CA  1 
ATOM   983  C C   . SER A 1 123 ? 0.002   -9.983  11.952  1.00 25.83 ? 162 SER A C   1 
ATOM   984  O O   . SER A 1 123 ? 0.054   -9.574  13.142  1.00 25.12 ? 162 SER A O   1 
ATOM   985  C CB  . SER A 1 123 ? 1.963   -11.478 11.426  1.00 32.28 ? 162 SER A CB  1 
ATOM   986  O OG  . SER A 1 123 ? 1.140   -12.522 10.924  1.00 37.20 ? 162 SER A OG  1 
ATOM   987  N N   . LEU A 1 124 ? -1.118  -10.223 11.265  1.00 23.88 ? 163 LEU A N   1 
ATOM   988  C CA  . LEU A 1 124 ? -2.504  -10.250 11.799  1.00 25.12 ? 163 LEU A CA  1 
ATOM   989  C C   . LEU A 1 124 ? -2.963  -8.843  12.198  1.00 23.91 ? 163 LEU A C   1 
ATOM   990  O O   . LEU A 1 124 ? -3.963  -8.734  12.883  1.00 22.73 ? 163 LEU A O   1 
ATOM   991  C CB  . LEU A 1 124 ? -2.583  -11.259 12.956  1.00 26.13 ? 163 LEU A CB  1 
ATOM   992  C CG  . LEU A 1 124 ? -2.302  -12.707 12.545  1.00 28.79 ? 163 LEU A CG  1 
ATOM   993  C CD1 . LEU A 1 124 ? -2.455  -13.655 13.730  1.00 29.94 ? 163 LEU A CD1 1 
ATOM   994  C CD2 . LEU A 1 124 ? -3.214  -13.133 11.403  1.00 27.76 ? 163 LEU A CD2 1 
ATOM   995  N N   . HIS A 1 125 ? -2.316  -7.801  11.673  1.00 22.38 ? 164 HIS A N   1 
ATOM   996  C CA  . HIS A 1 125 ? -2.767  -6.397  11.765  1.00 22.10 ? 164 HIS A CA  1 
ATOM   997  C C   . HIS A 1 125 ? -3.191  -5.916  10.378  1.00 21.79 ? 164 HIS A C   1 
ATOM   998  O O   . HIS A 1 125 ? -2.592  -6.358  9.346   1.00 21.37 ? 164 HIS A O   1 
ATOM   999  C CB  . HIS A 1 125 ? -1.691  -5.490  12.356  1.00 23.02 ? 164 HIS A CB  1 
ATOM   1000 C CG  . HIS A 1 125 ? -1.311  -5.824  13.757  1.00 24.46 ? 164 HIS A CG  1 
ATOM   1001 N ND1 . HIS A 1 125 ? -0.730  -7.012  14.081  1.00 24.97 ? 164 HIS A ND1 1 
ATOM   1002 C CD2 . HIS A 1 125 ? -1.362  -5.093  14.894  1.00 26.41 ? 164 HIS A CD2 1 
ATOM   1003 C CE1 . HIS A 1 125 ? -0.458  -7.026  15.374  1.00 27.68 ? 164 HIS A CE1 1 
ATOM   1004 N NE2 . HIS A 1 125 ? -0.837  -5.864  15.889  1.00 26.45 ? 164 HIS A NE2 1 
ATOM   1005 N N   . LYS A 1 126 ? -4.187  -5.047  10.365  1.00 21.38 ? 165 LYS A N   1 
ATOM   1006 C CA  . LYS A 1 126 ? -4.790  -4.510  9.124   1.00 22.08 ? 165 LYS A CA  1 
ATOM   1007 C C   . LYS A 1 126 ? -4.084  -3.199  8.777   1.00 22.21 ? 165 LYS A C   1 
ATOM   1008 O O   . LYS A 1 126 ? -3.853  -2.368  9.697   1.00 22.12 ? 165 LYS A O   1 
ATOM   1009 C CB  . LYS A 1 126 ? -6.287  -4.306  9.313   1.00 23.97 ? 165 LYS A CB  1 
ATOM   1010 C CG  . LYS A 1 126 ? -7.024  -3.734  8.110   1.00 26.88 ? 165 LYS A CG  1 
ATOM   1011 C CD  . LYS A 1 126 ? -8.525  -3.661  8.312   1.00 29.17 ? 165 LYS A CD  1 
ATOM   1012 C CE  . LYS A 1 126 ? -9.114  -5.041  8.544   1.00 33.40 ? 165 LYS A CE  1 
ATOM   1013 N NZ  . LYS A 1 126 ? -10.530 -5.134  8.122   1.00 36.56 ? 165 LYS A NZ  1 
ATOM   1014 N N   . TYR A 1 127 ? -3.780  -3.010  7.498   1.00 21.20 ? 166 TYR A N   1 
ATOM   1015 C CA  . TYR A 1 127 ? -3.089  -1.798  6.996   1.00 21.97 ? 166 TYR A CA  1 
ATOM   1016 C C   . TYR A 1 127 ? -3.838  -1.229  5.801   1.00 22.21 ? 166 TYR A C   1 
ATOM   1017 O O   . TYR A 1 127 ? -4.502  -1.990  5.070   1.00 21.17 ? 166 TYR A O   1 
ATOM   1018 C CB  . TYR A 1 127 ? -1.647  -2.124  6.643   1.00 22.71 ? 166 TYR A CB  1 
ATOM   1019 C CG  . TYR A 1 127 ? -0.814  -2.489  7.841   1.00 23.26 ? 166 TYR A CG  1 
ATOM   1020 C CD1 . TYR A 1 127 ? -0.248  -1.504  8.634   1.00 23.34 ? 166 TYR A CD1 1 
ATOM   1021 C CD2 . TYR A 1 127 ? -0.629  -3.813  8.202   1.00 22.88 ? 166 TYR A CD2 1 
ATOM   1022 C CE1 . TYR A 1 127 ? 0.530   -1.833  9.731   1.00 24.24 ? 166 TYR A CE1 1 
ATOM   1023 C CE2 . TYR A 1 127 ? 0.128   -4.155  9.309   1.00 22.91 ? 166 TYR A CE2 1 
ATOM   1024 C CZ  . TYR A 1 127 ? 0.713   -3.164  10.071  1.00 24.42 ? 166 TYR A CZ  1 
ATOM   1025 O OH  . TYR A 1 127 ? 1.466   -3.513  11.159  1.00 24.99 ? 166 TYR A OH  1 
ATOM   1026 N N   . GLU A 1 128 ? -3.675  0.079   5.603   1.00 22.87 ? 167 GLU A N   1 
ATOM   1027 C CA  . GLU A 1 128 ? -4.254  0.828   4.463   1.00 23.89 ? 167 GLU A CA  1 
ATOM   1028 C C   . GLU A 1 128 ? -3.119  1.572   3.769   1.00 23.34 ? 167 GLU A C   1 
ATOM   1029 O O   . GLU A 1 128 ? -2.508  2.466   4.359   1.00 22.76 ? 167 GLU A O   1 
ATOM   1030 C CB  . GLU A 1 128 ? -5.336  1.784   4.949   1.00 26.27 ? 167 GLU A CB  1 
ATOM   1031 C CG  . GLU A 1 128 ? -6.049  2.497   3.821   1.00 29.36 ? 167 GLU A CG  1 
ATOM   1032 C CD  . GLU A 1 128 ? -7.160  3.383   4.347   1.00 34.94 ? 167 GLU A CD  1 
ATOM   1033 O OE1 . GLU A 1 128 ? -6.872  4.551   4.671   1.00 38.97 ? 167 GLU A OE1 1 
ATOM   1034 O OE2 . GLU A 1 128 ? -8.286  2.880   4.507   1.00 39.51 ? 167 GLU A OE2 1 
ATOM   1035 N N   . PRO A 1 129 ? -2.781  1.177   2.526   1.00 23.99 ? 168 PRO A N   1 
ATOM   1036 C CA  . PRO A 1 129 ? -1.819  1.914   1.711   1.00 22.53 ? 168 PRO A CA  1 
ATOM   1037 C C   . PRO A 1 129 ? -2.165  3.403   1.578   1.00 22.06 ? 168 PRO A C   1 
ATOM   1038 O O   . PRO A 1 129 ? -3.347  3.783   1.470   1.00 22.01 ? 168 PRO A O   1 
ATOM   1039 C CB  . PRO A 1 129 ? -1.873  1.207   0.353   1.00 23.09 ? 168 PRO A CB  1 
ATOM   1040 C CG  . PRO A 1 129 ? -2.311  -0.204  0.694   1.00 24.33 ? 168 PRO A CG  1 
ATOM   1041 C CD  . PRO A 1 129 ? -3.276  -0.031  1.840   1.00 23.21 ? 168 PRO A CD  1 
ATOM   1042 N N   . ARG A 1 130 ? -1.114  4.217   1.579   1.00 21.92 ? 169 ARG A N   1 
ATOM   1043 C CA  . ARG A 1 130 ? -1.207  5.688   1.477   1.00 22.16 ? 169 ARG A CA  1 
ATOM   1044 C C   . ARG A 1 130 ? -0.085  6.179   0.574   1.00 21.92 ? 169 ARG A C   1 
ATOM   1045 O O   . ARG A 1 130 ? 1.069   5.827   0.829   1.00 22.38 ? 169 ARG A O   1 
ATOM   1046 C CB  . ARG A 1 130 ? -1.126  6.310   2.872   1.00 23.16 ? 169 ARG A CB  1 
ATOM   1047 C CG  . ARG A 1 130 ? -1.195  7.828   2.885   1.00 23.04 ? 169 ARG A CG  1 
ATOM   1048 C CD  . ARG A 1 130 ? -1.306  8.347   4.308   1.00 23.95 ? 169 ARG A CD  1 
ATOM   1049 N NE  . ARG A 1 130 ? -0.159  7.991   5.129   1.00 23.28 ? 169 ARG A NE  1 
ATOM   1050 C CZ  . ARG A 1 130 ? 0.061   8.483   6.348   1.00 25.67 ? 169 ARG A CZ  1 
ATOM   1051 N NH1 . ARG A 1 130 ? -0.815  9.307   6.894   1.00 26.05 ? 169 ARG A NH1 1 
ATOM   1052 N NH2 . ARG A 1 130 ? 1.151   8.145   7.016   1.00 26.32 ? 169 ARG A NH2 1 
ATOM   1053 N N   . ILE A 1 131 ? -0.419  6.977   -0.435  1.00 21.21 ? 170 ILE A N   1 
ATOM   1054 C CA  . ILE A 1 131 ? 0.578   7.530   -1.387  1.00 22.36 ? 170 ILE A CA  1 
ATOM   1055 C C   . ILE A 1 131 ? 0.754   9.008   -1.065  1.00 21.05 ? 170 ILE A C   1 
ATOM   1056 O O   . ILE A 1 131 ? -0.265  9.700   -0.871  1.00 23.08 ? 170 ILE A O   1 
ATOM   1057 C CB  . ILE A 1 131 ? 0.145   7.294   -2.844  1.00 24.38 ? 170 ILE A CB  1 
ATOM   1058 C CG1 . ILE A 1 131 ? 0.243   5.804   -3.183  1.00 25.90 ? 170 ILE A CG1 1 
ATOM   1059 C CG2 . ILE A 1 131 ? 0.965   8.156   -3.796  1.00 24.45 ? 170 ILE A CG2 1 
ATOM   1060 C CD1 . ILE A 1 131 ? -0.445  5.428   -4.484  1.00 28.48 ? 170 ILE A CD1 1 
ATOM   1061 N N   . HIS A 1 132 ? 2.008   9.452   -1.016  1.00 21.05 ? 171 HIS A N   1 
ATOM   1062 C CA  . HIS A 1 132 ? 2.401   10.864  -0.817  1.00 21.19 ? 171 HIS A CA  1 
ATOM   1063 C C   . HIS A 1 132 ? 3.042   11.381  -2.103  1.00 21.82 ? 171 HIS A C   1 
ATOM   1064 O O   . HIS A 1 132 ? 3.904   10.686  -2.652  1.00 22.37 ? 171 HIS A O   1 
ATOM   1065 C CB  . HIS A 1 132 ? 3.378   11.018  0.343   1.00 23.07 ? 171 HIS A CB  1 
ATOM   1066 C CG  . HIS A 1 132 ? 2.935   10.298  1.563   1.00 25.31 ? 171 HIS A CG  1 
ATOM   1067 N ND1 . HIS A 1 132 ? 2.239   10.925  2.568   1.00 27.14 ? 171 HIS A ND1 1 
ATOM   1068 C CD2 . HIS A 1 132 ? 3.052   9.000   1.919   1.00 28.12 ? 171 HIS A CD2 1 
ATOM   1069 C CE1 . HIS A 1 132 ? 1.964   10.045  3.515   1.00 26.55 ? 171 HIS A CE1 1 
ATOM   1070 N NE2 . HIS A 1 132 ? 2.441   8.859   3.137   1.00 26.81 ? 171 HIS A NE2 1 
ATOM   1071 N N   . ILE A 1 133 ? 2.653   12.571  -2.521  1.00 19.86 ? 172 ILE A N   1 
ATOM   1072 C CA  . ILE A 1 133 ? 3.308   13.274  -3.657  1.00 20.15 ? 172 ILE A CA  1 
ATOM   1073 C C   . ILE A 1 133 ? 4.028   14.472  -3.057  1.00 22.13 ? 172 ILE A C   1 
ATOM   1074 O O   . ILE A 1 133 ? 3.334   15.306  -2.444  1.00 21.34 ? 172 ILE A O   1 
ATOM   1075 C CB  . ILE A 1 133 ? 2.302   13.648  -4.753  1.00 21.48 ? 172 ILE A CB  1 
ATOM   1076 C CG1 . ILE A 1 133 ? 1.521   12.426  -5.238  1.00 21.75 ? 172 ILE A CG1 1 
ATOM   1077 C CG2 . ILE A 1 133 ? 3.006   14.358  -5.902  1.00 22.02 ? 172 ILE A CG2 1 
ATOM   1078 C CD1 . ILE A 1 133 ? 0.342   12.753  -6.133  1.00 22.55 ? 172 ILE A CD1 1 
ATOM   1079 N N   . VAL A 1 134 ? 5.356   14.477  -3.190  1.00 23.17 ? 173 VAL A N   1 
ATOM   1080 C CA  . VAL A 1 134 ? 6.303   15.450  -2.580  1.00 26.56 ? 173 VAL A CA  1 
ATOM   1081 C C   . VAL A 1 134 ? 6.829   16.324  -3.721  1.00 25.69 ? 173 VAL A C   1 
ATOM   1082 O O   . VAL A 1 134 ? 7.444   15.764  -4.663  1.00 27.51 ? 173 VAL A O   1 
ATOM   1083 C CB  . VAL A 1 134 ? 7.459   14.729  -1.854  1.00 28.49 ? 173 VAL A CB  1 
ATOM   1084 C CG1 . VAL A 1 134 ? 8.418   15.711  -1.183  1.00 31.31 ? 173 VAL A CG1 1 
ATOM   1085 C CG2 . VAL A 1 134 ? 6.966   13.711  -0.849  1.00 29.31 ? 173 VAL A CG2 1 
ATOM   1086 N N   . ARG A 1 135 ? 6.611   17.632  -3.653  1.00 24.52 ? 174 ARG A N   1 
ATOM   1087 C CA  . ARG A 1 135 ? 7.119   18.561  -4.687  1.00 26.09 ? 174 ARG A CA  1 
ATOM   1088 C C   . ARG A 1 135 ? 8.612   18.808  -4.462  1.00 26.38 ? 174 ARG A C   1 
ATOM   1089 O O   . ARG A 1 135 ? 8.994   19.118  -3.320  1.00 27.95 ? 174 ARG A O   1 
ATOM   1090 C CB  . ARG A 1 135 ? 6.370   19.887  -4.664  1.00 28.26 ? 174 ARG A CB  1 
ATOM   1091 C CG  . ARG A 1 135 ? 6.683   20.739  -5.880  1.00 29.64 ? 174 ARG A CG  1 
ATOM   1092 C CD  . ARG A 1 135 ? 5.551   21.701  -6.127  1.00 33.10 ? 174 ARG A CD  1 
ATOM   1093 N NE  . ARG A 1 135 ? 5.332   22.529  -4.946  1.00 36.43 ? 174 ARG A NE  1 
ATOM   1094 C CZ  . ARG A 1 135 ? 4.230   23.235  -4.699  1.00 38.91 ? 174 ARG A CZ  1 
ATOM   1095 N NH1 . ARG A 1 135 ? 4.154   23.970  -3.601  1.00 35.73 ? 174 ARG A NH1 1 
ATOM   1096 N NH2 . ARG A 1 135 ? 3.195   23.180  -5.531  1.00 39.81 ? 174 ARG A NH2 1 
ATOM   1097 N N   . VAL A 1 136 ? 9.447   18.665  -5.493  1.00 26.21 ? 175 VAL A N   1 
ATOM   1098 C CA  . VAL A 1 136 ? 10.913  18.817  -5.264  1.00 26.67 ? 175 VAL A CA  1 
ATOM   1099 C C   . VAL A 1 136 ? 11.277  20.298  -5.403  1.00 26.01 ? 175 VAL A C   1 
ATOM   1100 O O   . VAL A 1 136 ? 10.616  21.019  -6.168  1.00 24.11 ? 175 VAL A O   1 
ATOM   1101 C CB  . VAL A 1 136 ? 11.813  17.878  -6.094  1.00 29.98 ? 175 VAL A CB  1 
ATOM   1102 C CG1 . VAL A 1 136 ? 11.085  16.643  -6.597  1.00 29.82 ? 175 VAL A CG1 1 
ATOM   1103 C CG2 . VAL A 1 136 ? 12.601  18.575  -7.178  1.00 31.22 ? 175 VAL A CG2 1 
ATOM   1104 N N   . GLY A 1 137 ? 12.278  20.711  -4.628  1.00 27.07 ? 176 GLY A N   1 
ATOM   1105 C CA  . GLY A 1 137 ? 12.864  22.064  -4.622  1.00 29.70 ? 176 GLY A CA  1 
ATOM   1106 C C   . GLY A 1 137 ? 11.898  23.066  -4.025  1.00 29.91 ? 176 GLY A C   1 
ATOM   1107 O O   . GLY A 1 137 ? 11.963  24.246  -4.370  1.00 32.52 ? 176 GLY A O   1 
ATOM   1108 N N   . ASP A 1 138 ? 10.980  22.596  -3.185  1.00 29.25 ? 177 ASP A N   1 
ATOM   1109 C CA  . ASP A 1 138 ? 9.912   23.450  -2.620  1.00 27.43 ? 177 ASP A CA  1 
ATOM   1110 C C   . ASP A 1 138 ? 10.333  23.870  -1.218  1.00 26.68 ? 177 ASP A C   1 
ATOM   1111 O O   . ASP A 1 138 ? 10.463  23.018  -0.347  1.00 25.19 ? 177 ASP A O   1 
ATOM   1112 C CB  . ASP A 1 138 ? 8.578   22.713  -2.605  1.00 28.19 ? 177 ASP A CB  1 
ATOM   1113 C CG  . ASP A 1 138 ? 7.445   23.555  -2.060  1.00 29.63 ? 177 ASP A CG  1 
ATOM   1114 O OD1 . ASP A 1 138 ? 7.673   24.757  -1.744  1.00 30.94 ? 177 ASP A OD1 1 
ATOM   1115 O OD2 . ASP A 1 138 ? 6.363   23.002  -1.927  1.00 29.81 ? 177 ASP A OD2 1 
ATOM   1116 N N   . PRO A 1 139 ? 10.588  25.177  -0.957  1.00 27.52 ? 178 PRO A N   1 
ATOM   1117 C CA  . PRO A 1 139 ? 10.940  25.623  0.394   1.00 27.73 ? 178 PRO A CA  1 
ATOM   1118 C C   . PRO A 1 139 ? 9.845   25.307  1.434   1.00 25.80 ? 178 PRO A C   1 
ATOM   1119 O O   . PRO A 1 139 ? 10.175  25.131  2.590   1.00 24.53 ? 178 PRO A O   1 
ATOM   1120 C CB  . PRO A 1 139 ? 11.172  27.137  0.257   1.00 29.83 ? 178 PRO A CB  1 
ATOM   1121 C CG  . PRO A 1 139 ? 10.595  27.525  -1.087  1.00 31.63 ? 178 PRO A CG  1 
ATOM   1122 C CD  . PRO A 1 139 ? 10.602  26.271  -1.935  1.00 29.48 ? 178 PRO A CD  1 
ATOM   1123 N N   . GLN A 1 140 ? 8.585   25.185  1.003   1.00 23.65 ? 179 GLN A N   1 
ATOM   1124 C CA  . GLN A 1 140 ? 7.449   24.825  1.886   1.00 23.96 ? 179 GLN A CA  1 
ATOM   1125 C C   . GLN A 1 140 ? 7.294   23.308  2.017   1.00 23.21 ? 179 GLN A C   1 
ATOM   1126 O O   . GLN A 1 140 ? 6.469   22.862  2.847   1.00 22.82 ? 179 GLN A O   1 
ATOM   1127 C CB  . GLN A 1 140 ? 6.160   25.435  1.359   1.00 25.72 ? 179 GLN A CB  1 
ATOM   1128 C CG  . GLN A 1 140 ? 6.165   26.948  1.426   1.00 29.66 ? 179 GLN A CG  1 
ATOM   1129 C CD  . GLN A 1 140 ? 4.780   27.452  1.109   1.00 31.94 ? 179 GLN A CD  1 
ATOM   1130 O OE1 . GLN A 1 140 ? 4.034   27.858  1.993   1.00 36.07 ? 179 GLN A OE1 1 
ATOM   1131 N NE2 . GLN A 1 140 ? 4.411   27.361  -0.156  1.00 30.12 ? 179 GLN A NE2 1 
ATOM   1132 N N   . ARG A 1 141 ? 8.077   22.548  1.263   1.00 22.38 ? 180 ARG A N   1 
ATOM   1133 C CA  . ARG A 1 141 ? 8.036   21.069  1.378   1.00 24.20 ? 180 ARG A CA  1 
ATOM   1134 C C   . ARG A 1 141 ? 6.587   20.606  1.322   1.00 23.08 ? 180 ARG A C   1 
ATOM   1135 O O   . ARG A 1 141 ? 6.223   19.708  2.035   1.00 23.15 ? 180 ARG A O   1 
ATOM   1136 C CB  . ARG A 1 141 ? 8.704   20.656  2.681   1.00 28.89 ? 180 ARG A CB  1 
ATOM   1137 C CG  . ARG A 1 141 ? 10.141  21.119  2.773   1.00 34.32 ? 180 ARG A CG  1 
ATOM   1138 C CD  . ARG A 1 141 ? 10.946  20.164  3.603   1.00 39.08 ? 180 ARG A CD  1 
ATOM   1139 N NE  . ARG A 1 141 ? 10.514  20.330  4.959   1.00 42.38 ? 180 ARG A NE  1 
ATOM   1140 C CZ  . ARG A 1 141 ? 10.730  21.425  5.629   1.00 49.76 ? 180 ARG A CZ  1 
ATOM   1141 N NH1 . ARG A 1 141 ? 10.323  21.546  6.877   1.00 50.35 ? 180 ARG A NH1 1 
ATOM   1142 N NH2 . ARG A 1 141 ? 11.419  22.382  5.064   1.00 54.90 ? 180 ARG A NH2 1 
ATOM   1143 N N   A MET A 1 142 ? 5.880   21.075  0.309   0.25 23.18 ? 181 MET A N   1 
ATOM   1144 N N   B MET A 1 142 ? 5.896   21.050  0.281   0.25 23.06 ? 181 MET A N   1 
ATOM   1145 C CA  A MET A 1 142 ? 4.454   20.704  0.138   0.25 23.63 ? 181 MET A CA  1 
ATOM   1146 C CA  B MET A 1 142 ? 4.461   20.722  0.081   0.25 23.41 ? 181 MET A CA  1 
ATOM   1147 C C   A MET A 1 142 ? 4.380   19.196  -0.110  0.25 22.73 ? 181 MET A C   1 
ATOM   1148 C C   B MET A 1 142 ? 4.331   19.235  -0.268  0.25 22.47 ? 181 MET A C   1 
ATOM   1149 O O   A MET A 1 142 ? 5.213   18.662  -0.874  0.25 21.97 ? 181 MET A O   1 
ATOM   1150 O O   B MET A 1 142 ? 5.002   18.771  -1.217  0.25 22.33 ? 181 MET A O   1 
ATOM   1151 C CB  A MET A 1 142 ? 3.783   21.444  -1.019  0.25 24.73 ? 181 MET A CB  1 
ATOM   1152 C CB  B MET A 1 142 ? 3.845   21.585  -1.023  0.25 24.56 ? 181 MET A CB  1 
ATOM   1153 C CG  A MET A 1 142 ? 2.312   21.103  -1.142  0.25 25.73 ? 181 MET A CG  1 
ATOM   1154 C CG  B MET A 1 142 ? 2.351   21.401  -1.162  0.25 25.63 ? 181 MET A CG  1 
ATOM   1155 S SD  A MET A 1 142 ? 1.480   22.040  -2.444  0.25 27.30 ? 181 MET A SD  1 
ATOM   1156 S SD  B MET A 1 142 ? 1.949   19.966  -2.177  0.25 26.83 ? 181 MET A SD  1 
ATOM   1157 C CE  A MET A 1 142 ? -0.151  21.301  -2.401  0.25 26.69 ? 181 MET A CE  1 
ATOM   1158 C CE  B MET A 1 142 ? 2.371   20.584  -3.806  0.25 26.86 ? 181 MET A CE  1 
ATOM   1159 N N   A ILE A 1 143 ? 3.434   18.540  0.554   0.25 22.51 ? 182 ILE A N   1 
ATOM   1160 N N   B ILE A 1 143 ? 3.512   18.517  0.502   0.25 21.67 ? 182 ILE A N   1 
ATOM   1161 C CA  A ILE A 1 143 ? 3.138   17.096  0.360   0.25 22.43 ? 182 ILE A CA  1 
ATOM   1162 C CA  B ILE A 1 143 ? 3.267   17.054  0.349   0.25 21.07 ? 182 ILE A CA  1 
ATOM   1163 C C   A ILE A 1 143 ? 1.618   16.939  0.299   0.25 21.93 ? 182 ILE A C   1 
ATOM   1164 C C   B ILE A 1 143 ? 1.756   16.813  0.410   0.25 20.57 ? 182 ILE A C   1 
ATOM   1165 O O   A ILE A 1 143 ? 0.916   17.616  1.069   0.25 21.22 ? 182 ILE A O   1 
ATOM   1166 O O   B ILE A 1 143 ? 1.114   17.320  1.345   0.25 20.09 ? 182 ILE A O   1 
ATOM   1167 C CB  A ILE A 1 143 ? 3.776   16.250  1.477   0.25 22.79 ? 182 ILE A CB  1 
ATOM   1168 C CB  B ILE A 1 143 ? 4.022   16.266  1.435   0.25 21.32 ? 182 ILE A CB  1 
ATOM   1169 C CG1 A ILE A 1 143 ? 5.297   16.428  1.503   0.25 23.00 ? 182 ILE A CG1 1 
ATOM   1170 C CG1 B ILE A 1 143 ? 3.950   14.755  1.196   0.25 21.44 ? 182 ILE A CG1 1 
ATOM   1171 C CG2 A ILE A 1 143 ? 3.370   14.791  1.342   0.25 22.70 ? 182 ILE A CG2 1 
ATOM   1172 C CG2 B ILE A 1 143 ? 3.519   16.648  2.819   0.25 21.03 ? 182 ILE A CG2 1 
ATOM   1173 C CD1 A ILE A 1 143 ? 6.007   15.508  2.462   0.25 23.27 ? 182 ILE A CD1 1 
ATOM   1174 C CD1 B ILE A 1 143 ? 4.887   13.953  2.079   0.25 21.69 ? 182 ILE A CD1 1 
ATOM   1175 N N   A THR A 1 144 ? 1.142   16.120  -0.633  0.25 20.96 ? 183 THR A N   1 
ATOM   1176 N N   B THR A 1 144 ? 1.212   16.082  -0.566  0.25 19.30 ? 183 THR A N   1 
ATOM   1177 C CA  A THR A 1 144 ? -0.266  15.663  -0.699  0.25 21.14 ? 183 THR A CA  1 
ATOM   1178 C CA  B THR A 1 144 ? -0.220  15.690  -0.628  0.25 19.30 ? 183 THR A CA  1 
ATOM   1179 C C   A THR A 1 144 ? -0.277  14.182  -0.320  0.25 21.10 ? 183 THR A C   1 
ATOM   1180 C C   B THR A 1 144 ? -0.332  14.176  -0.453  0.25 19.61 ? 183 THR A C   1 
ATOM   1181 O O   A THR A 1 144 ? 0.697   13.479  -0.657  0.25 20.08 ? 183 THR A O   1 
ATOM   1182 O O   B THR A 1 144 ? 0.205   13.451  -1.316  0.25 19.37 ? 183 THR A O   1 
ATOM   1183 C CB  A THR A 1 144 ? -0.884  15.947  -2.073  0.25 21.82 ? 183 THR A CB  1 
ATOM   1184 C CB  B THR A 1 144 ? -0.875  16.116  -1.945  0.25 19.44 ? 183 THR A CB  1 
ATOM   1185 O OG1 A THR A 1 144 ? -0.293  15.073  -3.033  0.25 22.75 ? 183 THR A OG1 1 
ATOM   1186 O OG1 B THR A 1 144 ? -0.617  17.507  -2.138  0.25 19.57 ? 183 THR A OG1 1 
ATOM   1187 C CG2 A THR A 1 144 ? -0.694  17.380  -2.516  0.25 22.01 ? 183 THR A CG2 1 
ATOM   1188 C CG2 B THR A 1 144 ? -2.366  15.857  -1.963  0.25 19.34 ? 183 THR A CG2 1 
ATOM   1189 N N   A SER A 1 145 ? -1.315  13.750  0.394   0.25 20.47 ? 184 SER A N   1 
ATOM   1190 N N   B SER A 1 145 ? -1.004  13.737  0.616   0.25 19.14 ? 184 SER A N   1 
ATOM   1191 C CA  A SER A 1 145 ? -1.496  12.346  0.833   0.25 20.93 ? 184 SER A CA  1 
ATOM   1192 C CA  B SER A 1 145 ? -1.236  12.307  0.940   0.25 19.23 ? 184 SER A CA  1 
ATOM   1193 C C   A SER A 1 145 ? -2.904  11.882  0.455   0.25 20.03 ? 184 SER A C   1 
ATOM   1194 C C   B SER A 1 145 ? -2.610  11.879  0.414   0.25 18.95 ? 184 SER A C   1 
ATOM   1195 O O   A SER A 1 145 ? -3.872  12.578  0.824   0.25 19.41 ? 184 SER A O   1 
ATOM   1196 O O   B SER A 1 145 ? -3.495  12.747  0.253   0.25 18.00 ? 184 SER A O   1 
ATOM   1197 C CB  A SER A 1 145 ? -1.246  12.201  2.309   0.25 21.48 ? 184 SER A CB  1 
ATOM   1198 C CB  B SER A 1 145 ? -1.124  12.043  2.414   0.25 19.51 ? 184 SER A CB  1 
ATOM   1199 O OG  A SER A 1 145 ? -0.010  12.806  2.671   0.25 23.11 ? 184 SER A OG  1 
ATOM   1200 O OG  B SER A 1 145 ? -2.049  12.833  3.141   0.25 19.90 ? 184 SER A OG  1 
ATOM   1201 N N   A HIS A 1 146 ? -2.991  10.771  -0.283  0.25 19.70 ? 185 HIS A N   1 
ATOM   1202 N N   B HIS A 1 146 ? -2.769  10.573  0.196   0.25 19.01 ? 185 HIS A N   1 
ATOM   1203 C CA  A HIS A 1 146 ? -4.247  10.029  -0.563  0.25 19.32 ? 185 HIS A CA  1 
ATOM   1204 C CA  B HIS A 1 146 ? -3.930  9.953   -0.485  0.25 19.47 ? 185 HIS A CA  1 
ATOM   1205 C C   A HIS A 1 146 ? -4.151  8.638   0.069   0.25 19.81 ? 185 HIS A C   1 
ATOM   1206 C C   B HIS A 1 146 ? -4.106  8.538   0.070   0.25 19.89 ? 185 HIS A C   1 
ATOM   1207 O O   A HIS A 1 146 ? -3.083  8.007   -0.022  0.25 19.82 ? 185 HIS A O   1 
ATOM   1208 O O   B HIS A 1 146 ? -3.150  7.754   -0.085  0.25 20.07 ? 185 HIS A O   1 
ATOM   1209 C CB  A HIS A 1 146 ? -4.533  9.927   -2.069  0.25 18.77 ? 185 HIS A CB  1 
ATOM   1210 C CB  B HIS A 1 146 ? -3.671  9.934   -2.000  0.25 19.54 ? 185 HIS A CB  1 
ATOM   1211 C CG  A HIS A 1 146 ? -4.782  11.237  -2.741  0.25 18.44 ? 185 HIS A CG  1 
ATOM   1212 C CG  B HIS A 1 146 ? -3.149  11.224  -2.546  0.25 19.54 ? 185 HIS A CG  1 
ATOM   1213 N ND1 A HIS A 1 146 ? -6.049  11.658  -3.115  0.25 18.21 ? 185 HIS A ND1 1 
ATOM   1214 N ND1 B HIS A 1 146 ? -1.795  11.545  -2.566  0.25 19.81 ? 185 HIS A ND1 1 
ATOM   1215 C CD2 A HIS A 1 146 ? -3.925  12.204  -3.127  0.25 17.92 ? 185 HIS A CD2 1 
ATOM   1216 C CD2 B HIS A 1 146 ? -3.794  12.272  -3.099  0.25 19.27 ? 185 HIS A CD2 1 
ATOM   1217 C CE1 A HIS A 1 146 ? -5.953  12.840  -3.691  0.25 18.06 ? 185 HIS A CE1 1 
ATOM   1218 C CE1 B HIS A 1 146 ? -1.638  12.733  -3.103  0.25 19.91 ? 185 HIS A CE1 1 
ATOM   1219 N NE2 A HIS A 1 146 ? -4.661  13.195  -3.716  0.25 18.71 ? 185 HIS A NE2 1 
ATOM   1220 N NE2 B HIS A 1 146 ? -2.849  13.205  -3.441  0.25 19.94 ? 185 HIS A NE2 1 
ATOM   1221 N N   . CYS A 1 147 ? -5.248  8.217   0.694   1.00 20.62 ? 186 CYS A N   1 
ATOM   1222 C CA  . CYS A 1 147 ? -5.483  6.852   1.218   1.00 22.71 ? 186 CYS A CA  1 
ATOM   1223 C C   . CYS A 1 147 ? -6.372  6.090   0.236   1.00 22.45 ? 186 CYS A C   1 
ATOM   1224 O O   . CYS A 1 147 ? -7.166  6.728   -0.475  1.00 21.88 ? 186 CYS A O   1 
ATOM   1225 C CB  . CYS A 1 147 ? -6.133  6.922   2.590   1.00 24.64 ? 186 CYS A CB  1 
ATOM   1226 S SG  . CYS A 1 147 ? -5.061  7.754   3.783   1.00 28.09 ? 186 CYS A SG  1 
ATOM   1227 N N   . PHE A 1 148 ? -6.266  4.766   0.234   1.00 23.57 ? 187 PHE A N   1 
ATOM   1228 C CA  . PHE A 1 148 ? -6.965  3.887   -0.735  1.00 24.63 ? 187 PHE A CA  1 
ATOM   1229 C C   . PHE A 1 148 ? -7.714  2.818   0.047   1.00 26.14 ? 187 PHE A C   1 
ATOM   1230 O O   . PHE A 1 148 ? -7.176  1.738   0.257   1.00 23.99 ? 187 PHE A O   1 
ATOM   1231 C CB  . PHE A 1 148 ? -5.945  3.330   -1.721  1.00 23.49 ? 187 PHE A CB  1 
ATOM   1232 C CG  . PHE A 1 148 ? -5.303  4.428   -2.518  1.00 22.47 ? 187 PHE A CG  1 
ATOM   1233 C CD1 . PHE A 1 148 ? -5.956  4.974   -3.607  1.00 21.79 ? 187 PHE A CD1 1 
ATOM   1234 C CD2 . PHE A 1 148 ? -4.104  4.989   -2.100  1.00 22.72 ? 187 PHE A CD2 1 
ATOM   1235 C CE1 . PHE A 1 148 ? -5.408  6.041   -4.292  1.00 22.98 ? 187 PHE A CE1 1 
ATOM   1236 C CE2 . PHE A 1 148 ? -3.553  6.049   -2.797  1.00 23.37 ? 187 PHE A CE2 1 
ATOM   1237 C CZ  . PHE A 1 148 ? -4.207  6.569   -3.885  1.00 22.91 ? 187 PHE A CZ  1 
ATOM   1238 N N   . PRO A 1 149 ? -8.942  3.113   0.527   1.00 28.79 ? 188 PRO A N   1 
ATOM   1239 C CA  . PRO A 1 149 ? -9.670  2.195   1.408   1.00 27.76 ? 188 PRO A CA  1 
ATOM   1240 C C   . PRO A 1 149 ? -9.968  0.848   0.735   1.00 26.60 ? 188 PRO A C   1 
ATOM   1241 O O   . PRO A 1 149 ? -10.065 -0.132  1.446   1.00 24.20 ? 188 PRO A O   1 
ATOM   1242 C CB  . PRO A 1 149 ? -10.977 2.932   1.744   1.00 30.36 ? 188 PRO A CB  1 
ATOM   1243 C CG  . PRO A 1 149 ? -11.121 3.978   0.658   1.00 32.47 ? 188 PRO A CG  1 
ATOM   1244 C CD  . PRO A 1 149 ? -9.702  4.345   0.261   1.00 32.12 ? 188 PRO A CD  1 
ATOM   1245 N N   . GLU A 1 150 ? -10.080 0.834   -0.595  1.00 26.39 ? 189 GLU A N   1 
ATOM   1246 C CA  . GLU A 1 150 ? -10.318 -0.395  -1.397  1.00 26.63 ? 189 GLU A CA  1 
ATOM   1247 C C   . GLU A 1 150 ? -9.161  -1.372  -1.210  1.00 24.10 ? 189 GLU A C   1 
ATOM   1248 O O   . GLU A 1 150 ? -9.366  -2.553  -1.488  1.00 24.87 ? 189 GLU A O   1 
ATOM   1249 C CB  . GLU A 1 150 ? -10.440 -0.098  -2.888  1.00 29.58 ? 189 GLU A CB  1 
ATOM   1250 C CG  . GLU A 1 150 ? -11.580 0.841   -3.222  1.00 30.77 ? 189 GLU A CG  1 
ATOM   1251 C CD  . GLU A 1 150 ? -11.191 2.296   -3.381  1.00 32.32 ? 189 GLU A CD  1 
ATOM   1252 O OE1 . GLU A 1 150 ? -11.900 2.992   -4.133  1.00 37.38 ? 189 GLU A OE1 1 
ATOM   1253 O OE2 . GLU A 1 150 ? -10.191 2.726   -2.758  1.00 32.44 ? 189 GLU A OE2 1 
ATOM   1254 N N   . THR A 1 151 ? -7.982  -0.886  -0.803  1.00 22.44 ? 190 THR A N   1 
ATOM   1255 C CA  . THR A 1 151 ? -6.720  -1.661  -0.841  1.00 22.17 ? 190 THR A CA  1 
ATOM   1256 C C   . THR A 1 151 ? -6.348  -2.152  0.561   1.00 21.11 ? 190 THR A C   1 
ATOM   1257 O O   . THR A 1 151 ? -5.261  -2.683  0.693   1.00 20.98 ? 190 THR A O   1 
ATOM   1258 C CB  . THR A 1 151 ? -5.592  -0.843  -1.488  1.00 21.87 ? 190 THR A CB  1 
ATOM   1259 O OG1 . THR A 1 151 ? -5.226  0.220   -0.614  1.00 21.44 ? 190 THR A OG1 1 
ATOM   1260 C CG2 . THR A 1 151 ? -5.976  -0.271  -2.837  1.00 21.72 ? 190 THR A CG2 1 
ATOM   1261 N N   . GLN A 1 152 ? -7.203  -1.942  1.572   1.00 21.61 ? 191 GLN A N   1 
ATOM   1262 C CA  . GLN A 1 152 ? -6.972  -2.429  2.952   1.00 22.90 ? 191 GLN A CA  1 
ATOM   1263 C C   . GLN A 1 152 ? -6.707  -3.936  2.922   1.00 21.63 ? 191 GLN A C   1 
ATOM   1264 O O   . GLN A 1 152 ? -7.399  -4.671  2.177   1.00 20.59 ? 191 GLN A O   1 
ATOM   1265 C CB  . GLN A 1 152 ? -8.181  -2.158  3.844   1.00 26.05 ? 191 GLN A CB  1 
ATOM   1266 C CG  . GLN A 1 152 ? -8.308  -0.702  4.258   1.00 30.04 ? 191 GLN A CG  1 
ATOM   1267 C CD  . GLN A 1 152 ? -9.685  -0.448  4.811   1.00 34.46 ? 191 GLN A CD  1 
ATOM   1268 O OE1 . GLN A 1 152 ? -10.461 -1.381  5.028   1.00 35.74 ? 191 GLN A OE1 1 
ATOM   1269 N NE2 . GLN A 1 152 ? -10.000 0.820   5.024   1.00 38.70 ? 191 GLN A NE2 1 
ATOM   1270 N N   . PHE A 1 153 ? -5.772  -4.396  3.736   1.00 21.10 ? 192 PHE A N   1 
ATOM   1271 C CA  . PHE A 1 153 ? -5.470  -5.842  3.849   1.00 21.39 ? 192 PHE A CA  1 
ATOM   1272 C C   . PHE A 1 153 ? -4.953  -6.154  5.245   1.00 21.20 ? 192 PHE A C   1 
ATOM   1273 O O   . PHE A 1 153 ? -4.453  -5.237  5.944   1.00 20.26 ? 192 PHE A O   1 
ATOM   1274 C CB  . PHE A 1 153 ? -4.441  -6.251  2.794   1.00 21.17 ? 192 PHE A CB  1 
ATOM   1275 C CG  . PHE A 1 153 ? -3.106  -5.580  2.951   1.00 20.71 ? 192 PHE A CG  1 
ATOM   1276 C CD1 . PHE A 1 153 ? -2.145  -6.118  3.787   1.00 20.02 ? 192 PHE A CD1 1 
ATOM   1277 C CD2 . PHE A 1 153 ? -2.824  -4.397  2.285   1.00 20.60 ? 192 PHE A CD2 1 
ATOM   1278 C CE1 . PHE A 1 153 ? -0.919  -5.498  3.956   1.00 20.89 ? 192 PHE A CE1 1 
ATOM   1279 C CE2 . PHE A 1 153 ? -1.603  -3.771  2.460   1.00 20.89 ? 192 PHE A CE2 1 
ATOM   1280 C CZ  . PHE A 1 153 ? -0.649  -4.326  3.288   1.00 21.14 ? 192 PHE A CZ  1 
ATOM   1281 N N   . ILE A 1 154 ? -5.020  -7.435  5.612   1.00 20.15 ? 193 ILE A N   1 
ATOM   1282 C CA  . ILE A 1 154 ? -4.337  -7.948  6.821   1.00 21.20 ? 193 ILE A CA  1 
ATOM   1283 C C   . ILE A 1 154 ? -3.030  -8.602  6.379   1.00 21.31 ? 193 ILE A C   1 
ATOM   1284 O O   . ILE A 1 154 ? -3.058  -9.437  5.450   1.00 22.75 ? 193 ILE A O   1 
ATOM   1285 C CB  . ILE A 1 154 ? -5.270  -8.903  7.587   1.00 23.24 ? 193 ILE A CB  1 
ATOM   1286 C CG1 . ILE A 1 154 ? -6.599  -8.206  7.904   1.00 23.54 ? 193 ILE A CG1 1 
ATOM   1287 C CG2 . ILE A 1 154 ? -4.566  -9.434  8.823   1.00 23.42 ? 193 ILE A CG2 1 
ATOM   1288 C CD1 . ILE A 1 154 ? -7.651  -9.116  8.439   1.00 24.74 ? 193 ILE A CD1 1 
ATOM   1289 N N   . ALA A 1 155 ? -1.925  -8.200  7.001   1.00 21.27 ? 194 ALA A N   1 
ATOM   1290 C CA  . ALA A 1 155 ? -0.601  -8.823  6.842   1.00 22.70 ? 194 ALA A CA  1 
ATOM   1291 C C   . ALA A 1 155 ? -0.696  -10.219 7.453   1.00 23.48 ? 194 ALA A C   1 
ATOM   1292 O O   . ALA A 1 155 ? -1.283  -10.342 8.551   1.00 25.48 ? 194 ALA A O   1 
ATOM   1293 C CB  . ALA A 1 155 ? 0.469   -8.006  7.509   1.00 23.10 ? 194 ALA A CB  1 
ATOM   1294 N N   . VAL A 1 156 ? -0.187  -11.231 6.762   1.00 22.99 ? 195 VAL A N   1 
ATOM   1295 C CA  . VAL A 1 156 ? -0.211  -12.636 7.272   1.00 24.37 ? 195 VAL A CA  1 
ATOM   1296 C C   . VAL A 1 156 ? 1.124   -13.303 6.919   1.00 25.73 ? 195 VAL A C   1 
ATOM   1297 O O   . VAL A 1 156 ? 1.726   -12.942 5.901   1.00 24.37 ? 195 VAL A O   1 
ATOM   1298 C CB  . VAL A 1 156 ? -1.420  -13.425 6.726   1.00 24.50 ? 195 VAL A CB  1 
ATOM   1299 C CG1 . VAL A 1 156 ? -2.748  -12.794 7.104   1.00 24.62 ? 195 VAL A CG1 1 
ATOM   1300 C CG2 . VAL A 1 156 ? -1.360  -13.634 5.218   1.00 23.78 ? 195 VAL A CG2 1 
ATOM   1301 N N   . THR A 1 157 ? 1.582   -14.259 7.725   1.00 26.80 ? 196 THR A N   1 
ATOM   1302 C CA  . THR A 1 157 ? 2.760   -15.102 7.373   1.00 26.58 ? 196 THR A CA  1 
ATOM   1303 C C   . THR A 1 157 ? 2.316   -16.224 6.418   1.00 27.68 ? 196 THR A C   1 
ATOM   1304 O O   . THR A 1 157 ? 3.173   -16.827 5.787   1.00 29.37 ? 196 THR A O   1 
ATOM   1305 C CB  . THR A 1 157 ? 3.448   -15.619 8.639   1.00 29.86 ? 196 THR A CB  1 
ATOM   1306 O OG1 . THR A 1 157 ? 2.499   -16.442 9.314   1.00 29.40 ? 196 THR A OG1 1 
ATOM   1307 C CG2 . THR A 1 157 ? 3.904   -14.505 9.552   1.00 32.12 ? 196 THR A CG2 1 
ATOM   1308 N N   . ALA A 1 158 ? 1.019   -16.490 6.316   1.00 26.58 ? 197 ALA A N   1 
ATOM   1309 C CA  . ALA A 1 158 ? 0.418   -17.538 5.461   1.00 27.06 ? 197 ALA A CA  1 
ATOM   1310 C C   . ALA A 1 158 ? -1.056  -17.200 5.293   1.00 25.95 ? 197 ALA A C   1 
ATOM   1311 O O   . ALA A 1 158 ? -1.664  -16.693 6.264   1.00 26.60 ? 197 ALA A O   1 
ATOM   1312 C CB  . ALA A 1 158 ? 0.595   -18.916 6.064   1.00 27.90 ? 197 ALA A CB  1 
ATOM   1313 N N   . TYR A 1 159 ? -1.620  -17.471 4.121   1.00 25.84 ? 198 TYR A N   1 
ATOM   1314 C CA  . TYR A 1 159 ? -3.040  -17.157 3.840   1.00 23.99 ? 198 TYR A CA  1 
ATOM   1315 C C   . TYR A 1 159 ? -3.923  -17.934 4.814   1.00 25.83 ? 198 TYR A C   1 
ATOM   1316 O O   . TYR A 1 159 ? -3.670  -19.125 5.047   1.00 25.58 ? 198 TYR A O   1 
ATOM   1317 C CB  . TYR A 1 159 ? -3.406  -17.450 2.392   1.00 24.81 ? 198 TYR A CB  1 
ATOM   1318 C CG  . TYR A 1 159 ? -2.769  -16.498 1.412   1.00 26.51 ? 198 TYR A CG  1 
ATOM   1319 C CD1 . TYR A 1 159 ? -2.780  -15.124 1.634   1.00 25.96 ? 198 TYR A CD1 1 
ATOM   1320 C CD2 . TYR A 1 159 ? -2.192  -16.966 0.247   1.00 28.37 ? 198 TYR A CD2 1 
ATOM   1321 C CE1 . TYR A 1 159 ? -2.202  -14.245 0.727   1.00 27.61 ? 198 TYR A CE1 1 
ATOM   1322 C CE2 . TYR A 1 159 ? -1.617  -16.103 -0.670  1.00 30.51 ? 198 TYR A CE2 1 
ATOM   1323 C CZ  . TYR A 1 159 ? -1.627  -14.739 -0.433  1.00 30.05 ? 198 TYR A CZ  1 
ATOM   1324 O OH  . TYR A 1 159 ? -1.058  -13.897 -1.344  1.00 30.22 ? 198 TYR A OH  1 
ATOM   1325 N N   . GLN A 1 160 ? -4.905  -17.245 5.385   1.00 24.59 ? 199 GLN A N   1 
ATOM   1326 C CA  . GLN A 1 160 ? -5.890  -17.828 6.327   1.00 25.09 ? 199 GLN A CA  1 
ATOM   1327 C C   . GLN A 1 160 ? -7.103  -18.315 5.530   1.00 24.55 ? 199 GLN A C   1 
ATOM   1328 O O   . GLN A 1 160 ? -7.558  -19.450 5.755   1.00 27.20 ? 199 GLN A O   1 
ATOM   1329 C CB  . GLN A 1 160 ? -6.265  -16.769 7.362   1.00 26.16 ? 199 GLN A CB  1 
ATOM   1330 C CG  . GLN A 1 160 ? -5.065  -16.211 8.107   1.00 26.61 ? 199 GLN A CG  1 
ATOM   1331 C CD  . GLN A 1 160 ? -4.377  -17.286 8.905   1.00 30.18 ? 199 GLN A CD  1 
ATOM   1332 O OE1 . GLN A 1 160 ? -4.914  -17.771 9.900   1.00 29.19 ? 199 GLN A OE1 1 
ATOM   1333 N NE2 . GLN A 1 160 ? -3.193  -17.685 8.458   1.00 30.04 ? 199 GLN A NE2 1 
ATOM   1334 N N   . ASN A 1 161 ? -7.608  -17.474 4.631   1.00 24.25 ? 200 ASN A N   1 
ATOM   1335 C CA  . ASN A 1 161 ? -8.853  -17.693 3.869   1.00 24.30 ? 200 ASN A CA  1 
ATOM   1336 C C   . ASN A 1 161 ? -8.482  -18.422 2.570   1.00 27.31 ? 200 ASN A C   1 
ATOM   1337 O O   . ASN A 1 161 ? -7.777  -17.817 1.747   1.00 25.86 ? 200 ASN A O   1 
ATOM   1338 C CB  . ASN A 1 161 ? -9.540  -16.353 3.636   1.00 24.56 ? 200 ASN A CB  1 
ATOM   1339 C CG  . ASN A 1 161 ? -10.868 -16.448 2.936   1.00 23.34 ? 200 ASN A CG  1 
ATOM   1340 O OD1 . ASN A 1 161 ? -11.286 -17.527 2.516   1.00 26.24 ? 200 ASN A OD1 1 
ATOM   1341 N ND2 . ASN A 1 161 ? -11.571 -15.335 2.876   1.00 23.71 ? 200 ASN A ND2 1 
ATOM   1342 N N   . GLU A 1 162 ? -8.938  -19.667 2.389   1.00 27.89 ? 201 GLU A N   1 
ATOM   1343 C CA  . GLU A 1 162 ? -8.643  -20.443 1.151   1.00 29.01 ? 201 GLU A CA  1 
ATOM   1344 C C   . GLU A 1 162 ? -9.231  -19.739 -0.081  1.00 28.01 ? 201 GLU A C   1 
ATOM   1345 O O   . GLU A 1 162 ? -8.686  -19.974 -1.173  1.00 29.63 ? 201 GLU A O   1 
ATOM   1346 C CB  . GLU A 1 162 ? -9.112  -21.897 1.258   1.00 31.15 ? 201 GLU A CB  1 
ATOM   1347 C CG  . GLU A 1 162 ? -10.607 -22.096 1.047   1.00 35.22 ? 201 GLU A CG  1 
ATOM   1348 C CD  . GLU A 1 162 ? -11.520 -21.522 2.118   1.00 37.38 ? 201 GLU A CD  1 
ATOM   1349 O OE1 . GLU A 1 162 ? -12.706 -21.302 1.817   1.00 43.67 ? 201 GLU A OE1 1 
ATOM   1350 O OE2 . GLU A 1 162 ? -11.048 -21.296 3.253   1.00 39.97 ? 201 GLU A OE2 1 
ATOM   1351 N N   . GLU A 1 163 ? -10.284 -18.929 0.060   1.00 27.62 ? 202 GLU A N   1 
ATOM   1352 C CA  . GLU A 1 163 ? -10.867 -18.142 -1.064  1.00 28.47 ? 202 GLU A CA  1 
ATOM   1353 C C   . GLU A 1 163 ? -9.875  -17.064 -1.514  1.00 26.40 ? 202 GLU A C   1 
ATOM   1354 O O   . GLU A 1 163 ? -9.884  -16.728 -2.713  1.00 25.51 ? 202 GLU A O   1 
ATOM   1355 C CB  . GLU A 1 163 ? -12.186 -17.469 -0.692  1.00 30.74 ? 202 GLU A CB  1 
ATOM   1356 C CG  . GLU A 1 163 ? -13.380 -18.398 -0.701  1.00 35.51 ? 202 GLU A CG  1 
ATOM   1357 C CD  . GLU A 1 163 ? -14.685 -17.649 -0.568  1.00 38.78 ? 202 GLU A CD  1 
ATOM   1358 O OE1 . GLU A 1 163 ? -15.463 -17.645 -1.528  1.00 47.32 ? 202 GLU A OE1 1 
ATOM   1359 O OE2 . GLU A 1 163 ? -14.903 -17.052 0.497   1.00 47.16 ? 202 GLU A OE2 1 
ATOM   1360 N N   . ILE A 1 164 ? -9.080  -16.508 -0.594  1.00 25.68 ? 203 ILE A N   1 
ATOM   1361 C CA  . ILE A 1 164 ? -8.005  -15.525 -0.939  1.00 25.10 ? 203 ILE A CA  1 
ATOM   1362 C C   . ILE A 1 164 ? -6.898  -16.253 -1.707  1.00 27.09 ? 203 ILE A C   1 
ATOM   1363 O O   . ILE A 1 164 ? -6.461  -15.750 -2.770  1.00 26.60 ? 203 ILE A O   1 
ATOM   1364 C CB  . ILE A 1 164 ? -7.463  -14.802 0.313   1.00 25.64 ? 203 ILE A CB  1 
ATOM   1365 C CG1 . ILE A 1 164 ? -8.422  -13.702 0.782   1.00 25.20 ? 203 ILE A CG1 1 
ATOM   1366 C CG2 . ILE A 1 164 ? -6.063  -14.262 0.053   1.00 25.58 ? 203 ILE A CG2 1 
ATOM   1367 C CD1 . ILE A 1 164 ? -8.564  -12.552 -0.212  1.00 26.88 ? 203 ILE A CD1 1 
ATOM   1368 N N   . THR A 1 165 ? -6.455  -17.398 -1.200  1.00 26.75 ? 204 THR A N   1 
ATOM   1369 C CA  . THR A 1 165 ? -5.432  -18.240 -1.866  1.00 28.21 ? 204 THR A CA  1 
ATOM   1370 C C   . THR A 1 165 ? -5.876  -18.467 -3.314  1.00 25.31 ? 204 THR A C   1 
ATOM   1371 O O   . THR A 1 165 ? -5.048  -18.239 -4.203  1.00 28.15 ? 204 THR A O   1 
ATOM   1372 C CB  . THR A 1 165 ? -5.202  -19.557 -1.117  1.00 29.98 ? 204 THR A CB  1 
ATOM   1373 O OG1 . THR A 1 165 ? -4.921  -19.259 0.252   1.00 29.78 ? 204 THR A OG1 1 
ATOM   1374 C CG2 . THR A 1 165 ? -4.062  -20.354 -1.707  1.00 30.80 ? 204 THR A CG2 1 
ATOM   1375 N N   . ALA A 1 166 ? -7.142  -18.833 -3.531  1.00 26.34 ? 205 ALA A N   1 
ATOM   1376 C CA  . ALA A 1 166 ? -7.699  -19.187 -4.862  1.00 27.98 ? 205 ALA A CA  1 
ATOM   1377 C C   . ALA A 1 166 ? -7.784  -17.935 -5.744  1.00 28.69 ? 205 ALA A C   1 
ATOM   1378 O O   . ALA A 1 166 ? -7.401  -18.016 -6.932  1.00 28.65 ? 205 ALA A O   1 
ATOM   1379 C CB  . ALA A 1 166 ? -9.049  -19.834 -4.711  1.00 27.88 ? 205 ALA A CB  1 
ATOM   1380 N N   . LEU A 1 167 ? -8.235  -16.812 -5.174  1.00 27.51 ? 206 LEU A N   1 
ATOM   1381 C CA  . LEU A 1 167 ? -8.332  -15.499 -5.874  1.00 26.98 ? 206 LEU A CA  1 
ATOM   1382 C C   . LEU A 1 167 ? -6.950  -15.079 -6.375  1.00 25.82 ? 206 LEU A C   1 
ATOM   1383 O O   . LEU A 1 167 ? -6.875  -14.581 -7.512  1.00 27.31 ? 206 LEU A O   1 
ATOM   1384 C CB  . LEU A 1 167 ? -8.867  -14.429 -4.916  1.00 29.74 ? 206 LEU A CB  1 
ATOM   1385 C CG  . LEU A 1 167 ? -10.227 -13.799 -5.207  1.00 33.78 ? 206 LEU A CG  1 
ATOM   1386 C CD1 . LEU A 1 167 ? -10.203 -12.317 -4.862  1.00 35.20 ? 206 LEU A CD1 1 
ATOM   1387 C CD2 . LEU A 1 167 ? -10.687 -13.991 -6.629  1.00 32.73 ? 206 LEU A CD2 1 
ATOM   1388 N N   . LYS A 1 168 ? -5.920  -15.194 -5.532  1.00 25.61 ? 207 LYS A N   1 
ATOM   1389 C CA  . LYS A 1 168 ? -4.530  -14.769 -5.833  1.00 26.35 ? 207 LYS A CA  1 
ATOM   1390 C C   . LYS A 1 168 ? -4.040  -15.564 -7.050  1.00 29.48 ? 207 LYS A C   1 
ATOM   1391 O O   . LYS A 1 168 ? -3.403  -14.979 -7.942  1.00 32.38 ? 207 LYS A O   1 
ATOM   1392 C CB  . LYS A 1 168 ? -3.606  -15.002 -4.634  1.00 27.78 ? 207 LYS A CB  1 
ATOM   1393 C CG  . LYS A 1 168 ? -3.943  -14.184 -3.390  1.00 27.70 ? 207 LYS A CG  1 
ATOM   1394 C CD  . LYS A 1 168 ? -3.350  -12.803 -3.365  1.00 27.38 ? 207 LYS A CD  1 
ATOM   1395 C CE  . LYS A 1 168 ? -3.661  -12.075 -2.067  1.00 27.19 ? 207 LYS A CE  1 
ATOM   1396 N NZ  . LYS A 1 168 ? -2.680  -11.002 -1.782  1.00 26.63 ? 207 LYS A NZ  1 
ATOM   1397 N N   . ILE A 1 169 ? -4.357  -16.850 -7.082  1.00 30.75 ? 208 ILE A N   1 
ATOM   1398 C CA  . ILE A 1 169 ? -3.992  -17.765 -8.204  1.00 31.80 ? 208 ILE A CA  1 
ATOM   1399 C C   . ILE A 1 169 ? -4.822  -17.406 -9.438  1.00 30.35 ? 208 ILE A C   1 
ATOM   1400 O O   . ILE A 1 169 ? -4.234  -17.343 -10.536 1.00 36.93 ? 208 ILE A O   1 
ATOM   1401 C CB  . ILE A 1 169 ? -4.149  -19.235 -7.772  1.00 33.95 ? 208 ILE A CB  1 
ATOM   1402 C CG1 . ILE A 1 169 ? -2.998  -19.630 -6.847  1.00 35.20 ? 208 ILE A CG1 1 
ATOM   1403 C CG2 . ILE A 1 169 ? -4.256  -20.156 -8.983  1.00 35.83 ? 208 ILE A CG2 1 
ATOM   1404 C CD1 . ILE A 1 169 ? -3.232  -20.895 -6.067  1.00 36.71 ? 208 ILE A CD1 1 
ATOM   1405 N N   . LYS A 1 170 ? -6.126  -17.165 -9.279  1.00 29.39 ? 209 LYS A N   1 
ATOM   1406 C CA  . LYS A 1 170 ? -7.036  -16.867 -10.412 1.00 30.83 ? 209 LYS A CA  1 
ATOM   1407 C C   . LYS A 1 170 ? -6.542  -15.612 -11.154 1.00 33.71 ? 209 LYS A C   1 
ATOM   1408 O O   . LYS A 1 170 ? -6.420  -15.672 -12.391 1.00 31.06 ? 209 LYS A O   1 
ATOM   1409 C CB  . LYS A 1 170 ? -8.479  -16.710 -9.937  1.00 33.25 ? 209 LYS A CB  1 
ATOM   1410 C CG  . LYS A 1 170 ? -9.507  -16.489 -11.041 1.00 34.94 ? 209 LYS A CG  1 
ATOM   1411 C CD  . LYS A 1 170 ? -10.938 -16.501 -10.549 1.00 36.87 ? 209 LYS A CD  1 
ATOM   1412 C CE  . LYS A 1 170 ? -11.920 -15.951 -11.564 1.00 38.29 ? 209 LYS A CE  1 
ATOM   1413 N NZ  . LYS A 1 170 ? -11.965 -16.782 -12.789 1.00 37.60 ? 209 LYS A NZ  1 
ATOM   1414 N N   . TYR A 1 171 ? -6.278  -14.508 -10.447 1.00 32.11 ? 210 TYR A N   1 
ATOM   1415 C CA  . TYR A 1 171 ? -6.058  -13.187 -11.098 1.00 31.77 ? 210 TYR A CA  1 
ATOM   1416 C C   . TYR A 1 171 ? -4.567  -12.903 -11.307 1.00 30.98 ? 210 TYR A C   1 
ATOM   1417 O O   . TYR A 1 171 ? -4.272  -11.912 -12.013 1.00 30.78 ? 210 TYR A O   1 
ATOM   1418 C CB  . TYR A 1 171 ? -6.774  -12.083 -10.319 1.00 30.90 ? 210 TYR A CB  1 
ATOM   1419 C CG  . TYR A 1 171 ? -8.270  -12.143 -10.461 1.00 33.40 ? 210 TYR A CG  1 
ATOM   1420 C CD1 . TYR A 1 171 ? -8.895  -11.824 -11.654 1.00 34.35 ? 210 TYR A CD1 1 
ATOM   1421 C CD2 . TYR A 1 171 ? -9.071  -12.535 -9.404  1.00 34.64 ? 210 TYR A CD2 1 
ATOM   1422 C CE1 . TYR A 1 171 ? -10.273 -11.898 -11.795 1.00 35.96 ? 210 TYR A CE1 1 
ATOM   1423 C CE2 . TYR A 1 171 ? -10.450 -12.600 -9.526  1.00 36.68 ? 210 TYR A CE2 1 
ATOM   1424 C CZ  . TYR A 1 171 ? -11.057 -12.284 -10.724 1.00 36.01 ? 210 TYR A CZ  1 
ATOM   1425 O OH  . TYR A 1 171 ? -12.414 -12.383 -10.822 1.00 35.22 ? 210 TYR A OH  1 
ATOM   1426 N N   . ASN A 1 172 ? -3.665  -13.705 -10.731 1.00 33.33 ? 211 ASN A N   1 
ATOM   1427 C CA  . ASN A 1 172 ? -2.193  -13.489 -10.789 1.00 37.81 ? 211 ASN A CA  1 
ATOM   1428 C C   . ASN A 1 172 ? -1.541  -14.701 -11.460 1.00 42.80 ? 211 ASN A C   1 
ATOM   1429 O O   . ASN A 1 172 ? -1.901  -15.018 -12.592 1.00 47.25 ? 211 ASN A O   1 
ATOM   1430 C CB  . ASN A 1 172 ? -1.576  -13.229 -9.406  1.00 38.27 ? 211 ASN A CB  1 
ATOM   1431 C CG  . ASN A 1 172 ? -0.144  -12.739 -9.477  1.00 38.34 ? 211 ASN A CG  1 
ATOM   1432 O OD1 . ASN A 1 172 ? 0.268   -12.176 -10.484 1.00 40.89 ? 211 ASN A OD1 1 
ATOM   1433 N ND2 . ASN A 1 172 ? 0.619   -12.939 -8.414  1.00 39.50 ? 211 ASN A ND2 1 
ATOM   1434 O OXT . ASN A 1 172 ? -0.655  -15.366 -10.904 1.00 44.11 ? 211 ASN A OXT 1 
HETATM 1435 C C10 . JMM B 2 .   ? -10.366 8.434   -6.686  0.44 44.83 ? 301 JMM A C10 1 
HETATM 1436 C C13 . JMM B 2 .   ? -12.410 9.373   -8.546  0.44 45.66 ? 301 JMM A C13 1 
HETATM 1437 C C17 . JMM B 2 .   ? -12.532 4.098   -7.589  0.44 44.05 ? 301 JMM A C17 1 
HETATM 1438 C C01 . JMM B 2 .   ? -14.333 13.323  -9.714  0.44 49.10 ? 301 JMM A C01 1 
HETATM 1439 C C02 . JMM B 2 .   ? -13.551 12.160  -9.421  0.44 49.42 ? 301 JMM A C02 1 
HETATM 1440 C C03 . JMM B 2 .   ? -12.747 12.478  -8.351  0.44 48.68 ? 301 JMM A C03 1 
HETATM 1441 O O04 . JMM B 2 .   ? -12.979 13.779  -7.965  0.44 49.71 ? 301 JMM A O04 1 
HETATM 1442 C C05 . JMM B 2 .   ? -13.948 14.275  -8.807  0.44 49.71 ? 301 JMM A C05 1 
HETATM 1443 C C06 . JMM B 2 .   ? -11.738 11.672  -7.593  0.44 47.63 ? 301 JMM A C06 1 
HETATM 1444 O O07 . JMM B 2 .   ? -11.149 12.207  -6.658  0.44 47.66 ? 301 JMM A O07 1 
HETATM 1445 N N08 . JMM B 2 .   ? -11.439 10.307  -7.920  0.44 45.82 ? 301 JMM A N08 1 
HETATM 1446 C C09 . JMM B 2 .   ? -10.151 9.651   -7.626  0.44 44.85 ? 301 JMM A C09 1 
HETATM 1447 N N11 . JMM B 2 .   ? -11.308 7.486   -7.336  0.44 44.63 ? 301 JMM A N11 1 
HETATM 1448 C C12 . JMM B 2 .   ? -12.599 8.109   -7.672  0.44 45.22 ? 301 JMM A C12 1 
HETATM 1449 C C14 . JMM B 2 .   ? -10.959 6.143   -7.607  0.44 44.14 ? 301 JMM A C14 1 
HETATM 1450 O O15 . JMM B 2 .   ? -9.893  5.700   -7.195  0.44 43.37 ? 301 JMM A O15 1 
HETATM 1451 C C16 . JMM B 2 .   ? -11.920 5.252   -8.354  0.44 43.79 ? 301 JMM A C16 1 
HETATM 1452 C C18 . JMM B 2 .   ? -11.495 3.830   -8.647  0.44 43.84 ? 301 JMM A C18 1 
HETATM 1453 O O   . HOH C 3 .   ? -14.311 -15.360 2.054   1.00 35.49 ? 401 HOH A O   1 
HETATM 1454 O O   . HOH C 3 .   ? -7.497  16.958  -12.578 1.00 30.63 ? 402 HOH A O   1 
HETATM 1455 O O   . HOH C 3 .   ? -2.643  -11.180 -13.681 1.00 50.95 ? 403 HOH A O   1 
HETATM 1456 O O   . HOH C 3 .   ? -5.009  -1.154  26.620  1.00 42.73 ? 404 HOH A O   1 
HETATM 1457 O O   . HOH C 3 .   ? 4.143   -11.683 -4.109  1.00 46.74 ? 405 HOH A O   1 
HETATM 1458 O O   . HOH C 3 .   ? 12.444  24.762  3.485   1.00 36.61 ? 406 HOH A O   1 
HETATM 1459 O O   . HOH C 3 .   ? 2.079   13.338  3.882   1.00 41.75 ? 407 HOH A O   1 
HETATM 1460 O O   . HOH C 3 .   ? 0.192   -10.899 15.470  1.00 42.15 ? 408 HOH A O   1 
HETATM 1461 O O   . HOH C 3 .   ? -1.852  -17.897 -10.998 1.00 47.64 ? 409 HOH A O   1 
HETATM 1462 O O   . HOH C 3 .   ? 6.340   26.817  -2.198  1.00 31.92 ? 410 HOH A O   1 
HETATM 1463 O O   . HOH C 3 .   ? 0.554   -3.207  22.338  1.00 37.13 ? 411 HOH A O   1 
HETATM 1464 O O   . HOH C 3 .   ? -7.358  -20.987 7.723   1.00 39.95 ? 412 HOH A O   1 
HETATM 1465 O O   . HOH C 3 .   ? -9.275  20.236  -3.136  1.00 37.44 ? 413 HOH A O   1 
HETATM 1466 O O   . HOH C 3 .   ? 0.987   -2.627  15.067  1.00 54.62 ? 414 HOH A O   1 
HETATM 1467 O O   . HOH C 3 .   ? -9.170  -22.130 4.725   1.00 58.71 ? 415 HOH A O   1 
HETATM 1468 O O   . HOH C 3 .   ? -14.064 -15.975 5.007   1.00 28.65 ? 416 HOH A O   1 
HETATM 1469 O O   . HOH C 3 .   ? 10.428  -2.700  -0.848  1.00 33.59 ? 417 HOH A O   1 
HETATM 1470 O O   . HOH C 3 .   ? 4.770   1.959   6.157   1.00 27.29 ? 418 HOH A O   1 
HETATM 1471 O O   . HOH C 3 .   ? 12.008  -4.229  -4.677  1.00 56.73 ? 419 HOH A O   1 
HETATM 1472 O O   . HOH C 3 .   ? 2.175   24.219  -15.560 1.00 46.39 ? 420 HOH A O   1 
HETATM 1473 O O   . HOH C 3 .   ? -13.168 0.384   4.476   1.00 53.77 ? 421 HOH A O   1 
HETATM 1474 O O   . HOH C 3 .   ? 5.193   -7.121  -8.656  1.00 39.82 ? 422 HOH A O   1 
HETATM 1475 O O   . HOH C 3 .   ? 12.133  -0.535  -5.813  1.00 38.38 ? 423 HOH A O   1 
HETATM 1476 O O   . HOH C 3 .   ? 12.768  2.633   -4.565  1.00 61.79 ? 424 HOH A O   1 
HETATM 1477 O O   . HOH C 3 .   ? -14.785 -11.599 -4.158  1.00 37.44 ? 425 HOH A O   1 
HETATM 1478 O O   . HOH C 3 .   ? 2.905   -9.200  0.200   1.00 29.81 ? 426 HOH A O   1 
HETATM 1479 O O   . HOH C 3 .   ? -20.348 -9.324  -3.863  1.00 58.74 ? 427 HOH A O   1 
HETATM 1480 O O   . HOH C 3 .   ? 11.543  12.230  -17.146 1.00 37.07 ? 428 HOH A O   1 
HETATM 1481 O O   . HOH C 3 .   ? -15.672 -5.217  -2.131  1.00 52.81 ? 429 HOH A O   1 
HETATM 1482 O O   . HOH C 3 .   ? -13.461 -13.631 5.035   1.00 36.02 ? 430 HOH A O   1 
HETATM 1483 O O   . HOH C 3 .   ? -2.145  19.182  -15.123 1.00 41.42 ? 431 HOH A O   1 
HETATM 1484 O O   . HOH C 3 .   ? 0.670   -14.872 -3.046  1.00 40.30 ? 432 HOH A O   1 
HETATM 1485 O O   . HOH C 3 .   ? -5.655  1.294   -17.040 1.00 26.03 ? 433 HOH A O   1 
HETATM 1486 O O   . HOH C 3 .   ? -8.919  -20.394 11.254  1.00 36.06 ? 434 HOH A O   1 
HETATM 1487 O O   . HOH C 3 .   ? 4.648   -5.027  -4.696  1.00 26.45 ? 435 HOH A O   1 
HETATM 1488 O O   . HOH C 3 .   ? -2.776  4.377   12.363  1.00 42.94 ? 436 HOH A O   1 
HETATM 1489 O O   . HOH C 3 .   ? -8.249  12.279  -13.144 1.00 32.72 ? 437 HOH A O   1 
HETATM 1490 O O   . HOH C 3 .   ? 2.893   -8.748  -7.757  1.00 36.52 ? 438 HOH A O   1 
HETATM 1491 O O   . HOH C 3 .   ? -7.805  -22.294 -2.090  1.00 29.40 ? 439 HOH A O   1 
HETATM 1492 O O   . HOH C 3 .   ? -4.442  -2.004  -15.673 1.00 33.59 ? 440 HOH A O   1 
HETATM 1493 O O   . HOH C 3 .   ? -11.657 -17.446 -4.548  1.00 26.71 ? 441 HOH A O   1 
HETATM 1494 O O   . HOH C 3 .   ? -9.601  0.445   16.560  1.00 34.68 ? 442 HOH A O   1 
HETATM 1495 O O   . HOH C 3 .   ? 8.070   18.847  -0.843  1.00 34.62 ? 443 HOH A O   1 
HETATM 1496 O O   . HOH C 3 .   ? -17.280 -17.421 1.636   1.00 35.73 ? 444 HOH A O   1 
HETATM 1497 O O   . HOH C 3 .   ? 2.184   27.343  -1.612  1.00 35.70 ? 445 HOH A O   1 
HETATM 1498 O O   . HOH C 3 .   ? -9.573  -13.323 4.050   1.00 21.34 ? 446 HOH A O   1 
HETATM 1499 O O   . HOH C 3 .   ? 5.663   -4.661  17.182  1.00 56.44 ? 447 HOH A O   1 
HETATM 1500 O O   . HOH C 3 .   ? -0.832  -17.331 -13.380 1.00 60.27 ? 448 HOH A O   1 
HETATM 1501 O O   . HOH C 3 .   ? 1.693   13.648  -19.241 1.00 32.68 ? 449 HOH A O   1 
HETATM 1502 O O   . HOH C 3 .   ? -7.823  -20.321 -8.208  1.00 28.73 ? 450 HOH A O   1 
HETATM 1503 O O   . HOH C 3 .   ? 3.215   17.645  -3.725  1.00 41.05 ? 451 HOH A O   1 
HETATM 1504 O O   . HOH C 3 .   ? 7.590   4.284   -15.520 1.00 31.00 ? 452 HOH A O   1 
HETATM 1505 O O   . HOH C 3 .   ? -17.984 -11.862 9.554   1.00 48.98 ? 453 HOH A O   1 
HETATM 1506 O O   . HOH C 3 .   ? 5.665   -15.824 5.808   1.00 41.25 ? 454 HOH A O   1 
HETATM 1507 O O   . HOH C 3 .   ? -6.668  4.759   -16.545 1.00 38.22 ? 455 HOH A O   1 
HETATM 1508 O O   . HOH C 3 .   ? -13.410 -8.700  7.752   1.00 49.68 ? 456 HOH A O   1 
HETATM 1509 O O   . HOH C 3 .   ? 11.082  20.263  -1.841  1.00 42.26 ? 457 HOH A O   1 
HETATM 1510 O O   . HOH C 3 .   ? -4.169  -0.851  -8.394  1.00 21.49 ? 458 HOH A O   1 
HETATM 1511 O O   . HOH C 3 .   ? -15.593 -16.479 14.157  1.00 28.80 ? 459 HOH A O   1 
HETATM 1512 O O   . HOH C 3 .   ? -12.919 -22.263 16.078  1.00 35.13 ? 460 HOH A O   1 
HETATM 1513 O O   . HOH C 3 .   ? -6.495  10.754  -11.778 1.00 33.63 ? 461 HOH A O   1 
HETATM 1514 O O   . HOH C 3 .   ? -14.720 -9.740  9.480   1.00 53.30 ? 462 HOH A O   1 
HETATM 1515 O O   . HOH C 3 .   ? -5.379  -4.345  12.922  1.00 23.20 ? 463 HOH A O   1 
HETATM 1516 O O   . HOH C 3 .   ? 2.300   -2.956  -12.757 1.00 45.37 ? 464 HOH A O   1 
HETATM 1517 O O   . HOH C 3 .   ? -13.402 -22.223 -0.640  1.00 42.46 ? 465 HOH A O   1 
HETATM 1518 O O   . HOH C 3 .   ? -13.857 -13.766 -8.979  1.00 44.59 ? 466 HOH A O   1 
HETATM 1519 O O   . HOH C 3 .   ? 12.144  -11.650 -1.674  1.00 44.36 ? 467 HOH A O   1 
HETATM 1520 O O   . HOH C 3 .   ? 7.590   -0.194  -7.292  1.00 26.95 ? 468 HOH A O   1 
HETATM 1521 O O   . HOH C 3 .   ? -4.678  -12.475 16.572  1.00 41.36 ? 469 HOH A O   1 
HETATM 1522 O O   . HOH C 3 .   ? 3.819   7.193   -14.979 1.00 24.33 ? 470 HOH A O   1 
HETATM 1523 O O   . HOH C 3 .   ? 1.872   25.337  -2.995  1.00 34.97 ? 471 HOH A O   1 
HETATM 1524 O O   . HOH C 3 .   ? 6.052   -1.201  -12.558 1.00 45.74 ? 472 HOH A O   1 
HETATM 1525 O O   . HOH C 3 .   ? -0.503  -14.068 -6.197  1.00 47.39 ? 473 HOH A O   1 
HETATM 1526 O O   . HOH C 3 .   ? -12.633 -20.158 5.317   1.00 32.34 ? 474 HOH A O   1 
HETATM 1527 O O   . HOH C 3 .   ? -3.692  -2.244  12.421  1.00 28.99 ? 475 HOH A O   1 
HETATM 1528 O O   . HOH C 3 .   ? -15.434 -6.036  -7.623  1.00 37.08 ? 476 HOH A O   1 
HETATM 1529 O O   . HOH C 3 .   ? -13.305 -11.537 18.768  1.00 37.10 ? 477 HOH A O   1 
HETATM 1530 O O   . HOH C 3 .   ? 3.152   0.625   9.004   1.00 40.49 ? 478 HOH A O   1 
HETATM 1531 O O   . HOH C 3 .   ? -17.308 -17.920 8.289   1.00 59.10 ? 479 HOH A O   1 
HETATM 1532 O O   . HOH C 3 .   ? -1.213  8.685   -14.090 1.00 24.65 ? 480 HOH A O   1 
HETATM 1533 O O   . HOH C 3 .   ? -5.232  -21.550 1.745   1.00 34.53 ? 481 HOH A O   1 
HETATM 1534 O O   . HOH C 3 .   ? -2.378  -6.090  -10.068 1.00 33.82 ? 482 HOH A O   1 
HETATM 1535 O O   . HOH C 3 .   ? 1.872   -1.351  12.817  1.00 31.81 ? 483 HOH A O   1 
HETATM 1536 O O   . HOH C 3 .   ? -1.901  -19.859 9.550   1.00 43.17 ? 484 HOH A O   1 
HETATM 1537 O O   . HOH C 3 .   ? 9.326   2.156   -13.344 1.00 36.82 ? 485 HOH A O   1 
HETATM 1538 O O   . HOH C 3 .   ? -9.531  9.583   -11.189 1.00 57.22 ? 486 HOH A O   1 
HETATM 1539 O O   . HOH C 3 .   ? -14.040 -18.076 2.918   1.00 39.63 ? 487 HOH A O   1 
HETATM 1540 O O   . HOH C 3 .   ? 7.099   -4.282  13.842  1.00 49.72 ? 488 HOH A O   1 
HETATM 1541 O O   . HOH C 3 .   ? -5.935  -4.574  -15.561 1.00 43.60 ? 489 HOH A O   1 
HETATM 1542 O O   . HOH C 3 .   ? 15.437  4.147   -9.459  1.00 47.12 ? 490 HOH A O   1 
HETATM 1543 O O   . HOH C 3 .   ? -9.587  -6.081  3.140   1.00 26.39 ? 491 HOH A O   1 
HETATM 1544 O O   . HOH C 3 .   ? 16.371  9.034   -7.578  1.00 46.52 ? 492 HOH A O   1 
HETATM 1545 O O   . HOH C 3 .   ? -5.133  -1.421  22.115  1.00 52.54 ? 493 HOH A O   1 
HETATM 1546 O O   . HOH C 3 .   ? -0.559  9.982   -21.782 1.00 49.34 ? 494 HOH A O   1 
HETATM 1547 O O   . HOH C 3 .   ? 4.896   19.554  4.485   1.00 27.06 ? 495 HOH A O   1 
HETATM 1548 O O   . HOH C 3 .   ? -8.152  -4.885  -0.510  1.00 22.78 ? 496 HOH A O   1 
HETATM 1549 O O   . HOH C 3 .   ? 5.541   -18.102 2.022   1.00 68.18 ? 497 HOH A O   1 
HETATM 1550 O O   . HOH C 3 .   ? -1.261  19.958  -8.107  1.00 39.49 ? 498 HOH A O   1 
HETATM 1551 O O   . HOH C 3 .   ? -12.659 -15.821 18.379  1.00 31.06 ? 499 HOH A O   1 
HETATM 1552 O O   . HOH C 3 .   ? -7.983  0.465   -13.997 0.50 22.29 ? 500 HOH A O   1 
HETATM 1553 O O   . HOH C 3 .   ? -11.459 -7.670  8.932   1.00 40.45 ? 501 HOH A O   1 
HETATM 1554 O O   . HOH C 3 .   ? -14.387 -12.425 7.572   1.00 33.36 ? 502 HOH A O   1 
HETATM 1555 O O   . HOH C 3 .   ? 0.322   3.274   11.281  1.00 31.32 ? 503 HOH A O   1 
HETATM 1556 O O   . HOH C 3 .   ? -5.702  -16.264 12.164  1.00 28.66 ? 504 HOH A O   1 
HETATM 1557 O O   . HOH C 3 .   ? 5.417   5.786   -12.936 1.00 27.20 ? 505 HOH A O   1 
HETATM 1558 O O   . HOH C 3 .   ? 8.400   -12.730 13.342  1.00 54.26 ? 506 HOH A O   1 
HETATM 1559 O O   . HOH C 3 .   ? 0.059   -10.811 -2.597  1.00 45.42 ? 507 HOH A O   1 
HETATM 1560 O O   . HOH C 3 .   ? 2.852   -11.354 -7.651  1.00 44.32 ? 508 HOH A O   1 
HETATM 1561 O O   . HOH C 3 .   ? 12.386  8.971   -16.104 1.00 41.85 ? 509 HOH A O   1 
HETATM 1562 O O   . HOH C 3 .   ? 2.000   -2.458  -4.659  1.00 27.87 ? 510 HOH A O   1 
HETATM 1563 O O   . HOH C 3 .   ? 8.553   -0.453  15.860  1.00 61.74 ? 511 HOH A O   1 
HETATM 1564 O O   . HOH C 3 .   ? 0.120   15.535  3.502   0.50 31.77 ? 512 HOH A O   1 
HETATM 1565 O O   . HOH C 3 .   ? -11.741 -7.889  -11.909 1.00 49.17 ? 513 HOH A O   1 
HETATM 1566 O O   . HOH C 3 .   ? 5.747   0.204   8.282   1.00 29.31 ? 514 HOH A O   1 
HETATM 1567 O O   . HOH C 3 .   ? -3.750  16.895  -15.641 1.00 35.25 ? 515 HOH A O   1 
HETATM 1568 O O   . HOH C 3 .   ? 9.896   -15.703 6.392   1.00 37.07 ? 516 HOH A O   1 
HETATM 1569 O O   . HOH C 3 .   ? 13.210  11.287  -4.343  1.00 45.11 ? 517 HOH A O   1 
HETATM 1570 O O   . HOH C 3 .   ? -0.266  -14.853 9.984   1.00 33.69 ? 518 HOH A O   1 
HETATM 1571 O O   . HOH C 3 .   ? 6.738   -7.859  12.085  1.00 51.11 ? 519 HOH A O   1 
HETATM 1572 O O   . HOH C 3 .   ? 12.419  3.254   -0.912  1.00 33.60 ? 520 HOH A O   1 
HETATM 1573 O O   . HOH C 3 .   ? 9.349   21.135  -8.845  1.00 26.25 ? 521 HOH A O   1 
HETATM 1574 O O   . HOH C 3 .   ? -11.225 -21.511 13.477  1.00 36.88 ? 522 HOH A O   1 
HETATM 1575 O O   . HOH C 3 .   ? -14.121 1.935   -5.641  1.00 57.04 ? 523 HOH A O   1 
HETATM 1576 O O   . HOH C 3 .   ? -2.700  -21.215 6.785   1.00 51.74 ? 524 HOH A O   1 
HETATM 1577 O O   . HOH C 3 .   ? -4.027  5.113   4.729   1.00 44.87 ? 525 HOH A O   1 
HETATM 1578 O O   . HOH C 3 .   ? 4.813   -9.675  12.682  1.00 48.23 ? 526 HOH A O   1 
HETATM 1579 O O   . HOH C 3 .   ? 1.617   -11.252 -0.657  1.00 40.77 ? 527 HOH A O   1 
HETATM 1580 O O   . HOH C 3 .   ? -0.111  -19.158 2.251   1.00 30.31 ? 528 HOH A O   1 
HETATM 1581 O O   . HOH C 3 .   ? -2.157  -18.242 -3.685  1.00 39.11 ? 529 HOH A O   1 
HETATM 1582 O O   . HOH C 3 .   ? -13.224 -6.423  4.359   1.00 48.25 ? 530 HOH A O   1 
HETATM 1583 O O   . HOH C 3 .   ? 16.996  -16.245 3.608   1.00 50.84 ? 531 HOH A O   1 
HETATM 1584 O O   . HOH C 3 .   ? -15.121 -10.418 4.485   1.00 47.02 ? 532 HOH A O   1 
HETATM 1585 O O   . HOH C 3 .   ? -17.264 -18.138 15.410  1.00 28.49 ? 533 HOH A O   1 
HETATM 1586 O O   . HOH C 3 .   ? -10.964 -5.127  5.193   1.00 35.34 ? 534 HOH A O   1 
HETATM 1587 O O   . HOH C 3 .   ? 8.066   -11.282 -4.029  1.00 31.61 ? 535 HOH A O   1 
HETATM 1588 O O   . HOH C 3 .   ? -6.604  -21.701 4.068   1.00 52.32 ? 536 HOH A O   1 
HETATM 1589 O O   . HOH C 3 .   ? -5.414  20.401  -6.303  1.00 42.66 ? 537 HOH A O   1 
HETATM 1590 O O   . HOH C 3 .   ? 11.735  3.637   5.229   1.00 47.28 ? 538 HOH A O   1 
HETATM 1591 O O   . HOH C 3 .   ? 5.099   3.207   -12.661 1.00 27.30 ? 539 HOH A O   1 
HETATM 1592 O O   . HOH C 3 .   ? 2.987   4.506   8.314   1.00 39.43 ? 540 HOH A O   1 
HETATM 1593 O O   . HOH C 3 .   ? 6.947   24.977  -5.524  1.00 52.36 ? 541 HOH A O   1 
HETATM 1594 O O   . HOH C 3 .   ? 19.887  -3.531  1.989   1.00 50.15 ? 542 HOH A O   1 
HETATM 1595 O O   . HOH C 3 .   ? 12.206  7.362   -14.078 1.00 53.37 ? 543 HOH A O   1 
HETATM 1596 O O   . HOH C 3 .   ? 1.162   16.911  -4.974  1.00 34.12 ? 544 HOH A O   1 
HETATM 1597 O O   . HOH C 3 .   ? 3.545   -18.082 0.200   1.00 50.25 ? 545 HOH A O   1 
HETATM 1598 O O   . HOH C 3 .   ? 13.868  6.733   -6.582  1.00 42.69 ? 546 HOH A O   1 
HETATM 1599 O O   . HOH C 3 .   ? 5.377   -12.141 11.916  1.00 43.42 ? 547 HOH A O   1 
HETATM 1600 O O   . HOH C 3 .   ? -11.247 -20.987 9.919   1.00 35.24 ? 548 HOH A O   1 
HETATM 1601 O O   . HOH C 3 .   ? -5.119  -9.092  -12.991 1.00 51.41 ? 549 HOH A O   1 
HETATM 1602 O O   . HOH C 3 .   ? -3.596  -7.252  -12.328 1.00 51.07 ? 550 HOH A O   1 
HETATM 1603 O O   . HOH C 3 .   ? -3.665  10.205  6.042   1.00 32.12 ? 551 HOH A O   1 
HETATM 1604 O O   . HOH C 3 .   ? 9.029   23.682  -6.457  1.00 41.11 ? 552 HOH A O   1 
HETATM 1605 O O   . HOH C 3 .   ? 7.856   0.168   -9.757  1.00 36.28 ? 553 HOH A O   1 
HETATM 1606 O O   . HOH C 3 .   ? 14.605  9.019   -5.310  1.00 47.13 ? 554 HOH A O   1 
HETATM 1607 O O   . HOH C 3 .   ? -7.808  4.296   13.124  1.00 64.79 ? 555 HOH A O   1 
HETATM 1608 O O   . HOH C 3 .   ? -6.503  -14.573 20.411  1.00 42.43 ? 556 HOH A O   1 
HETATM 1609 O O   . HOH C 3 .   ? -9.654  10.423  -14.259 1.00 54.29 ? 557 HOH A O   1 
HETATM 1610 O O   . HOH C 3 .   ? -2.156  19.620  -4.059  1.00 56.80 ? 558 HOH A O   1 
HETATM 1611 O O   . HOH C 3 .   ? 0.365   -15.031 19.599  1.00 70.68 ? 559 HOH A O   1 
HETATM 1612 O O   . HOH C 3 .   ? 1.684   -9.247  -10.241 1.00 44.80 ? 560 HOH A O   1 
HETATM 1613 O O   . HOH C 3 .   ? 6.914   1.546   -12.201 1.00 35.38 ? 561 HOH A O   1 
HETATM 1614 O O   . HOH C 3 .   ? -15.898 -13.079 2.818   1.00 53.70 ? 562 HOH A O   1 
HETATM 1615 O O   . HOH C 3 .   ? -13.455 7.985   -12.091 1.00 33.92 ? 563 HOH A O   1 
HETATM 1616 O O   . HOH C 3 .   ? -4.907  -16.182 19.030  1.00 45.16 ? 564 HOH A O   1 
HETATM 1617 O O   . HOH C 3 .   ? 2.002   -17.119 -1.925  1.00 48.39 ? 565 HOH A O   1 
HETATM 1618 O O   . HOH C 3 .   ? -1.217  -15.126 17.050  1.00 49.89 ? 566 HOH A O   1 
HETATM 1619 O O   . HOH C 3 .   ? 11.232  5.888   6.479   1.00 57.84 ? 567 HOH A O   1 
HETATM 1620 O O   . HOH C 3 .   ? -6.018  -22.050 -4.266  1.00 31.17 ? 568 HOH A O   1 
HETATM 1621 O O   . HOH C 3 .   ? -11.652 -21.393 -2.479  1.00 31.30 ? 569 HOH A O   1 
HETATM 1622 O O   . HOH C 3 .   ? 6.458   26.902  -15.719 1.00 41.67 ? 570 HOH A O   1 
HETATM 1623 O O   . HOH C 3 .   ? -11.166 -17.448 -7.163  1.00 29.33 ? 571 HOH A O   1 
HETATM 1624 O O   . HOH C 3 .   ? 16.270  1.346   2.900   1.00 69.11 ? 572 HOH A O   1 
HETATM 1625 O O   . HOH C 3 .   ? -1.574  -3.488  23.962  1.00 44.63 ? 573 HOH A O   1 
HETATM 1626 O O   . HOH C 3 .   ? 17.285  -11.771 0.285   1.00 61.32 ? 574 HOH A O   1 
HETATM 1627 O O   . HOH C 3 .   ? -13.937 -16.084 -4.562  1.00 48.35 ? 575 HOH A O   1 
HETATM 1628 O O   . HOH C 3 .   ? 11.915  19.737  9.756   1.00 50.10 ? 576 HOH A O   1 
HETATM 1629 O O   . HOH C 3 .   ? 2.321   0.938   11.706  1.00 42.08 ? 577 HOH A O   1 
HETATM 1630 O O   . HOH C 3 .   ? 10.791  13.148  -1.511  1.00 52.02 ? 578 HOH A O   1 
HETATM 1631 O O   . HOH C 3 .   ? 14.523  4.511   -5.168  1.00 58.08 ? 579 HOH A O   1 
HETATM 1632 O O   . HOH C 3 .   ? -2.860  -22.209 1.744   1.00 52.36 ? 580 HOH A O   1 
HETATM 1633 O O   . HOH C 3 .   ? -0.050  24.155  -13.703 1.00 49.91 ? 581 HOH A O   1 
HETATM 1634 O O   . HOH C 3 .   ? -15.626 -2.100  0.195   1.00 57.46 ? 582 HOH A O   1 
HETATM 1635 O O   . HOH C 3 .   ? -10.593 -19.789 -8.338  1.00 33.68 ? 583 HOH A O   1 
HETATM 1636 O O   . HOH C 3 .   ? 8.839   -17.797 3.088   1.00 58.40 ? 584 HOH A O   1 
HETATM 1637 O O   . HOH C 3 .   ? 7.244   6.933   -22.709 1.00 59.82 ? 585 HOH A O   1 
HETATM 1638 O O   . HOH C 3 .   ? 12.877  1.273   7.303   1.00 56.51 ? 586 HOH A O   1 
HETATM 1639 O O   . HOH C 3 .   ? 5.935   -7.050  19.296  1.00 48.98 ? 587 HOH A O   1 
HETATM 1640 O O   . HOH C 3 .   ? -14.044 16.542  -11.410 1.00 67.35 ? 588 HOH A O   1 
HETATM 1641 O O   . HOH C 3 .   ? -19.531 -17.048 15.586  1.00 41.82 ? 589 HOH A O   1 
HETATM 1642 O O   . HOH C 3 .   ? -7.270  -20.774 -10.785 1.00 37.02 ? 590 HOH A O   1 
HETATM 1643 O O   . HOH C 3 .   ? -9.987  -23.304 -3.227  1.00 33.54 ? 591 HOH A O   1 
HETATM 1644 O O   . HOH C 3 .   ? 5.148   5.500   -16.445 1.00 32.49 ? 592 HOH A O   1 
HETATM 1645 O O   . HOH C 3 .   ? 6.088   23.359  -22.184 1.00 53.04 ? 593 HOH A O   1 
HETATM 1646 O O   . HOH C 3 .   ? -3.909  -15.281 16.572  1.00 43.11 ? 594 HOH A O   1 
HETATM 1647 O O   . HOH C 3 .   ? -0.636  -17.092 -5.027  1.00 54.55 ? 595 HOH A O   1 
HETATM 1648 O O   . HOH C 3 .   ? 0.089   19.020  -6.070  1.00 39.84 ? 596 HOH A O   1 
HETATM 1649 O O   . HOH C 3 .   ? -6.081  -23.360 -0.227  1.00 45.91 ? 597 HOH A O   1 
HETATM 1650 O O   . HOH C 3 .   ? 0.856   15.912  -18.353 1.00 44.21 ? 598 HOH A O   1 
HETATM 1651 O O   . HOH C 3 .   ? 4.522   -14.084 13.178  1.00 40.77 ? 599 HOH A O   1 
HETATM 1652 O O   . HOH C 3 .   ? 4.338   -6.697  -11.472 1.00 50.98 ? 600 HOH A O   1 
HETATM 1653 O O   . HOH C 3 .   ? -7.161  -22.469 -6.716  1.00 28.10 ? 601 HOH A O   1 
HETATM 1654 O O   . HOH C 3 .   ? 10.190  25.605  -8.247  1.00 42.42 ? 602 HOH A O   1 
HETATM 1655 O O   . HOH C 3 .   ? -12.598 -19.978 -4.468  1.00 31.67 ? 603 HOH A O   1 
HETATM 1656 O O   . HOH C 3 .   ? 4.010   5.775   -21.091 1.00 50.62 ? 604 HOH A O   1 
HETATM 1657 O O   . HOH C 3 .   ? 7.066   1.835   -15.771 1.00 47.39 ? 605 HOH A O   1 
HETATM 1658 O O   . HOH C 3 .   ? 9.625   1.238   -15.795 1.00 51.87 ? 606 HOH A O   1 
HETATM 1659 O O   . HOH C 3 .   ? -16.096 -10.995 17.660  1.00 38.52 ? 607 HOH A O   1 
HETATM 1660 O O   . HOH C 3 .   ? -13.643 -16.876 -8.200  1.00 44.47 ? 608 HOH A O   1 
HETATM 1661 O O   . HOH C 3 .   ? -14.865 -15.897 17.110  1.00 33.46 ? 609 HOH A O   1 
HETATM 1662 O O   . HOH C 3 .   ? 9.219   -8.729  -15.131 1.00 67.80 ? 610 HOH A O   1 
HETATM 1663 O O   . HOH C 3 .   ? 7.537   -5.398  20.909  1.00 40.00 ? 611 HOH A O   1 
HETATM 1664 O O   . HOH C 3 .   ? 4.160   -1.737  24.662  1.00 32.76 ? 612 HOH A O   1 
HETATM 1665 O O   . HOH C 3 .   ? 6.652   0.984   21.515  1.00 52.40 ? 613 HOH A O   1 
HETATM 1666 O O   . HOH C 3 .   ? -11.900 -21.484 -6.600  1.00 33.15 ? 614 HOH A O   1 
HETATM 1667 O O   . HOH C 3 .   ? 7.984   -19.478 8.228   1.00 56.66 ? 615 HOH A O   1 
HETATM 1668 O O   . HOH C 3 .   ? -5.868  -24.295 -8.080  1.00 41.29 ? 616 HOH A O   1 
HETATM 1669 O O   . HOH C 3 .   ? 17.092  -10.115 16.001  1.00 63.90 ? 617 HOH A O   1 
HETATM 1670 O O   . HOH C 3 .   ? -14.256 -22.253 -7.204  1.00 52.92 ? 618 HOH A O   1 
# 
